data_9BNJ
#
_entry.id   9BNJ
#
_cell.length_a   113.945
_cell.length_b   118.225
_cell.length_c   152.470
_cell.angle_alpha   90.00
_cell.angle_beta   90.00
_cell.angle_gamma   90.00
#
_symmetry.space_group_name_H-M   'P 21 21 21'
#
loop_
_entity.id
_entity.type
_entity.pdbx_description
1 polymer Tryptophanase
2 non-polymer 'POTASSIUM ION'
3 non-polymer BENZIMIDAZOLE
4 non-polymer 'DIMETHYL SULFOXIDE'
5 non-polymer '2-{[(E)-{3-hydroxy-2-methyl-5-[(phosphonooxy)methyl]pyridin-4-yl}methylidene]amino}prop-2-enoic acid'
6 non-polymer 'CHLORIDE ION'
7 water water
#
_entity_poly.entity_id   1
_entity_poly.type   'polypeptide(L)'
_entity_poly.pdbx_seq_one_letter_code
;MAKRIVEPFRIKMVEKIRVPSREEREAALKEAGYNPFLLPSSAVYIDLLTDSGTNAMSDHQWAAMITGDEAYAGSRNYYD
LKDKAKELFNYDYIIPAHQGRGAENILFPVLLKYKQKEGKAKNPVFISNFHFDTTAAHVELNGCKAINIVTEKAFDSETY
DDWKGDFDIKKLKENIAQHGADNIVAIVSTVTCNSAGGQPVSMSNLKEVYEIAKQHGIFVVMDSARFCENAYFIKARDPK
YKNATIKEVIFDMYKYADALTMSAKKDPLLNIGGLVAIRDNEEIFTLARQRCVPMEGFVTYGGLAGRDMAAMVQGLEEGT
EEEYLHYRIGQVKYLGDRLREAGIPIQYPTGGHAVFVDCKKLVPQIPGDQFPAQAVINALYLESGVRAVEIGSFLLGRDP
ATGEQKHADMEFMRLTIARRVYTNDHMDYIADALIGLKEKFATLKGLEFEYEPPVLRHFTARLKPIE
;
_entity_poly.pdbx_strand_id   A,B,C,D
#
# COMPACT_ATOMS: atom_id res chain seq x y z
N ALA A 2 -1.88 -11.24 37.99
CA ALA A 2 -2.04 -11.15 36.55
C ALA A 2 -0.66 -10.96 35.92
N LYS A 3 -0.40 -11.68 34.83
CA LYS A 3 0.91 -11.70 34.20
C LYS A 3 0.82 -11.18 32.77
N ARG A 4 1.61 -10.16 32.46
CA ARG A 4 1.67 -9.62 31.12
CA ARG A 4 1.70 -9.60 31.13
C ARG A 4 2.71 -10.39 30.31
N ILE A 5 2.32 -10.80 29.11
CA ILE A 5 3.19 -11.54 28.20
C ILE A 5 3.50 -10.66 27.00
N VAL A 6 4.79 -10.53 26.67
CA VAL A 6 5.21 -9.57 25.65
C VAL A 6 4.86 -10.06 24.25
N GLU A 7 4.58 -9.10 23.37
CA GLU A 7 4.31 -9.40 21.97
C GLU A 7 5.51 -10.08 21.31
N PRO A 8 5.31 -11.20 20.58
CA PRO A 8 6.39 -11.78 19.77
C PRO A 8 6.52 -11.12 18.40
N PHE A 9 6.32 -9.82 18.39
CA PHE A 9 6.39 -9.01 17.17
C PHE A 9 6.58 -7.58 17.63
N ARG A 10 6.85 -6.72 16.68
CA ARG A 10 6.79 -5.29 16.93
C ARG A 10 5.83 -4.67 15.93
N ILE A 11 5.51 -3.41 16.18
CA ILE A 11 4.49 -2.70 15.42
C ILE A 11 5.12 -2.10 14.18
N LYS A 12 4.49 -2.32 13.04
CA LYS A 12 4.93 -1.75 11.77
C LYS A 12 3.99 -0.71 11.21
N MET A 13 2.70 -0.75 11.56
N MET A 13 2.68 -0.77 11.51
CA MET A 13 1.74 0.26 11.12
CA MET A 13 1.76 0.25 11.06
C MET A 13 0.71 0.48 12.22
C MET A 13 0.65 0.39 12.08
N VAL A 14 0.34 1.74 12.43
N VAL A 14 0.18 1.64 12.28
CA VAL A 14 -0.64 2.09 13.45
CA VAL A 14 -0.82 1.93 13.30
C VAL A 14 -1.92 2.60 12.80
C VAL A 14 -1.97 2.74 12.71
N GLU A 15 -2.99 2.59 13.60
N GLU A 15 -3.08 2.72 13.44
CA GLU A 15 -4.31 3.13 13.25
CA GLU A 15 -4.27 3.49 13.11
C GLU A 15 -4.78 3.96 14.45
C GLU A 15 -4.72 4.25 14.36
N LYS A 16 -5.14 5.22 14.19
N LYS A 16 -4.88 5.56 14.23
CA LYS A 16 -5.55 6.11 15.27
CA LYS A 16 -5.23 6.39 15.38
C LYS A 16 -6.86 5.66 15.89
C LYS A 16 -6.66 6.11 15.81
N ILE A 17 -6.99 5.84 17.22
N ILE A 17 -6.87 5.93 17.11
CA ILE A 17 -8.24 5.64 17.94
CA ILE A 17 -8.19 5.85 17.72
C ILE A 17 -8.52 6.89 18.77
C ILE A 17 -8.22 6.82 18.89
N ARG A 18 -9.79 7.06 19.13
N ARG A 18 -9.42 7.32 19.21
CA ARG A 18 -10.23 8.24 19.86
CA ARG A 18 -9.56 8.36 20.22
C ARG A 18 -11.28 7.86 20.91
C ARG A 18 -10.74 8.06 21.13
N VAL A 19 -11.27 8.59 22.02
N VAL A 19 -10.67 8.60 22.34
CA VAL A 19 -12.26 8.42 23.08
CA VAL A 19 -11.80 8.59 23.26
C VAL A 19 -13.39 9.41 22.81
C VAL A 19 -12.60 9.87 23.01
N PRO A 20 -14.58 8.96 22.43
N PRO A 20 -13.82 9.79 22.49
CA PRO A 20 -15.71 9.89 22.30
CA PRO A 20 -14.65 10.99 22.43
C PRO A 20 -16.15 10.38 23.66
C PRO A 20 -14.97 11.50 23.82
N SER A 21 -16.70 11.59 23.69
N SER A 21 -15.10 12.81 23.94
CA SER A 21 -17.14 12.18 24.94
CA SER A 21 -15.41 13.41 25.23
C SER A 21 -18.37 11.45 25.48
C SER A 21 -16.70 12.80 25.80
N ARG A 22 -18.60 11.59 26.79
N ARG A 22 -16.83 12.89 27.12
CA ARG A 22 -19.77 10.96 27.41
CA ARG A 22 -18.04 12.37 27.78
C ARG A 22 -21.05 11.39 26.69
C ARG A 22 -19.30 12.92 27.13
N GLU A 23 -21.17 12.69 26.37
N GLU A 23 -19.33 14.23 26.86
CA GLU A 23 -22.34 13.17 25.65
CA GLU A 23 -20.51 14.83 26.25
C GLU A 23 -22.47 12.47 24.30
C GLU A 23 -20.83 14.18 24.91
N GLU A 24 -21.35 12.37 23.56
N GLU A 24 -19.80 13.94 24.10
CA GLU A 24 -21.39 11.64 22.29
CA GLU A 24 -20.00 13.30 22.80
C GLU A 24 -21.87 10.20 22.50
C GLU A 24 -20.42 11.85 22.98
N ARG A 25 -21.37 9.54 23.53
N ARG A 25 -19.86 11.15 23.95
CA ARG A 25 -21.71 8.14 23.75
CA ARG A 25 -20.24 9.76 24.20
C ARG A 25 -23.18 7.98 24.11
C ARG A 25 -21.72 9.66 24.60
N GLU A 26 -23.70 8.85 24.98
N GLU A 26 -22.20 10.62 25.40
CA GLU A 26 -25.12 8.78 25.33
CA GLU A 26 -23.60 10.63 25.78
C GLU A 26 -25.98 9.05 24.10
C GLU A 26 -24.48 10.84 24.55
N ALA A 27 -25.64 10.10 23.34
N ALA A 27 -24.21 11.89 23.78
CA ALA A 27 -26.38 10.40 22.12
CA ALA A 27 -25.01 12.18 22.60
C ALA A 27 -26.32 9.22 21.15
C ALA A 27 -24.96 11.01 21.61
N ALA A 28 -25.12 8.66 20.95
N ALA A 28 -23.81 10.36 21.49
CA ALA A 28 -24.97 7.59 19.97
CA ALA A 28 -23.69 9.24 20.56
C ALA A 28 -25.74 6.34 20.36
C ALA A 28 -24.54 8.06 21.00
N LEU A 29 -25.72 5.98 21.66
N LEU A 29 -24.56 7.75 22.30
CA LEU A 29 -26.40 4.77 22.09
CA LEU A 29 -25.36 6.62 22.76
C LEU A 29 -27.91 4.93 21.95
C LEU A 29 -26.85 6.93 22.68
N LYS A 30 -28.44 6.12 22.25
N LYS A 30 -27.24 8.18 22.96
CA LYS A 30 -29.85 6.39 21.99
CA LYS A 30 -28.63 8.56 22.76
C LYS A 30 -30.17 6.24 20.51
C LYS A 30 -29.02 8.42 21.30
N GLU A 31 -29.36 6.86 19.64
N GLU A 31 -28.13 8.82 20.39
CA GLU A 31 -29.61 6.78 18.21
CA GLU A 31 -28.40 8.69 18.97
C GLU A 31 -29.54 5.35 17.71
C GLU A 31 -28.53 7.23 18.56
N ALA A 32 -28.77 4.50 18.36
N ALA A 32 -27.77 6.34 19.19
CA ALA A 32 -28.62 3.10 17.97
CA ALA A 32 -27.80 4.92 18.88
C ALA A 32 -29.68 2.20 18.61
C ALA A 32 -28.91 4.18 19.59
N GLY A 33 -30.70 2.77 19.24
N GLY A 33 -29.90 4.88 20.16
CA GLY A 33 -31.70 1.95 19.92
CA GLY A 33 -30.95 4.22 20.90
C GLY A 33 -31.13 1.07 21.01
C GLY A 33 -30.42 3.31 21.99
N TYR A 34 -30.12 1.58 21.72
N TYR A 34 -29.27 3.68 22.56
CA TYR A 34 -29.50 0.84 22.82
CA TYR A 34 -28.66 2.92 23.65
C TYR A 34 -29.02 -0.54 22.38
C TYR A 34 -28.40 1.47 23.26
N ASN A 35 -28.62 -0.64 21.12
N ASN A 35 -27.99 1.24 22.01
CA ASN A 35 -28.01 -1.87 20.59
CA ASN A 35 -27.73 -0.11 21.50
C ASN A 35 -26.64 -1.52 20.03
C ASN A 35 -26.39 -0.12 20.78
N PRO A 36 -25.54 -1.93 20.67
N PRO A 36 -25.46 -1.07 21.09
CA PRO A 36 -24.21 -1.55 20.16
CA PRO A 36 -24.12 -1.02 20.50
C PRO A 36 -23.92 -2.03 18.75
C PRO A 36 -24.01 -1.38 19.03
N PHE A 37 -24.64 -3.04 18.23
N PHE A 37 -24.63 -2.47 18.57
CA PHE A 37 -24.42 -3.45 16.86
CA PHE A 37 -24.48 -2.86 17.17
C PHE A 37 -24.74 -2.33 15.89
C PHE A 37 -24.89 -1.75 16.21
N LEU A 38 -25.56 -1.36 16.30
N LEU A 38 -25.51 -0.67 16.70
CA LEU A 38 -25.99 -0.25 15.45
CA LEU A 38 -25.97 0.43 15.87
C LEU A 38 -25.25 1.04 15.76
C LEU A 38 -25.07 1.65 15.89
N LEU A 39 -24.14 0.96 16.51
N LEU A 39 -24.10 1.71 16.80
CA LEU A 39 -23.30 2.14 16.71
CA LEU A 39 -23.21 2.85 16.86
C LEU A 39 -22.32 2.29 15.54
C LEU A 39 -22.26 2.85 15.67
N PRO A 40 -22.03 3.52 15.13
N PRO A 40 -21.90 4.02 15.14
CA PRO A 40 -20.91 3.73 14.20
CA PRO A 40 -20.82 4.08 14.16
C PRO A 40 -19.58 3.56 14.91
C PRO A 40 -19.48 3.83 14.84
N SER A 41 -18.57 3.15 14.13
CA SER A 41 -17.25 2.91 14.69
C SER A 41 -16.64 4.20 15.21
N SER A 42 -17.02 5.33 14.61
CA SER A 42 -16.54 6.63 15.07
C SER A 42 -16.98 6.95 16.49
N ALA A 43 -18.00 6.28 17.01
CA ALA A 43 -18.45 6.50 18.38
C ALA A 43 -17.83 5.52 19.36
N VAL A 44 -16.81 4.77 18.94
CA VAL A 44 -16.23 3.70 19.75
C VAL A 44 -14.75 3.95 19.91
N TYR A 45 -14.26 3.74 21.13
CA TYR A 45 -12.84 3.90 21.43
C TYR A 45 -12.09 2.59 21.23
N ILE A 46 -12.28 1.63 22.13
CA ILE A 46 -11.75 0.28 22.00
C ILE A 46 -12.94 -0.59 21.63
N ASP A 47 -12.83 -1.33 20.54
CA ASP A 47 -13.95 -2.08 20.00
C ASP A 47 -13.76 -3.56 20.33
N LEU A 48 -14.58 -4.06 21.25
CA LEU A 48 -14.55 -5.46 21.66
C LEU A 48 -15.81 -6.20 21.24
N LEU A 49 -16.50 -5.71 20.20
CA LEU A 49 -17.69 -6.40 19.71
C LEU A 49 -17.36 -7.81 19.24
N THR A 50 -16.24 -7.98 18.54
CA THR A 50 -15.89 -9.26 17.96
C THR A 50 -14.40 -9.35 17.71
N ASP A 51 -13.91 -10.59 17.69
CA ASP A 51 -12.59 -10.91 17.17
C ASP A 51 -12.62 -11.33 15.71
N SER A 52 -13.74 -11.10 15.04
CA SER A 52 -13.94 -11.57 13.67
C SER A 52 -13.64 -10.45 12.69
N GLY A 53 -12.55 -10.62 11.93
CA GLY A 53 -12.27 -9.75 10.81
C GLY A 53 -11.61 -8.44 11.18
N THR A 54 -11.28 -8.25 12.46
CA THR A 54 -10.71 -7.02 12.98
C THR A 54 -9.23 -7.18 13.30
N ASN A 55 -8.64 -8.32 12.95
CA ASN A 55 -7.25 -8.63 13.27
C ASN A 55 -6.28 -7.74 12.51
N ALA A 56 -5.07 -7.60 13.08
CA ALA A 56 -3.95 -6.97 12.38
C ALA A 56 -3.16 -8.03 11.63
N MET A 57 -2.96 -7.81 10.35
CA MET A 57 -2.14 -8.69 9.54
C MET A 57 -0.66 -8.34 9.67
N SER A 58 0.19 -9.25 9.21
CA SER A 58 1.62 -9.02 9.17
C SER A 58 2.05 -8.37 7.86
N ASP A 59 3.30 -7.89 7.85
CA ASP A 59 3.89 -7.41 6.59
C ASP A 59 3.92 -8.52 5.54
N HIS A 60 4.17 -9.77 5.95
CA HIS A 60 4.16 -10.87 4.99
C HIS A 60 2.76 -11.09 4.42
N GLN A 61 1.71 -10.93 5.23
CA GLN A 61 0.37 -11.05 4.68
C GLN A 61 0.07 -9.93 3.69
N TRP A 62 0.44 -8.68 4.00
CA TRP A 62 0.20 -7.62 3.04
C TRP A 62 1.03 -7.82 1.76
N ALA A 63 2.26 -8.31 1.90
CA ALA A 63 3.06 -8.59 0.71
C ALA A 63 2.39 -9.63 -0.16
N ALA A 64 1.84 -10.67 0.47
CA ALA A 64 1.12 -11.70 -0.28
C ALA A 64 -0.08 -11.11 -1.02
N MET A 65 -0.81 -10.19 -0.37
CA MET A 65 -1.93 -9.53 -1.04
CA MET A 65 -1.92 -9.56 -1.05
C MET A 65 -1.46 -8.81 -2.30
N ILE A 66 -0.36 -8.07 -2.20
CA ILE A 66 0.11 -7.26 -3.33
C ILE A 66 0.44 -8.11 -4.56
N THR A 67 0.90 -9.35 -4.38
CA THR A 67 1.20 -10.22 -5.51
C THR A 67 0.08 -11.23 -5.77
N GLY A 68 -1.08 -11.04 -5.15
CA GLY A 68 -2.18 -11.97 -5.36
C GLY A 68 -2.64 -12.01 -6.81
N ASP A 69 -3.11 -13.19 -7.21
CA ASP A 69 -3.54 -13.48 -8.58
C ASP A 69 -5.06 -13.39 -8.64
N GLU A 70 -5.57 -12.38 -9.35
CA GLU A 70 -7.01 -12.10 -9.40
C GLU A 70 -7.73 -12.87 -10.49
N ALA A 71 -7.08 -13.86 -11.09
CA ALA A 71 -7.70 -14.65 -12.14
C ALA A 71 -9.04 -15.22 -11.70
N TYR A 72 -10.01 -15.19 -12.61
CA TYR A 72 -11.34 -15.72 -12.29
C TYR A 72 -11.29 -17.24 -12.13
N ALA A 73 -10.48 -17.90 -12.96
CA ALA A 73 -10.38 -19.36 -12.94
C ALA A 73 -8.91 -19.73 -12.85
N GLY A 74 -8.58 -20.56 -11.85
CA GLY A 74 -7.24 -21.09 -11.72
C GLY A 74 -6.21 -20.18 -11.09
N SER A 75 -6.61 -19.30 -10.19
CA SER A 75 -5.67 -18.44 -9.48
C SER A 75 -4.57 -19.25 -8.81
N ARG A 76 -3.33 -18.76 -8.94
CA ARG A 76 -2.20 -19.32 -8.20
CA ARG A 76 -2.22 -19.36 -8.22
C ARG A 76 -2.54 -19.54 -6.74
N ASN A 77 -3.22 -18.58 -6.13
CA ASN A 77 -3.45 -18.63 -4.69
C ASN A 77 -4.48 -19.68 -4.32
N TYR A 78 -5.38 -20.05 -5.24
CA TYR A 78 -6.27 -21.17 -4.99
C TYR A 78 -5.48 -22.45 -4.79
N TYR A 79 -4.53 -22.73 -5.69
CA TYR A 79 -3.72 -23.94 -5.55
C TYR A 79 -2.86 -23.89 -4.30
N ASP A 80 -2.32 -22.72 -3.95
CA ASP A 80 -1.56 -22.61 -2.70
C ASP A 80 -2.45 -22.92 -1.50
N LEU A 81 -3.70 -22.45 -1.52
CA LEU A 81 -4.61 -22.70 -0.42
C LEU A 81 -4.97 -24.17 -0.35
N LYS A 82 -5.20 -24.80 -1.50
CA LYS A 82 -5.46 -26.24 -1.53
C LYS A 82 -4.30 -27.00 -0.91
N ASP A 83 -3.07 -26.62 -1.26
CA ASP A 83 -1.90 -27.28 -0.70
C ASP A 83 -1.81 -27.05 0.80
N LYS A 84 -2.14 -25.84 1.26
CA LYS A 84 -2.07 -25.53 2.68
C LYS A 84 -3.07 -26.37 3.48
N ALA A 85 -4.28 -26.55 2.95
CA ALA A 85 -5.27 -27.38 3.63
C ALA A 85 -4.81 -28.82 3.71
N LYS A 86 -4.13 -29.31 2.66
CA LYS A 86 -3.58 -30.66 2.72
C LYS A 86 -2.49 -30.76 3.78
N GLU A 87 -1.63 -29.74 3.86
CA GLU A 87 -0.56 -29.73 4.85
C GLU A 87 -1.13 -29.76 6.27
N LEU A 88 -2.05 -28.86 6.58
CA LEU A 88 -2.49 -28.67 7.95
C LEU A 88 -3.48 -29.74 8.40
N PHE A 89 -4.45 -30.08 7.53
CA PHE A 89 -5.54 -30.94 7.92
C PHE A 89 -5.49 -32.33 7.30
N ASN A 90 -4.65 -32.54 6.28
CA ASN A 90 -4.62 -33.75 5.47
C ASN A 90 -5.88 -33.94 4.65
N TYR A 91 -6.59 -32.85 4.35
CA TYR A 91 -7.81 -32.91 3.56
C TYR A 91 -7.51 -32.61 2.08
N ASP A 92 -8.16 -33.35 1.20
CA ASP A 92 -7.80 -33.37 -0.21
C ASP A 92 -8.61 -32.38 -1.06
N TYR A 93 -9.66 -31.78 -0.52
CA TYR A 93 -10.56 -30.95 -1.31
C TYR A 93 -10.84 -29.65 -0.58
N ILE A 94 -10.81 -28.52 -1.30
CA ILE A 94 -11.19 -27.24 -0.73
C ILE A 94 -12.18 -26.51 -1.61
N ILE A 95 -13.01 -25.69 -0.96
CA ILE A 95 -13.81 -24.68 -1.63
C ILE A 95 -13.65 -23.38 -0.84
N PRO A 96 -13.04 -22.34 -1.39
CA PRO A 96 -13.03 -21.06 -0.67
C PRO A 96 -14.44 -20.52 -0.54
N ALA A 97 -14.66 -19.72 0.51
CA ALA A 97 -15.92 -19.01 0.71
C ALA A 97 -15.59 -17.61 1.21
N HIS A 98 -16.55 -16.69 1.09
CA HIS A 98 -16.18 -15.32 1.46
C HIS A 98 -16.03 -15.17 2.97
N GLN A 99 -16.75 -15.96 3.76
CA GLN A 99 -16.52 -16.03 5.21
C GLN A 99 -17.24 -17.26 5.75
N GLY A 100 -17.27 -17.40 7.08
CA GLY A 100 -17.66 -18.67 7.68
C GLY A 100 -19.10 -19.05 7.39
N ARG A 101 -20.01 -18.09 7.47
CA ARG A 101 -21.41 -18.40 7.21
C ARG A 101 -21.66 -18.65 5.72
N GLY A 102 -20.78 -18.17 4.83
CA GLY A 102 -20.82 -18.62 3.45
C GLY A 102 -20.43 -20.08 3.33
N ALA A 103 -19.41 -20.50 4.08
CA ALA A 103 -19.02 -21.91 4.10
C ALA A 103 -20.16 -22.78 4.60
N GLU A 104 -20.87 -22.31 5.63
CA GLU A 104 -22.02 -23.04 6.15
C GLU A 104 -23.14 -23.11 5.11
N ASN A 105 -23.35 -22.01 4.38
CA ASN A 105 -24.40 -22.01 3.38
C ASN A 105 -24.07 -22.94 2.22
N ILE A 106 -22.79 -23.13 1.91
CA ILE A 106 -22.39 -24.07 0.88
C ILE A 106 -22.63 -25.50 1.34
N LEU A 107 -22.22 -25.83 2.56
CA LEU A 107 -22.10 -27.22 2.94
C LEU A 107 -23.36 -27.79 3.59
N PHE A 108 -24.01 -27.03 4.47
CA PHE A 108 -25.09 -27.63 5.25
C PHE A 108 -26.26 -28.08 4.38
N PRO A 109 -26.75 -27.29 3.41
CA PRO A 109 -27.85 -27.80 2.57
C PRO A 109 -27.45 -29.05 1.80
N VAL A 110 -26.20 -29.12 1.37
CA VAL A 110 -25.71 -30.31 0.68
C VAL A 110 -25.76 -31.53 1.58
N LEU A 111 -25.32 -31.37 2.83
CA LEU A 111 -25.36 -32.49 3.76
C LEU A 111 -26.78 -32.93 4.02
N LEU A 112 -27.71 -31.98 4.13
CA LEU A 112 -29.11 -32.35 4.34
C LEU A 112 -29.65 -33.18 3.19
N LYS A 113 -29.49 -32.70 1.95
CA LYS A 113 -30.03 -33.42 0.80
C LYS A 113 -29.34 -34.77 0.64
N TYR A 114 -28.05 -34.83 0.96
CA TYR A 114 -27.34 -36.10 0.94
C TYR A 114 -27.97 -37.09 1.92
N LYS A 115 -28.29 -36.62 3.13
CA LYS A 115 -28.88 -37.49 4.14
C LYS A 115 -30.27 -37.93 3.75
N GLN A 116 -31.01 -37.09 3.03
CA GLN A 116 -32.37 -37.39 2.64
C GLN A 116 -32.46 -38.44 1.55
N LYS A 117 -31.34 -38.84 0.96
CA LYS A 117 -31.36 -39.99 0.06
C LYS A 117 -31.90 -41.20 0.82
N GLU A 118 -32.61 -42.06 0.09
CA GLU A 118 -33.24 -43.27 0.63
C GLU A 118 -34.51 -42.93 1.40
N GLY A 119 -34.99 -41.69 1.36
CA GLY A 119 -36.24 -41.33 1.99
C GLY A 119 -36.19 -41.22 3.49
N LYS A 120 -35.01 -41.16 4.08
CA LYS A 120 -34.86 -41.05 5.53
C LYS A 120 -34.64 -39.59 5.91
N ALA A 121 -34.34 -39.36 7.19
CA ALA A 121 -34.09 -38.01 7.71
C ALA A 121 -35.33 -37.14 7.60
N LYS A 122 -36.49 -37.73 7.90
CA LYS A 122 -37.76 -37.00 7.92
C LYS A 122 -37.87 -36.03 9.08
N ASN A 123 -37.07 -36.23 10.13
CA ASN A 123 -37.03 -35.34 11.29
C ASN A 123 -35.57 -34.94 11.51
N PRO A 124 -35.01 -34.13 10.60
CA PRO A 124 -33.56 -33.97 10.57
C PRO A 124 -33.06 -33.04 11.67
N VAL A 125 -31.88 -33.37 12.19
CA VAL A 125 -31.23 -32.57 13.22
C VAL A 125 -29.72 -32.54 12.97
N PHE A 126 -29.10 -31.48 13.45
CA PHE A 126 -27.65 -31.36 13.63
C PHE A 126 -27.38 -31.39 15.14
N ILE A 127 -26.25 -31.99 15.54
CA ILE A 127 -25.83 -32.05 16.93
C ILE A 127 -24.45 -31.44 17.04
N SER A 128 -24.26 -30.59 18.06
CA SER A 128 -22.99 -29.90 18.26
C SER A 128 -22.72 -29.81 19.75
N ASN A 129 -21.44 -29.70 20.11
CA ASN A 129 -21.15 -29.27 21.47
C ASN A 129 -21.81 -27.91 21.73
N PHE A 130 -21.72 -27.00 20.76
CA PHE A 130 -22.57 -25.82 20.74
C PHE A 130 -22.51 -25.12 19.38
N HIS A 131 -23.65 -25.06 18.70
CA HIS A 131 -23.73 -24.35 17.43
C HIS A 131 -23.62 -22.85 17.67
N PHE A 132 -22.72 -22.18 16.95
CA PHE A 132 -22.77 -20.74 17.08
CA PHE A 132 -22.69 -20.73 16.92
C PHE A 132 -23.98 -20.20 16.30
N ASP A 133 -24.20 -18.89 16.37
N ASP A 133 -24.23 -18.90 16.47
CA ASP A 133 -25.49 -18.34 16.00
CA ASP A 133 -25.47 -18.31 16.00
C ASP A 133 -25.76 -18.47 14.51
C ASP A 133 -25.72 -18.56 14.51
N THR A 134 -24.76 -18.18 13.65
CA THR A 134 -24.97 -18.35 12.22
C THR A 134 -25.11 -19.82 11.87
N THR A 135 -24.35 -20.67 12.55
CA THR A 135 -24.40 -22.10 12.32
C THR A 135 -25.79 -22.64 12.59
N ALA A 136 -26.35 -22.30 13.77
CA ALA A 136 -27.70 -22.74 14.10
C ALA A 136 -28.70 -22.14 13.14
N ALA A 137 -28.48 -20.89 12.70
CA ALA A 137 -29.44 -20.28 11.79
C ALA A 137 -29.50 -21.04 10.46
N HIS A 138 -28.35 -21.47 9.95
CA HIS A 138 -28.37 -22.22 8.71
C HIS A 138 -28.98 -23.60 8.91
N VAL A 139 -28.71 -24.23 10.06
CA VAL A 139 -29.39 -25.48 10.38
C VAL A 139 -30.90 -25.31 10.32
N GLU A 140 -31.41 -24.26 10.95
CA GLU A 140 -32.85 -24.05 11.04
C GLU A 140 -33.44 -23.53 9.74
N LEU A 141 -32.68 -22.74 8.98
CA LEU A 141 -33.16 -22.28 7.69
C LEU A 141 -33.40 -23.44 6.73
N ASN A 142 -32.70 -24.56 6.93
CA ASN A 142 -32.84 -25.74 6.11
C ASN A 142 -33.79 -26.77 6.74
N GLY A 143 -34.62 -26.35 7.68
CA GLY A 143 -35.66 -27.21 8.22
C GLY A 143 -35.22 -28.17 9.30
N CYS A 144 -34.04 -27.98 9.86
CA CYS A 144 -33.47 -28.91 10.83
C CYS A 144 -33.45 -28.27 12.22
N LYS A 145 -33.40 -29.12 13.23
CA LYS A 145 -33.20 -28.67 14.60
C LYS A 145 -31.72 -28.67 14.94
N ALA A 146 -31.29 -27.64 15.67
CA ALA A 146 -29.90 -27.48 16.09
C ALA A 146 -29.81 -27.84 17.56
N ILE A 147 -29.22 -28.98 17.87
CA ILE A 147 -29.16 -29.51 19.23
C ILE A 147 -27.76 -29.23 19.78
N ASN A 148 -27.70 -28.68 21.00
CA ASN A 148 -26.44 -28.35 21.65
C ASN A 148 -26.28 -29.21 22.90
N ILE A 149 -25.12 -29.85 23.05
CA ILE A 149 -24.91 -30.76 24.17
C ILE A 149 -23.54 -30.56 24.81
N VAL A 150 -23.21 -29.32 25.17
CA VAL A 150 -21.93 -29.05 25.82
C VAL A 150 -21.91 -29.63 27.23
N THR A 151 -20.71 -29.95 27.70
CA THR A 151 -20.52 -30.47 29.05
C THR A 151 -21.14 -29.52 30.08
N GLU A 152 -21.80 -30.11 31.08
CA GLU A 152 -22.38 -29.33 32.16
CA GLU A 152 -22.38 -29.33 32.16
C GLU A 152 -21.35 -28.52 32.91
N LYS A 153 -20.07 -28.92 32.83
CA LYS A 153 -19.02 -28.15 33.51
C LYS A 153 -18.94 -26.74 32.97
N ALA A 154 -19.41 -26.49 31.75
CA ALA A 154 -19.40 -25.15 31.20
C ALA A 154 -20.35 -24.21 31.93
N PHE A 155 -21.36 -24.75 32.62
CA PHE A 155 -22.37 -23.94 33.28
C PHE A 155 -21.97 -23.51 34.69
N ASP A 156 -20.83 -23.95 35.19
CA ASP A 156 -20.31 -23.52 36.49
C ASP A 156 -19.15 -22.57 36.21
N SER A 157 -19.45 -21.27 36.10
CA SER A 157 -18.48 -20.30 35.59
C SER A 157 -17.21 -20.26 36.42
N GLU A 158 -17.32 -20.18 37.74
CA GLU A 158 -16.14 -19.92 38.55
C GLU A 158 -15.30 -21.17 38.77
N THR A 159 -15.85 -22.36 38.55
CA THR A 159 -15.16 -23.60 38.84
C THR A 159 -14.30 -23.99 37.66
N TYR A 160 -12.99 -24.08 37.88
CA TYR A 160 -12.06 -24.41 36.81
C TYR A 160 -12.34 -25.78 36.24
N ASP A 161 -12.19 -25.90 34.91
CA ASP A 161 -12.13 -27.19 34.25
C ASP A 161 -11.27 -27.05 33.00
N ASP A 162 -10.52 -28.11 32.69
CA ASP A 162 -9.62 -28.09 31.54
C ASP A 162 -10.35 -27.98 30.21
N TRP A 163 -11.56 -28.50 30.10
CA TRP A 163 -12.18 -28.73 28.80
C TRP A 163 -13.65 -28.32 28.82
N LYS A 164 -13.91 -27.05 29.07
CA LYS A 164 -15.30 -26.61 29.15
C LYS A 164 -16.01 -26.57 27.80
N GLY A 165 -15.32 -26.86 26.70
CA GLY A 165 -15.99 -26.97 25.41
C GLY A 165 -16.42 -28.37 25.00
N ASP A 166 -16.07 -29.38 25.79
CA ASP A 166 -16.33 -30.77 25.42
C ASP A 166 -17.80 -31.04 25.13
N PHE A 167 -18.04 -31.98 24.22
CA PHE A 167 -19.31 -32.66 24.12
C PHE A 167 -19.62 -33.40 25.42
N ASP A 168 -20.89 -33.38 25.83
CA ASP A 168 -21.41 -34.33 26.80
C ASP A 168 -21.67 -35.65 26.08
N ILE A 169 -20.80 -36.64 26.31
CA ILE A 169 -20.87 -37.89 25.56
C ILE A 169 -22.15 -38.65 25.87
N LYS A 170 -22.57 -38.67 27.14
CA LYS A 170 -23.83 -39.31 27.50
C LYS A 170 -24.98 -38.72 26.71
N LYS A 171 -25.02 -37.40 26.56
CA LYS A 171 -26.08 -36.75 25.80
CA LYS A 171 -26.09 -36.78 25.80
C LYS A 171 -25.96 -37.08 24.31
N LEU A 172 -24.73 -37.20 23.79
CA LEU A 172 -24.57 -37.58 22.40
C LEU A 172 -25.21 -38.93 22.14
N LYS A 173 -24.90 -39.92 22.98
CA LYS A 173 -25.49 -41.24 22.80
C LYS A 173 -27.00 -41.21 22.98
N GLU A 174 -27.49 -40.45 23.98
CA GLU A 174 -28.93 -40.35 24.19
C GLU A 174 -29.63 -39.75 22.97
N ASN A 175 -29.04 -38.72 22.37
CA ASN A 175 -29.67 -38.07 21.22
C ASN A 175 -29.64 -38.99 20.00
N ILE A 176 -28.57 -39.76 19.82
CA ILE A 176 -28.55 -40.71 18.72
C ILE A 176 -29.67 -41.75 18.90
N ALA A 177 -29.85 -42.23 20.13
CA ALA A 177 -30.90 -43.22 20.38
C ALA A 177 -32.28 -42.61 20.22
N GLN A 178 -32.46 -41.35 20.62
CA GLN A 178 -33.77 -40.72 20.55
C GLN A 178 -34.15 -40.40 19.10
N HIS A 179 -33.26 -39.71 18.39
CA HIS A 179 -33.57 -39.27 17.04
C HIS A 179 -33.30 -40.32 15.97
N GLY A 180 -32.37 -41.24 16.24
CA GLY A 180 -31.93 -42.20 15.24
C GLY A 180 -30.85 -41.63 14.35
N ALA A 181 -29.84 -42.44 14.03
CA ALA A 181 -28.75 -41.95 13.20
C ALA A 181 -29.24 -41.44 11.85
N ASP A 182 -30.28 -42.05 11.30
CA ASP A 182 -30.78 -41.65 9.98
C ASP A 182 -31.37 -40.25 9.98
N ASN A 183 -31.64 -39.67 11.15
CA ASN A 183 -32.12 -38.30 11.26
C ASN A 183 -31.02 -37.29 11.57
N ILE A 184 -29.81 -37.75 11.90
CA ILE A 184 -28.71 -36.86 12.29
CA ILE A 184 -28.73 -36.85 12.29
C ILE A 184 -27.96 -36.49 11.02
N VAL A 185 -28.23 -35.30 10.49
CA VAL A 185 -27.57 -34.86 9.25
C VAL A 185 -26.07 -34.80 9.45
N ALA A 186 -25.63 -34.19 10.55
CA ALA A 186 -24.21 -34.10 10.85
C ALA A 186 -24.03 -33.80 12.32
N ILE A 187 -22.85 -34.14 12.81
CA ILE A 187 -22.33 -33.66 14.09
C ILE A 187 -21.35 -32.54 13.77
N VAL A 188 -21.48 -31.42 14.48
CA VAL A 188 -20.62 -30.26 14.29
C VAL A 188 -19.78 -30.10 15.55
N SER A 189 -18.47 -30.30 15.38
CA SER A 189 -17.52 -30.13 16.49
C SER A 189 -16.98 -28.71 16.41
N THR A 190 -17.38 -27.86 17.35
CA THR A 190 -16.99 -26.45 17.32
C THR A 190 -15.76 -26.24 18.19
N VAL A 191 -14.66 -25.82 17.57
CA VAL A 191 -13.36 -25.70 18.25
C VAL A 191 -12.77 -24.32 18.02
N THR A 192 -12.38 -23.63 19.09
CA THR A 192 -12.89 -23.80 20.44
C THR A 192 -14.40 -23.66 20.43
N CYS A 193 -15.03 -23.92 21.56
CA CYS A 193 -16.49 -23.79 21.66
C CYS A 193 -16.81 -22.35 22.00
N ASN A 194 -17.11 -21.57 20.97
CA ASN A 194 -17.31 -20.13 21.12
C ASN A 194 -18.42 -19.82 22.12
N SER A 195 -19.57 -20.48 21.95
CA SER A 195 -20.71 -20.17 22.80
C SER A 195 -20.46 -20.50 24.27
N ALA A 196 -19.59 -21.48 24.55
CA ALA A 196 -19.28 -21.81 25.94
C ALA A 196 -18.25 -20.88 26.55
N GLY A 197 -17.71 -19.93 25.79
CA GLY A 197 -16.70 -19.02 26.31
C GLY A 197 -15.34 -19.15 25.64
N GLY A 198 -15.31 -19.57 24.38
CA GLY A 198 -14.05 -19.88 23.74
C GLY A 198 -13.31 -21.00 24.42
N GLN A 199 -14.04 -21.99 24.94
CA GLN A 199 -13.45 -23.05 25.76
C GLN A 199 -13.07 -24.25 24.90
N PRO A 200 -11.93 -24.86 25.20
CA PRO A 200 -11.41 -25.92 24.33
C PRO A 200 -12.15 -27.24 24.46
N VAL A 201 -12.07 -27.99 23.37
CA VAL A 201 -12.49 -29.38 23.28
C VAL A 201 -11.24 -30.24 23.32
N SER A 202 -11.21 -31.24 24.18
CA SER A 202 -10.03 -32.08 24.31
C SER A 202 -9.88 -32.98 23.09
N MET A 203 -8.66 -33.46 22.88
CA MET A 203 -8.42 -34.41 21.79
C MET A 203 -9.18 -35.72 22.05
N SER A 204 -9.20 -36.19 23.30
CA SER A 204 -9.91 -37.43 23.58
CA SER A 204 -9.92 -37.42 23.61
C SER A 204 -11.41 -37.26 23.34
N ASN A 205 -11.96 -36.07 23.60
CA ASN A 205 -13.38 -35.82 23.36
C ASN A 205 -13.68 -35.79 21.86
N LEU A 206 -12.87 -35.07 21.07
CA LEU A 206 -13.05 -35.08 19.62
C LEU A 206 -12.98 -36.49 19.08
N LYS A 207 -12.03 -37.28 19.57
CA LYS A 207 -11.83 -38.64 19.11
C LYS A 207 -13.03 -39.52 19.43
N GLU A 208 -13.50 -39.46 20.68
CA GLU A 208 -14.63 -40.31 21.05
C GLU A 208 -15.88 -39.94 20.29
N VAL A 209 -16.11 -38.63 20.10
CA VAL A 209 -17.26 -38.18 19.32
C VAL A 209 -17.19 -38.72 17.90
N TYR A 210 -16.00 -38.67 17.30
CA TYR A 210 -15.86 -39.14 15.94
C TYR A 210 -16.02 -40.66 15.85
N GLU A 211 -15.48 -41.39 16.83
CA GLU A 211 -15.64 -42.85 16.82
C GLU A 211 -17.11 -43.23 16.94
N ILE A 212 -17.86 -42.53 17.79
CA ILE A 212 -19.30 -42.78 17.91
C ILE A 212 -20.01 -42.45 16.61
N ALA A 213 -19.67 -41.30 16.01
CA ALA A 213 -20.28 -40.90 14.75
C ALA A 213 -20.04 -41.95 13.67
N LYS A 214 -18.80 -42.46 13.56
CA LYS A 214 -18.51 -43.45 12.53
C LYS A 214 -19.23 -44.77 12.80
N GLN A 215 -19.38 -45.15 14.07
CA GLN A 215 -20.18 -46.32 14.40
C GLN A 215 -21.54 -46.25 13.71
N HIS A 216 -22.14 -45.06 13.68
CA HIS A 216 -23.50 -44.85 13.24
C HIS A 216 -23.60 -44.27 11.84
N GLY A 217 -22.48 -44.08 11.16
CA GLY A 217 -22.48 -43.52 9.81
C GLY A 217 -22.85 -42.06 9.75
N ILE A 218 -22.55 -41.30 10.80
CA ILE A 218 -22.89 -39.87 10.86
C ILE A 218 -21.67 -39.08 10.41
N PHE A 219 -21.90 -38.14 9.49
CA PHE A 219 -20.87 -37.21 9.01
C PHE A 219 -20.52 -36.18 10.07
N VAL A 220 -19.22 -35.90 10.23
CA VAL A 220 -18.74 -34.95 11.25
C VAL A 220 -18.07 -33.77 10.57
N VAL A 221 -18.53 -32.57 10.90
CA VAL A 221 -17.97 -31.31 10.42
C VAL A 221 -17.28 -30.61 11.59
N MET A 222 -16.04 -30.18 11.37
CA MET A 222 -15.33 -29.37 12.36
C MET A 222 -15.53 -27.89 12.04
N ASP A 223 -16.27 -27.18 12.90
CA ASP A 223 -16.39 -25.72 12.80
C ASP A 223 -15.09 -25.16 13.35
N SER A 224 -14.29 -24.55 12.48
CA SER A 224 -12.85 -24.42 12.69
C SER A 224 -12.37 -22.98 12.84
N ALA A 225 -13.28 -22.04 13.10
CA ALA A 225 -12.86 -20.64 13.20
C ALA A 225 -11.68 -20.46 14.16
N ARG A 226 -11.71 -21.13 15.32
CA ARG A 226 -10.67 -20.94 16.31
C ARG A 226 -9.95 -22.26 16.60
N PHE A 227 -9.59 -22.96 15.54
CA PHE A 227 -8.94 -24.26 15.66
C PHE A 227 -7.52 -24.17 16.24
N CYS A 228 -6.80 -23.07 15.99
CA CYS A 228 -5.44 -22.94 16.51
C CYS A 228 -5.47 -22.65 18.01
N GLU A 229 -6.42 -21.83 18.45
CA GLU A 229 -6.59 -21.64 19.90
C GLU A 229 -6.94 -22.96 20.58
N ASN A 230 -7.78 -23.78 19.94
CA ASN A 230 -8.08 -25.08 20.53
C ASN A 230 -6.82 -25.95 20.59
N ALA A 231 -6.03 -25.97 19.51
CA ALA A 231 -4.81 -26.78 19.51
C ALA A 231 -3.84 -26.32 20.59
N TYR A 232 -3.73 -25.01 20.81
CA TYR A 232 -2.87 -24.52 21.87
C TYR A 232 -3.30 -25.06 23.24
N PHE A 233 -4.61 -25.02 23.51
CA PHE A 233 -5.09 -25.53 24.79
C PHE A 233 -4.83 -27.01 24.94
N ILE A 234 -4.91 -27.77 23.84
CA ILE A 234 -4.60 -29.20 23.90
C ILE A 234 -3.13 -29.41 24.26
N LYS A 235 -2.23 -28.66 23.61
CA LYS A 235 -0.83 -28.78 23.97
C LYS A 235 -0.58 -28.38 25.42
N ALA A 236 -1.31 -27.36 25.90
CA ALA A 236 -1.05 -26.84 27.24
C ALA A 236 -1.58 -27.76 28.34
N ARG A 237 -2.67 -28.48 28.08
CA ARG A 237 -3.42 -29.17 29.12
C ARG A 237 -3.47 -30.69 28.98
N ASP A 238 -3.14 -31.25 27.81
CA ASP A 238 -3.14 -32.70 27.64
C ASP A 238 -1.71 -33.20 27.68
N PRO A 239 -1.30 -33.95 28.70
CA PRO A 239 0.13 -34.34 28.78
C PRO A 239 0.57 -35.16 27.58
N LYS A 240 -0.33 -35.83 26.88
CA LYS A 240 0.07 -36.59 25.71
C LYS A 240 0.72 -35.70 24.66
N TYR A 241 0.32 -34.43 24.58
CA TYR A 241 0.81 -33.52 23.55
C TYR A 241 1.80 -32.50 24.09
N LYS A 242 2.32 -32.73 25.29
CA LYS A 242 3.20 -31.75 25.93
C LYS A 242 4.37 -31.36 25.04
N ASN A 243 4.90 -32.31 24.26
CA ASN A 243 6.07 -32.06 23.43
C ASN A 243 5.77 -32.12 21.94
N ALA A 244 4.50 -32.04 21.55
CA ALA A 244 4.11 -31.97 20.16
C ALA A 244 4.12 -30.52 19.67
N THR A 245 4.31 -30.35 18.37
CA THR A 245 4.17 -29.03 17.77
C THR A 245 2.68 -28.70 17.64
N ILE A 246 2.38 -27.41 17.50
CA ILE A 246 0.99 -27.01 17.29
C ILE A 246 0.45 -27.66 16.03
N LYS A 247 1.26 -27.72 14.95
CA LYS A 247 0.78 -28.36 13.73
C LYS A 247 0.53 -29.85 13.92
N GLU A 248 1.34 -30.53 14.74
CA GLU A 248 1.09 -31.93 15.05
C GLU A 248 -0.23 -32.10 15.78
N VAL A 249 -0.57 -31.19 16.70
CA VAL A 249 -1.85 -31.25 17.39
C VAL A 249 -2.98 -31.07 16.38
N ILE A 250 -2.86 -30.06 15.52
CA ILE A 250 -3.88 -29.77 14.52
C ILE A 250 -4.09 -30.99 13.62
N PHE A 251 -2.99 -31.58 13.16
CA PHE A 251 -3.10 -32.75 12.28
C PHE A 251 -3.91 -33.86 12.95
N ASP A 252 -3.69 -34.08 14.24
CA ASP A 252 -4.45 -35.11 14.95
C ASP A 252 -5.91 -34.71 15.11
N MET A 253 -6.18 -33.45 15.47
CA MET A 253 -7.57 -33.01 15.59
C MET A 253 -8.38 -33.38 14.36
N TYR A 254 -7.84 -33.13 13.17
CA TYR A 254 -8.63 -33.31 11.95
C TYR A 254 -8.71 -34.75 11.50
N LYS A 255 -8.07 -35.69 12.22
CA LYS A 255 -8.41 -37.10 12.05
C LYS A 255 -9.83 -37.39 12.51
N TYR A 256 -10.43 -36.48 13.27
CA TYR A 256 -11.71 -36.72 13.94
C TYR A 256 -12.81 -35.84 13.36
N ALA A 257 -12.71 -35.56 12.06
CA ALA A 257 -13.79 -34.97 11.30
C ALA A 257 -13.70 -35.46 9.85
N ASP A 258 -14.81 -35.30 9.12
CA ASP A 258 -14.85 -35.62 7.70
C ASP A 258 -14.74 -34.39 6.83
N ALA A 259 -14.94 -33.21 7.40
CA ALA A 259 -14.91 -31.96 6.67
C ALA A 259 -14.79 -30.85 7.71
N LEU A 260 -14.51 -29.64 7.22
CA LEU A 260 -14.47 -28.47 8.08
C LEU A 260 -15.17 -27.32 7.38
N THR A 261 -15.77 -26.46 8.20
CA THR A 261 -16.19 -25.12 7.81
C THR A 261 -15.39 -24.16 8.65
N MET A 262 -14.92 -23.08 8.03
CA MET A 262 -14.03 -22.17 8.73
C MET A 262 -14.33 -20.74 8.37
N SER A 263 -14.48 -19.91 9.39
CA SER A 263 -14.32 -18.47 9.24
C SER A 263 -12.84 -18.17 9.40
N ALA A 264 -12.20 -17.79 8.30
CA ALA A 264 -10.78 -17.43 8.36
C ALA A 264 -10.58 -16.03 8.90
N LYS A 265 -11.67 -15.36 9.28
CA LYS A 265 -11.64 -14.06 9.94
C LYS A 265 -11.25 -14.15 11.41
N LYS A 266 -11.02 -15.38 11.90
CA LYS A 266 -10.58 -15.59 13.27
C LYS A 266 -9.15 -16.05 13.27
N ASP A 267 -8.85 -17.32 13.51
CA ASP A 267 -7.48 -17.73 13.80
C ASP A 267 -6.51 -17.54 12.64
N PRO A 268 -6.93 -17.58 11.37
CA PRO A 268 -5.99 -17.27 10.28
C PRO A 268 -5.68 -15.79 10.10
N LEU A 269 -6.12 -14.92 11.02
CA LEU A 269 -5.60 -13.56 11.12
C LEU A 269 -5.99 -12.71 9.90
N LEU A 270 -7.24 -12.83 9.46
CA LEU A 270 -7.72 -12.08 8.30
C LEU A 270 -8.81 -11.07 8.64
N ASN A 271 -9.09 -10.21 7.66
CA ASN A 271 -10.20 -9.28 7.73
C ASN A 271 -11.43 -9.75 6.95
N ILE A 272 -11.26 -10.79 6.13
CA ILE A 272 -12.34 -11.41 5.36
C ILE A 272 -11.82 -12.78 4.94
N GLY A 273 -12.73 -13.72 4.74
CA GLY A 273 -12.33 -15.02 4.23
C GLY A 273 -12.92 -16.20 4.97
N GLY A 274 -13.19 -17.27 4.22
CA GLY A 274 -13.74 -18.49 4.76
C GLY A 274 -13.30 -19.67 3.92
N LEU A 275 -13.63 -20.88 4.40
CA LEU A 275 -13.12 -22.09 3.76
C LEU A 275 -14.00 -23.27 4.09
N VAL A 276 -14.30 -24.08 3.06
CA VAL A 276 -14.77 -25.44 3.22
C VAL A 276 -13.62 -26.36 2.82
N ALA A 277 -13.35 -27.37 3.64
CA ALA A 277 -12.42 -28.41 3.25
C ALA A 277 -13.01 -29.76 3.60
N ILE A 278 -12.81 -30.72 2.70
CA ILE A 278 -13.39 -32.05 2.81
C ILE A 278 -12.27 -33.07 2.74
N ARG A 279 -12.27 -34.02 3.67
CA ARG A 279 -11.14 -34.95 3.76
C ARG A 279 -10.99 -35.76 2.48
N ASP A 280 -12.02 -36.53 2.10
CA ASP A 280 -11.92 -37.40 0.94
C ASP A 280 -13.26 -37.79 0.30
N ASN A 281 -14.37 -37.22 0.75
CA ASN A 281 -15.67 -37.54 0.14
C ASN A 281 -15.88 -36.69 -1.11
N GLU A 282 -15.54 -37.26 -2.26
CA GLU A 282 -15.59 -36.51 -3.51
C GLU A 282 -17.01 -36.16 -3.91
N GLU A 283 -17.99 -37.03 -3.61
CA GLU A 283 -19.37 -36.74 -3.96
C GLU A 283 -19.87 -35.48 -3.24
N ILE A 284 -19.64 -35.41 -1.93
N ILE A 284 -19.61 -35.38 -1.93
CA ILE A 284 -20.02 -34.22 -1.17
CA ILE A 284 -20.05 -34.20 -1.20
C ILE A 284 -19.31 -32.99 -1.74
C ILE A 284 -19.29 -32.96 -1.68
N PHE A 285 -18.01 -33.11 -2.01
CA PHE A 285 -17.25 -32.02 -2.59
C PHE A 285 -17.90 -31.53 -3.89
N THR A 286 -18.27 -32.46 -4.77
CA THR A 286 -18.87 -32.08 -6.05
C THR A 286 -20.19 -31.36 -5.86
N LEU A 287 -21.03 -31.88 -4.95
CA LEU A 287 -22.31 -31.23 -4.68
C LEU A 287 -22.11 -29.85 -4.03
N ALA A 288 -21.14 -29.74 -3.13
CA ALA A 288 -20.87 -28.45 -2.51
C ALA A 288 -20.37 -27.43 -3.55
N ARG A 289 -19.55 -27.87 -4.50
CA ARG A 289 -19.11 -26.97 -5.57
C ARG A 289 -20.31 -26.46 -6.37
N GLN A 290 -21.29 -27.32 -6.61
CA GLN A 290 -22.45 -26.92 -7.39
C GLN A 290 -23.25 -25.84 -6.69
N ARG A 291 -23.28 -25.86 -5.35
CA ARG A 291 -23.93 -24.78 -4.61
C ARG A 291 -23.03 -23.54 -4.50
N CYS A 292 -21.72 -23.73 -4.41
CA CYS A 292 -20.80 -22.60 -4.37
C CYS A 292 -21.01 -21.65 -5.55
N VAL A 293 -21.21 -22.19 -6.75
CA VAL A 293 -21.25 -21.34 -7.94
C VAL A 293 -22.32 -20.26 -7.85
N PRO A 294 -23.59 -20.57 -7.60
CA PRO A 294 -24.58 -19.49 -7.51
C PRO A 294 -24.47 -18.65 -6.25
N MET A 295 -24.04 -19.23 -5.14
CA MET A 295 -24.10 -18.53 -3.86
C MET A 295 -22.87 -17.68 -3.58
N GLU A 296 -21.69 -18.15 -3.96
CA GLU A 296 -20.44 -17.52 -3.56
C GLU A 296 -19.63 -16.99 -4.73
N GLY A 297 -19.43 -17.80 -5.76
CA GLY A 297 -18.59 -17.44 -6.89
C GLY A 297 -18.09 -18.71 -7.54
N PHE A 298 -17.26 -18.53 -8.56
CA PHE A 298 -16.66 -19.71 -9.17
C PHE A 298 -15.76 -20.42 -8.16
N VAL A 299 -15.56 -21.73 -8.39
CA VAL A 299 -15.04 -22.61 -7.34
C VAL A 299 -13.57 -22.41 -7.03
N THR A 300 -12.82 -21.65 -7.83
CA THR A 300 -11.43 -21.37 -7.48
C THR A 300 -11.23 -19.97 -6.88
N TYR A 301 -12.30 -19.27 -6.49
CA TYR A 301 -12.13 -18.10 -5.61
C TYR A 301 -13.25 -17.95 -4.58
N GLY A 302 -14.45 -18.50 -4.81
CA GLY A 302 -15.43 -18.62 -3.74
C GLY A 302 -15.85 -17.33 -3.10
N GLY A 303 -15.95 -16.26 -3.87
CA GLY A 303 -16.35 -14.99 -3.33
C GLY A 303 -15.27 -14.19 -2.69
N LEU A 304 -14.00 -14.55 -2.90
CA LEU A 304 -12.85 -13.84 -2.38
C LEU A 304 -12.01 -13.30 -3.53
N ALA A 305 -11.45 -12.10 -3.32
CA ALA A 305 -10.39 -11.62 -4.18
C ALA A 305 -9.17 -12.54 -4.06
N GLY A 306 -8.40 -12.65 -5.14
CA GLY A 306 -7.20 -13.45 -5.10
C GLY A 306 -6.27 -13.03 -3.98
N ARG A 307 -6.19 -11.72 -3.73
CA ARG A 307 -5.33 -11.23 -2.66
C ARG A 307 -5.76 -11.76 -1.30
N ASP A 308 -7.05 -12.04 -1.12
CA ASP A 308 -7.48 -12.56 0.17
C ASP A 308 -7.20 -14.05 0.30
N MET A 309 -7.27 -14.81 -0.80
CA MET A 309 -6.76 -16.17 -0.74
C MET A 309 -5.26 -16.18 -0.41
N ALA A 310 -4.51 -15.21 -0.97
CA ALA A 310 -3.08 -15.13 -0.67
C ALA A 310 -2.83 -14.81 0.80
N ALA A 311 -3.58 -13.85 1.35
CA ALA A 311 -3.45 -13.53 2.76
C ALA A 311 -3.82 -14.72 3.63
N MET A 312 -4.80 -15.51 3.21
CA MET A 312 -5.23 -16.67 3.98
C MET A 312 -4.16 -17.74 4.03
N VAL A 313 -3.48 -17.98 2.90
CA VAL A 313 -2.41 -18.98 2.89
C VAL A 313 -1.35 -18.60 3.92
N GLN A 314 -0.99 -17.32 3.96
CA GLN A 314 0.03 -16.87 4.91
C GLN A 314 -0.51 -16.84 6.33
N GLY A 315 -1.76 -16.39 6.49
CA GLY A 315 -2.35 -16.31 7.81
C GLY A 315 -2.55 -17.68 8.44
N LEU A 316 -2.91 -18.68 7.62
CA LEU A 316 -3.04 -20.03 8.15
C LEU A 316 -1.74 -20.48 8.79
N GLU A 317 -0.60 -20.10 8.21
CA GLU A 317 0.68 -20.42 8.82
C GLU A 317 0.89 -19.64 10.12
N GLU A 318 0.74 -18.30 10.06
CA GLU A 318 1.02 -17.48 11.23
C GLU A 318 0.14 -17.85 12.41
N GLY A 319 -1.11 -18.20 12.14
CA GLY A 319 -2.04 -18.53 13.19
C GLY A 319 -1.68 -19.77 13.98
N THR A 320 -0.82 -20.64 13.42
CA THR A 320 -0.38 -21.83 14.13
C THR A 320 0.85 -21.60 14.99
N GLU A 321 1.46 -20.41 14.95
CA GLU A 321 2.76 -20.24 15.59
C GLU A 321 2.61 -20.18 17.11
N GLU A 322 3.31 -21.08 17.80
CA GLU A 322 3.07 -21.24 19.23
C GLU A 322 3.41 -19.98 20.02
N GLU A 323 4.48 -19.28 19.66
N GLU A 323 4.46 -19.26 19.66
CA GLU A 323 4.85 -18.06 20.37
CA GLU A 323 4.80 -18.08 20.45
C GLU A 323 3.73 -17.03 20.29
C GLU A 323 3.76 -16.98 20.28
N TYR A 324 3.17 -16.86 19.08
CA TYR A 324 2.01 -15.98 18.91
C TYR A 324 0.82 -16.46 19.75
N LEU A 325 0.50 -17.75 19.69
CA LEU A 325 -0.68 -18.24 20.40
C LEU A 325 -0.52 -18.06 21.91
N HIS A 326 0.69 -18.31 22.42
CA HIS A 326 0.95 -18.13 23.84
C HIS A 326 0.71 -16.68 24.25
N TYR A 327 1.17 -15.73 23.44
CA TYR A 327 0.94 -14.32 23.72
CA TYR A 327 0.93 -14.32 23.73
C TYR A 327 -0.54 -13.95 23.59
N ARG A 328 -1.19 -14.42 22.53
CA ARG A 328 -2.57 -14.02 22.28
C ARG A 328 -3.48 -14.51 23.39
N ILE A 329 -3.43 -15.82 23.68
CA ILE A 329 -4.25 -16.40 24.72
C ILE A 329 -3.83 -15.88 26.08
N GLY A 330 -2.54 -15.60 26.27
CA GLY A 330 -2.07 -15.00 27.50
C GLY A 330 -2.57 -13.59 27.74
N GLN A 331 -2.79 -12.82 26.67
CA GLN A 331 -3.37 -11.49 26.83
C GLN A 331 -4.82 -11.58 27.29
N VAL A 332 -5.59 -12.48 26.68
CA VAL A 332 -6.96 -12.72 27.14
C VAL A 332 -6.96 -13.15 28.60
N LYS A 333 -6.04 -14.04 28.98
CA LYS A 333 -5.93 -14.46 30.38
C LYS A 333 -5.59 -13.28 31.28
N TYR A 334 -4.72 -12.39 30.82
CA TYR A 334 -4.36 -11.22 31.61
C TYR A 334 -5.57 -10.34 31.90
N LEU A 335 -6.37 -10.06 30.88
CA LEU A 335 -7.60 -9.29 31.10
C LEU A 335 -8.50 -9.99 32.10
N GLY A 336 -8.67 -11.30 31.95
CA GLY A 336 -9.50 -12.04 32.88
C GLY A 336 -8.96 -11.99 34.30
N ASP A 337 -7.64 -12.12 34.45
CA ASP A 337 -7.06 -12.11 35.78
C ASP A 337 -7.17 -10.73 36.43
N ARG A 338 -7.02 -9.65 35.64
CA ARG A 338 -7.28 -8.32 36.19
C ARG A 338 -8.69 -8.26 36.78
N LEU A 339 -9.67 -8.77 36.04
CA LEU A 339 -11.05 -8.68 36.50
C LEU A 339 -11.29 -9.61 37.69
N ARG A 340 -10.82 -10.85 37.59
CA ARG A 340 -11.07 -11.83 38.64
C ARG A 340 -10.40 -11.41 39.96
N GLU A 341 -9.19 -10.86 39.88
CA GLU A 341 -8.51 -10.40 41.09
C GLU A 341 -9.21 -9.23 41.73
N ALA A 342 -9.98 -8.46 40.96
CA ALA A 342 -10.77 -7.36 41.49
C ALA A 342 -12.16 -7.80 41.93
N GLY A 343 -12.49 -9.09 41.81
CA GLY A 343 -13.77 -9.59 42.26
C GLY A 343 -14.85 -9.68 41.21
N ILE A 344 -14.54 -9.40 39.95
CA ILE A 344 -15.51 -9.48 38.86
C ILE A 344 -15.66 -10.94 38.44
N PRO A 345 -16.88 -11.49 38.42
CA PRO A 345 -17.03 -12.92 38.06
C PRO A 345 -16.91 -13.13 36.56
N ILE A 346 -16.10 -14.11 36.17
CA ILE A 346 -15.88 -14.44 34.77
C ILE A 346 -15.95 -15.95 34.59
N GLN A 347 -16.19 -16.37 33.35
CA GLN A 347 -16.00 -17.77 32.99
C GLN A 347 -14.52 -18.10 33.16
N TYR A 348 -14.23 -19.09 33.99
CA TYR A 348 -12.86 -19.39 34.40
C TYR A 348 -12.58 -20.86 34.14
N PRO A 349 -11.47 -21.21 33.50
CA PRO A 349 -10.41 -20.34 32.96
C PRO A 349 -10.87 -19.59 31.72
N THR A 350 -10.18 -18.50 31.38
CA THR A 350 -10.51 -17.79 30.15
C THR A 350 -10.23 -18.68 28.96
N GLY A 351 -11.02 -18.47 27.92
CA GLY A 351 -10.85 -19.14 26.66
C GLY A 351 -9.84 -18.43 25.77
N GLY A 352 -9.93 -18.72 24.48
N GLY A 352 -9.95 -18.70 24.48
CA GLY A 352 -8.89 -18.30 23.57
CA GLY A 352 -8.94 -18.24 23.55
C GLY A 352 -8.90 -16.84 23.17
C GLY A 352 -9.11 -16.82 23.04
N HIS A 353 -10.10 -16.28 22.95
N HIS A 353 -10.33 -16.28 23.09
CA HIS A 353 -10.24 -15.06 22.17
CA HIS A 353 -10.64 -15.09 22.31
C HIS A 353 -10.96 -13.94 22.89
C HIS A 353 -11.46 -14.04 23.03
N ALA A 354 -11.43 -14.19 24.11
N ALA A 354 -11.89 -14.27 24.26
CA ALA A 354 -12.32 -13.25 24.75
CA ALA A 354 -12.72 -13.30 24.96
C ALA A 354 -12.45 -13.63 26.21
C ALA A 354 -12.79 -13.62 26.43
N VAL A 355 -12.78 -12.63 27.02
N VAL A 355 -13.05 -12.59 27.23
CA VAL A 355 -13.14 -12.82 28.41
CA VAL A 355 -13.37 -12.74 28.64
C VAL A 355 -14.66 -12.76 28.48
C VAL A 355 -14.88 -12.62 28.76
N PHE A 356 -15.26 -13.77 29.10
N PHE A 356 -15.52 -13.67 29.28
CA PHE A 356 -16.70 -13.89 29.20
CA PHE A 356 -16.97 -13.73 29.36
C PHE A 356 -17.07 -13.56 30.64
C PHE A 356 -17.35 -13.40 30.79
N VAL A 357 -17.72 -12.43 30.84
N VAL A 357 -17.74 -12.14 31.02
CA VAL A 357 -18.09 -11.97 32.16
CA VAL A 357 -18.10 -11.68 32.35
C VAL A 357 -19.47 -12.53 32.50
C VAL A 357 -19.49 -12.20 32.69
N ASP A 358 -19.58 -13.19 33.65
N ASP A 358 -19.58 -13.01 33.73
CA ASP A 358 -20.82 -13.83 34.08
CA ASP A 358 -20.83 -13.63 34.15
C ASP A 358 -21.73 -12.76 34.70
C ASP A 358 -21.69 -12.58 34.84
N CYS A 359 -22.69 -12.29 33.92
N CYS A 359 -22.64 -12.00 34.11
CA CYS A 359 -23.56 -11.20 34.36
CA CYS A 359 -23.55 -11.04 34.70
C CYS A 359 -24.72 -11.70 35.20
C CYS A 359 -24.79 -11.68 35.29
N LYS A 360 -24.98 -13.01 35.17
CA LYS A 360 -25.96 -13.63 36.04
C LYS A 360 -25.53 -13.50 37.49
N LYS A 361 -24.22 -13.55 37.75
N LYS A 361 -24.23 -13.53 37.74
CA LYS A 361 -23.68 -13.28 39.07
CA LYS A 361 -23.69 -13.28 39.08
C LYS A 361 -23.38 -11.82 39.29
C LYS A 361 -23.48 -11.81 39.36
N LEU A 362 -23.02 -11.09 38.22
N LEU A 362 -23.12 -11.02 38.35
CA LEU A 362 -22.75 -9.66 38.38
CA LEU A 362 -22.64 -9.66 38.59
C LEU A 362 -24.03 -8.88 38.57
C LEU A 362 -23.75 -8.71 38.99
N VAL A 363 -25.13 -9.34 38.00
N VAL A 363 -24.97 -8.94 38.52
CA VAL A 363 -26.39 -8.60 37.96
CA VAL A 363 -26.07 -8.00 38.76
C VAL A 363 -27.52 -9.60 38.11
C VAL A 363 -26.75 -8.34 40.08
N PRO A 364 -27.49 -10.43 39.15
N PRO A 364 -26.89 -7.38 41.02
CA PRO A 364 -28.51 -11.48 39.29
CA PRO A 364 -27.55 -7.69 42.30
C PRO A 364 -29.93 -10.96 39.31
C PRO A 364 -29.04 -7.42 42.30
N GLN A 365 -30.12 -9.69 39.64
N GLN A 365 -29.49 -6.55 41.39
CA GLN A 365 -31.46 -9.13 39.75
CA GLN A 365 -30.93 -6.26 41.27
C GLN A 365 -32.13 -8.92 38.40
C GLN A 365 -31.69 -7.36 40.55
N ILE A 366 -31.43 -9.14 37.29
N ILE A 366 -31.14 -8.56 40.49
CA ILE A 366 -32.05 -9.17 35.97
CA ILE A 366 -31.80 -9.73 39.90
C ILE A 366 -32.47 -10.59 35.64
C ILE A 366 -32.02 -9.48 38.42
N PRO A 367 -33.63 -10.81 35.03
N PRO A 367 -31.37 -10.23 37.52
CA PRO A 367 -33.92 -12.12 34.43
CA PRO A 367 -31.56 -9.99 36.09
C PRO A 367 -33.58 -12.12 32.95
C PRO A 367 -32.99 -10.27 35.65
N GLY A 368 -33.63 -13.29 32.30
N GLY A 368 -33.41 -11.52 35.81
CA GLY A 368 -33.55 -13.33 30.85
CA GLY A 368 -34.73 -11.92 35.32
C GLY A 368 -34.63 -12.49 30.18
C GLY A 368 -34.93 -11.50 33.89
N ASP A 369 -35.71 -12.19 30.89
N ASP A 369 -33.86 -11.55 33.11
CA ASP A 369 -36.75 -11.30 30.36
CA ASP A 369 -33.85 -11.07 31.73
C ASP A 369 -36.15 -9.95 29.99
C ASP A 369 -33.99 -9.55 31.69
N GLN A 370 -35.06 -9.54 30.63
N GLN A 370 -34.27 -9.00 30.51
CA GLN A 370 -34.46 -8.24 30.41
CA GLN A 370 -34.42 -7.56 30.30
C GLN A 370 -33.00 -8.33 29.96
C GLN A 370 -33.08 -6.85 30.34
N PHE A 371 -32.55 -9.49 29.50
N PHE A 371 -32.94 -5.81 31.17
CA PHE A 371 -31.24 -9.68 28.91
CA PHE A 371 -31.76 -4.94 31.09
C PHE A 371 -30.13 -9.10 29.79
C PHE A 371 -30.46 -5.66 31.44
N PRO A 372 -29.72 -9.82 30.84
N PRO A 372 -30.32 -6.36 32.59
CA PRO A 372 -28.83 -9.21 31.85
CA PRO A 372 -29.01 -6.91 33.00
C PRO A 372 -27.51 -8.70 31.29
C PRO A 372 -27.75 -6.52 32.22
N ALA A 373 -26.85 -9.48 30.44
N ALA A 373 -27.29 -7.35 31.29
CA ALA A 373 -25.53 -9.09 29.97
CA ALA A 373 -25.95 -7.17 30.73
C ALA A 373 -25.58 -7.87 29.07
C ALA A 373 -25.85 -5.88 29.91
N GLN A 374 -26.71 -7.59 28.43
N GLN A 374 -26.90 -5.50 29.20
CA GLN A 374 -26.80 -6.41 27.56
CA GLN A 374 -26.82 -4.31 28.36
C GLN A 374 -26.85 -5.14 28.39
C GLN A 374 -26.57 -3.07 29.22
N ALA A 375 -27.56 -5.18 29.54
N ALA A 375 -27.16 -3.02 30.41
CA ALA A 375 -27.58 -4.01 30.41
CA ALA A 375 -26.94 -1.88 31.30
C ALA A 375 -26.19 -3.70 30.94
C ALA A 375 -25.47 -1.81 31.71
N VAL A 376 -25.38 -4.73 31.19
N VAL A 376 -24.85 -2.95 32.01
CA VAL A 376 -24.00 -4.50 31.59
CA VAL A 376 -23.42 -2.97 32.29
C VAL A 376 -23.20 -3.90 30.44
C VAL A 376 -22.64 -2.50 31.06
N ILE A 377 -23.33 -4.49 29.25
N ILE A 377 -22.96 -3.06 29.89
CA ILE A 377 -22.59 -4.01 28.08
CA ILE A 377 -22.29 -2.69 28.65
C ILE A 377 -22.88 -2.53 27.86
C ILE A 377 -22.43 -1.20 28.40
N ASN A 378 -24.16 -2.15 27.88
N ASN A 378 -23.67 -0.69 28.41
CA ASN A 378 -24.53 -0.77 27.59
CA ASN A 378 -23.89 0.73 28.21
C ASN A 378 -23.98 0.19 28.64
C ASN A 378 -23.12 1.55 29.23
N ALA A 379 -24.03 -0.21 29.91
N ALA A 379 -23.20 1.15 30.50
CA ALA A 379 -23.48 0.65 30.96
CA ALA A 379 -22.38 1.79 31.52
C ALA A 379 -21.98 0.82 30.78
C ALA A 379 -20.91 1.73 31.15
N LEU A 380 -21.27 -0.24 30.41
N LEU A 380 -20.44 0.57 30.71
CA LEU A 380 -19.84 -0.12 30.16
CA LEU A 380 -19.04 0.43 30.31
C LEU A 380 -19.57 0.81 28.98
C LEU A 380 -18.71 1.39 29.18
N TYR A 381 -20.37 0.71 27.91
N TYR A 381 -19.54 1.43 28.14
CA TYR A 381 -20.14 1.59 26.78
CA TYR A 381 -19.30 2.38 27.06
C TYR A 381 -20.29 3.05 27.17
C TYR A 381 -19.44 3.82 27.54
N LEU A 382 -21.37 3.37 27.90
N LEU A 382 -20.58 4.14 28.17
CA LEU A 382 -21.58 4.76 28.30
CA LEU A 382 -20.83 5.49 28.63
C LEU A 382 -20.44 5.25 29.17
C LEU A 382 -19.70 6.03 29.49
N GLU A 383 -19.94 4.40 30.08
N GLU A 383 -18.90 5.16 30.09
CA GLU A 383 -18.90 4.80 31.02
CA GLU A 383 -17.85 5.57 31.00
C GLU A 383 -17.55 5.03 30.34
C GLU A 383 -16.45 5.43 30.44
N SER A 384 -17.24 4.26 29.28
N SER A 384 -16.28 4.82 29.26
CA SER A 384 -15.86 4.18 28.82
CA SER A 384 -14.93 4.54 28.76
C SER A 384 -15.65 4.23 27.31
C SER A 384 -14.82 4.56 27.24
N GLY A 385 -16.70 4.09 26.49
N GLY A 385 -15.95 4.47 26.53
CA GLY A 385 -16.46 3.99 25.06
CA GLY A 385 -15.94 4.35 25.09
C GLY A 385 -15.93 2.66 24.61
C GLY A 385 -15.73 2.96 24.56
N VAL A 386 -16.02 1.65 25.46
N VAL A 386 -15.23 2.04 25.40
CA VAL A 386 -15.70 0.27 25.10
CA VAL A 386 -15.11 0.65 24.99
C VAL A 386 -16.98 -0.42 24.66
C VAL A 386 -16.49 0.12 24.58
N ARG A 387 -16.95 -1.02 23.48
N ARG A 387 -16.55 -0.56 23.44
CA ARG A 387 -18.09 -1.77 22.96
CA ARG A 387 -17.80 -1.16 22.98
C ARG A 387 -17.82 -3.26 23.09
C ARG A 387 -17.74 -2.67 23.21
N ALA A 388 -18.67 -3.96 23.84
N ALA A 388 -18.54 -3.15 24.16
CA ALA A 388 -18.63 -5.40 23.95
CA ALA A 388 -18.69 -4.58 24.41
C ALA A 388 -19.92 -6.00 23.37
C ALA A 388 -20.04 -5.04 23.87
N VAL A 389 -20.10 -7.31 23.53
N VAL A 389 -20.26 -6.35 23.92
CA VAL A 389 -21.21 -8.02 22.90
CA VAL A 389 -21.45 -6.96 23.34
C VAL A 389 -21.76 -9.08 23.84
C VAL A 389 -22.14 -7.81 24.39
N GLU A 390 -23.04 -9.40 23.66
N GLU A 390 -23.45 -7.95 24.26
CA GLU A 390 -23.75 -10.30 24.56
CA GLU A 390 -24.25 -8.68 25.22
C GLU A 390 -23.77 -11.71 23.99
C GLU A 390 -24.50 -10.11 24.74
N ILE A 391 -23.36 -12.68 24.81
N ILE A 391 -24.22 -11.08 25.60
CA ILE A 391 -23.50 -14.09 24.47
CA ILE A 391 -24.65 -12.45 25.40
C ILE A 391 -24.39 -14.74 25.53
C ILE A 391 -25.60 -12.79 26.55
N GLY A 392 -25.69 -14.49 25.45
N GLY A 392 -26.82 -12.25 26.50
CA GLY A 392 -26.65 -15.02 26.40
CA GLY A 392 -27.77 -12.39 27.60
C GLY A 392 -27.99 -15.22 25.75
C GLY A 392 -29.19 -12.37 27.11
N SER A 393 -29.06 -14.86 26.47
N SER A 393 -30.07 -11.70 27.86
CA SER A 393 -30.41 -15.07 25.97
CA SER A 393 -31.51 -11.77 27.59
C SER A 393 -30.63 -14.32 24.67
C SER A 393 -31.92 -10.84 26.45
N PHE A 394 -30.10 -13.09 24.57
N PHE A 394 -31.36 -9.63 26.40
CA PHE A 394 -30.28 -12.28 23.36
CA PHE A 394 -31.58 -8.77 25.23
C PHE A 394 -29.80 -13.02 22.12
C PHE A 394 -31.21 -9.49 23.95
N LEU A 395 -28.53 -13.45 22.13
N LEU A 395 -30.19 -10.35 24.01
CA LEU A 395 -27.95 -14.09 20.96
CA LEU A 395 -29.80 -11.15 22.86
C LEU A 395 -28.58 -15.46 20.69
C LEU A 395 -30.75 -12.33 22.67
N LEU A 396 -28.97 -16.19 21.73
N LEU A 396 -31.11 -13.00 23.76
CA LEU A 396 -29.43 -17.56 21.53
CA LEU A 396 -31.87 -14.24 23.67
C LEU A 396 -30.74 -17.60 20.74
C LEU A 396 -33.13 -14.06 22.83
N GLY A 397 -31.67 -16.70 21.05
N GLY A 397 -33.91 -13.02 23.12
CA GLY A 397 -32.87 -16.57 20.24
CA GLY A 397 -35.12 -12.75 22.36
C GLY A 397 -34.04 -17.39 20.76
C GLY A 397 -36.34 -13.41 22.97
N ARG A 398 -34.98 -17.64 19.85
N ARG A 398 -37.44 -13.36 22.20
CA ARG A 398 -36.20 -18.38 20.19
CA ARG A 398 -38.70 -13.94 22.64
C ARG A 398 -36.25 -19.71 19.45
C ARG A 398 -38.65 -15.46 22.44
N GLN A 405 -39.49 -15.34 26.30
N GLN A 405 -40.27 -12.86 26.30
CA GLN A 405 -38.08 -14.99 26.48
CA GLN A 405 -38.91 -12.90 26.83
C GLN A 405 -37.26 -16.22 26.84
C GLN A 405 -38.61 -14.27 27.43
N LYS A 406 -36.76 -16.91 25.81
N LYS A 406 -37.73 -15.01 26.78
CA LYS A 406 -35.97 -18.13 26.01
CA LYS A 406 -37.29 -16.33 27.23
C LYS A 406 -34.67 -17.83 26.74
C LYS A 406 -35.98 -16.18 28.01
N HIS A 407 -34.58 -18.26 27.99
N HIS A 407 -35.61 -17.24 28.73
CA HIS A 407 -33.39 -18.05 28.81
CA HIS A 407 -34.53 -17.19 29.71
C HIS A 407 -32.46 -19.25 28.68
C HIS A 407 -33.37 -18.08 29.27
N ALA A 408 -31.17 -18.97 28.51
N ALA A 408 -32.17 -17.73 29.74
CA ALA A 408 -30.16 -20.00 28.31
CA ALA A 408 -30.93 -18.38 29.33
C ALA A 408 -29.57 -20.43 29.66
C ALA A 408 -30.23 -19.06 30.50
N ASP A 409 -28.48 -21.19 29.60
N ASP A 409 -29.33 -19.97 30.16
CA ASP A 409 -27.74 -21.61 30.78
CA ASP A 409 -28.53 -20.71 31.15
C ASP A 409 -26.52 -20.76 31.06
C ASP A 409 -27.15 -20.11 31.35
N MET A 410 -26.22 -19.80 30.18
N MET A 410 -26.56 -19.49 30.33
CA MET A 410 -25.11 -18.88 30.36
CA MET A 410 -25.26 -18.84 30.43
C MET A 410 -25.56 -17.50 29.91
C MET A 410 -25.41 -17.41 29.93
N GLU A 411 -25.13 -16.46 30.64
N GLU A 411 -25.41 -16.46 30.85
CA GLU A 411 -25.49 -15.06 30.36
CA GLU A 411 -25.54 -15.04 30.55
C GLU A 411 -24.20 -14.24 30.39
C GLU A 411 -24.19 -14.37 30.74
N PHE A 412 -23.40 -14.35 29.33
N PHE A 412 -23.77 -13.57 29.76
CA PHE A 412 -22.08 -13.75 29.28
CA PHE A 412 -22.44 -12.99 29.78
C PHE A 412 -22.11 -12.37 28.63
C PHE A 412 -22.38 -11.69 28.98
N MET A 413 -21.25 -11.48 29.13
N MET A 413 -21.66 -10.70 29.52
CA MET A 413 -20.80 -10.31 28.37
CA MET A 413 -21.04 -9.68 28.67
C MET A 413 -19.43 -10.64 27.82
C MET A 413 -19.71 -10.22 28.15
N ARG A 414 -19.29 -10.65 26.50
N ARG A 414 -19.46 -10.03 26.86
CA ARG A 414 -18.05 -11.06 25.86
CA ARG A 414 -18.30 -10.60 26.20
C ARG A 414 -17.22 -9.82 25.56
C ARG A 414 -17.33 -9.50 25.80
N LEU A 415 -16.17 -9.61 26.34
N LEU A 415 -16.06 -9.68 26.15
CA LEU A 415 -15.10 -8.67 26.00
CA LEU A 415 -14.96 -8.77 25.80
C LEU A 415 -14.24 -9.39 24.96
C LEU A 415 -14.08 -9.50 24.78
N THR A 416 -14.57 -9.18 23.67
N THR A 416 -14.36 -9.28 23.50
CA THR A 416 -13.98 -9.95 22.58
CA THR A 416 -13.66 -10.00 22.42
C THR A 416 -12.73 -9.25 22.05
C THR A 416 -12.43 -9.22 21.98
N ILE A 417 -11.63 -9.99 21.95
N ILE A 417 -11.31 -9.91 21.83
CA ILE A 417 -10.31 -9.41 21.71
CA ILE A 417 -10.01 -9.28 21.57
C ILE A 417 -9.82 -9.81 20.33
C ILE A 417 -9.57 -9.60 20.15
N ALA A 418 -9.69 -8.82 19.44
N ALA A 418 -9.51 -8.57 19.31
CA ALA A 418 -9.08 -9.05 18.13
CA ALA A 418 -8.89 -8.72 18.00
C ALA A 418 -7.60 -9.44 18.29
C ALA A 418 -7.45 -9.17 18.14
N ARG A 419 -7.04 -10.04 17.24
N ARG A 419 -6.98 -9.96 17.19
CA ARG A 419 -5.66 -10.54 17.28
CA ARG A 419 -5.65 -10.56 17.28
C ARG A 419 -4.65 -9.48 16.84
C ARG A 419 -4.58 -9.57 16.80
N ARG A 420 -3.65 -9.24 17.71
CA ARG A 420 -2.50 -8.40 17.41
C ARG A 420 -2.85 -6.93 17.20
N VAL A 421 -3.90 -6.46 17.87
CA VAL A 421 -4.44 -5.11 17.68
C VAL A 421 -4.22 -4.23 18.91
N TYR A 422 -4.52 -4.76 20.09
CA TYR A 422 -4.51 -4.01 21.33
C TYR A 422 -3.40 -4.51 22.23
N THR A 423 -2.85 -3.61 23.03
CA THR A 423 -1.79 -3.95 23.97
C THR A 423 -2.37 -4.29 25.33
N ASN A 424 -1.49 -4.76 26.21
CA ASN A 424 -1.93 -5.01 27.58
C ASN A 424 -2.27 -3.72 28.32
N ASP A 425 -1.78 -2.56 27.84
CA ASP A 425 -2.25 -1.30 28.41
C ASP A 425 -3.68 -0.98 27.99
N HIS A 426 -4.07 -1.37 26.77
CA HIS A 426 -5.49 -1.33 26.42
C HIS A 426 -6.29 -2.28 27.30
N MET A 427 -5.73 -3.45 27.62
CA MET A 427 -6.43 -4.37 28.49
C MET A 427 -6.65 -3.74 29.86
N ASP A 428 -5.63 -3.06 30.39
CA ASP A 428 -5.78 -2.39 31.67
C ASP A 428 -6.86 -1.33 31.60
N TYR A 429 -6.94 -0.61 30.49
CA TYR A 429 -7.99 0.41 30.35
C TYR A 429 -9.37 -0.24 30.43
N ILE A 430 -9.54 -1.35 29.72
CA ILE A 430 -10.82 -2.08 29.76
C ILE A 430 -11.14 -2.53 31.18
N ALA A 431 -10.19 -3.17 31.83
CA ALA A 431 -10.46 -3.71 33.17
C ALA A 431 -10.75 -2.59 34.16
N ASP A 432 -9.94 -1.53 34.13
CA ASP A 432 -10.14 -0.44 35.08
C ASP A 432 -11.49 0.21 34.88
N ALA A 433 -11.95 0.32 33.64
N ALA A 433 -11.95 0.30 33.63
CA ALA A 433 -13.25 0.92 33.37
CA ALA A 433 -13.25 0.92 33.37
C ALA A 433 -14.37 0.08 33.98
C ALA A 433 -14.39 0.08 33.95
N LEU A 434 -14.34 -1.24 33.77
N LEU A 434 -14.32 -1.25 33.78
CA LEU A 434 -15.39 -2.09 34.31
CA LEU A 434 -15.35 -2.11 34.35
C LEU A 434 -15.33 -2.15 35.82
C LEU A 434 -15.25 -2.16 35.87
N ILE A 435 -14.12 -2.31 36.38
N ILE A 435 -14.03 -2.24 36.39
CA ILE A 435 -13.96 -2.29 37.84
CA ILE A 435 -13.85 -2.23 37.84
C ILE A 435 -14.55 -1.03 38.44
C ILE A 435 -14.36 -0.92 38.43
N GLY A 436 -14.56 0.07 37.68
N GLY A 436 -14.39 0.15 37.65
CA GLY A 436 -15.12 1.31 38.15
CA GLY A 436 -14.95 1.39 38.10
C GLY A 436 -16.64 1.33 38.23
C GLY A 436 -16.47 1.44 38.12
N LEU A 437 -17.31 0.35 37.62
N LEU A 437 -17.13 0.36 37.73
CA LEU A 437 -18.77 0.28 37.60
CA LEU A 437 -18.58 0.28 37.74
C LEU A 437 -19.35 -0.43 38.81
C LEU A 437 -19.12 -0.46 38.95
N LYS A 438 -18.52 -0.79 39.80
N LYS A 438 -18.30 -0.73 39.96
CA LYS A 438 -18.96 -1.77 40.79
CA LYS A 438 -18.76 -1.43 41.14
C LYS A 438 -20.03 -1.22 41.73
C LYS A 438 -20.00 -0.76 41.74
N GLU A 439 -20.03 0.08 41.98
N GLU A 439 -19.84 0.49 42.19
CA GLU A 439 -21.08 0.64 42.83
CA GLU A 439 -20.89 1.14 42.95
C GLU A 439 -22.42 0.80 42.11
C GLU A 439 -22.13 1.42 42.09
N LYS A 440 -22.46 0.58 40.80
N LYS A 440 -22.00 1.42 40.76
CA LYS A 440 -23.66 0.83 40.02
CA LYS A 440 -23.16 1.58 39.91
C LYS A 440 -24.27 -0.42 39.42
C LYS A 440 -23.91 0.28 39.67
N PHE A 441 -23.65 -1.59 39.57
N PHE A 441 -23.23 -0.86 39.82
CA PHE A 441 -24.20 -2.82 38.99
CA PHE A 441 -23.92 -2.15 39.75
C PHE A 441 -25.63 -3.08 39.44
C PHE A 441 -25.09 -2.17 40.74
N ALA A 442 -26.06 -2.50 40.55
N ALA A 442 -25.15 -1.17 41.62
CA ALA A 442 -27.44 -2.67 41.02
CA ALA A 442 -26.30 -0.94 42.50
C ALA A 442 -28.36 -1.54 40.57
C ALA A 442 -27.25 0.12 41.94
N THR A 443 -27.84 -0.33 40.43
N THR A 443 -26.74 1.31 41.60
CA THR A 443 -28.63 0.81 39.99
CA THR A 443 -27.58 2.40 41.11
C THR A 443 -28.65 0.87 38.46
C THR A 443 -27.89 2.31 39.63
N LEU A 444 -29.84 1.12 37.89
N LEU A 444 -27.41 1.28 38.94
CA LEU A 444 -30.04 1.18 36.45
CA LEU A 444 -27.65 1.14 37.51
C LEU A 444 -29.92 -0.23 35.87
C LEU A 444 -29.14 1.12 37.21
N LYS A 445 -30.91 -0.66 35.08
N LYS A 445 -29.56 1.93 36.25
CA LYS A 445 -31.03 -2.08 34.77
CA LYS A 445 -30.94 1.96 35.80
C LYS A 445 -32.29 -2.41 33.97
C LYS A 445 -31.17 0.90 34.72
N GLY A 446 -32.18 -3.24 32.93
N GLY A 446 -32.42 0.45 34.63
CA GLY A 446 -33.34 -3.78 32.23
CA GLY A 446 -32.78 -0.58 33.68
C GLY A 446 -33.43 -3.30 30.78
C GLY A 446 -32.86 -0.06 32.26
N LEU A 447 -34.01 -4.16 29.92
N LEU A 447 -33.57 -0.82 31.42
CA LEU A 447 -34.15 -3.83 28.49
CA LEU A 447 -33.69 -0.50 30.01
C LEU A 447 -35.30 -4.63 27.87
C LEU A 447 -35.05 -0.98 29.50
N GLU A 448 -35.99 -4.00 26.91
N GLU A 448 -35.64 -0.20 28.61
CA GLU A 448 -37.11 -4.59 26.18
CA GLU A 448 -36.93 -0.50 28.01
C GLU A 448 -36.85 -4.53 24.68
C GLU A 448 -36.91 -0.10 26.55
N PHE A 449 -37.85 -4.97 23.91
N PHE A 449 -37.76 -0.76 25.76
CA PHE A 449 -37.78 -4.98 22.45
CA PHE A 449 -37.73 -0.61 24.32
C PHE A 449 -38.68 -3.90 21.85
C PHE A 449 -38.44 0.67 23.87
N GLU A 450 -38.21 -3.29 20.76
N GLU A 450 -37.80 1.39 22.94
CA GLU A 450 -39.03 -2.51 19.85
CA GLU A 450 -38.46 2.40 22.13
C GLU A 450 -39.24 -3.22 18.53
C GLU A 450 -38.92 1.83 20.80
N TYR A 451 -38.16 -3.72 17.94
N TYR A 451 -38.17 0.89 20.25
CA TYR A 451 -38.18 -4.42 16.66
CA TYR A 451 -38.50 0.26 18.97
C TYR A 451 -37.33 -5.67 16.82
C TYR A 451 -37.84 -1.11 18.94
N GLU A 452 -37.90 -6.82 16.46
N GLU A 452 -38.64 -2.16 18.80
CA GLU A 452 -37.24 -8.11 16.64
CA GLU A 452 -38.15 -3.53 18.74
C GLU A 452 -37.27 -8.89 15.32
C GLU A 452 -38.59 -4.18 17.44
N PRO A 453 -36.14 -9.00 14.62
N PRO A 453 -37.68 -4.75 16.66
CA PRO A 453 -36.10 -9.89 13.46
CA PRO A 453 -38.09 -5.45 15.44
C PRO A 453 -36.35 -11.32 13.86
C PRO A 453 -38.54 -6.86 15.77
N PRO A 454 -36.93 -12.14 12.98
N PRO A 454 -39.20 -7.54 14.82
CA PRO A 454 -37.23 -13.53 13.34
CA PRO A 454 -39.68 -8.90 15.11
C PRO A 454 -36.04 -14.47 13.26
C PRO A 454 -38.58 -9.93 15.28
N VAL A 455 -34.93 -14.03 12.67
N VAL A 455 -37.41 -9.71 14.68
CA VAL A 455 -33.73 -14.85 12.54
CA VAL A 455 -36.38 -10.75 14.60
C VAL A 455 -32.52 -13.98 12.88
C VAL A 455 -35.01 -10.10 14.71
N LEU A 456 -31.65 -14.48 13.76
N LEU A 456 -34.03 -10.88 15.17
CA LEU A 456 -30.46 -13.75 14.19
CA LEU A 456 -32.66 -10.41 15.40
C LEU A 456 -30.84 -12.33 14.63
C LEU A 456 -32.66 -9.01 16.00
N ARG A 457 -31.76 -12.27 15.60
N ARG A 457 -33.38 -8.88 17.13
CA ARG A 457 -32.41 -11.00 15.95
CA ARG A 457 -33.60 -7.55 17.69
C ARG A 457 -31.43 -10.00 16.54
C ARG A 457 -32.32 -6.94 18.23
N HIS A 458 -30.41 -10.46 17.26
N HIS A 458 -31.35 -7.77 18.67
CA HIS A 458 -29.57 -9.56 18.03
CA HIS A 458 -30.16 -7.22 19.28
C HIS A 458 -28.83 -8.55 17.18
C HIS A 458 -29.38 -6.33 18.33
N PHE A 459 -28.68 -8.79 15.87
N PHE A 459 -29.57 -6.47 17.01
CA PHE A 459 -27.83 -7.93 15.08
CA PHE A 459 -28.80 -5.69 16.06
C PHE A 459 -28.49 -6.60 14.71
C PHE A 459 -29.34 -4.27 15.90
N THR A 460 -29.82 -6.56 14.59
N THR A 460 -30.67 -4.10 15.92
CA THR A 460 -30.52 -5.38 14.11
CA THR A 460 -31.29 -2.84 15.52
C THR A 460 -31.75 -5.02 14.93
C THR A 460 -32.12 -2.16 16.59
N ALA A 461 -31.93 -5.63 16.10
N ALA A 461 -32.43 -2.83 17.70
CA ALA A 461 -33.06 -5.29 16.96
CA ALA A 461 -33.41 -2.29 18.63
C ALA A 461 -32.84 -3.95 17.65
C ALA A 461 -32.92 -1.00 19.27
N ARG A 462 -33.94 -3.27 17.93
N ARG A 462 -33.85 -0.06 19.45
CA ARG A 462 -33.92 -2.02 18.68
CA ARG A 462 -33.62 1.16 20.21
C ARG A 462 -34.57 -2.25 20.03
C ARG A 462 -34.12 0.94 21.63
N LEU A 463 -33.95 -1.75 21.10
N LEU A 463 -33.31 1.32 22.62
CA LEU A 463 -34.33 -2.08 22.45
CA LEU A 463 -33.64 1.09 24.02
C LEU A 463 -34.72 -0.83 23.24
C LEU A 463 -33.79 2.42 24.74
N LYS A 464 -35.42 -1.06 24.36
N LYS A 464 -34.35 2.36 25.95
CA LYS A 464 -35.86 -0.01 25.27
CA LYS A 464 -34.66 3.55 26.74
C LYS A 464 -35.43 -0.37 26.69
C LYS A 464 -34.40 3.22 28.20
N PRO A 465 -34.82 0.55 27.42
N PRO A 465 -33.63 4.02 28.93
CA PRO A 465 -34.60 0.33 28.86
CA PRO A 465 -33.38 3.72 30.34
C PRO A 465 -35.88 0.61 29.64
C PRO A 465 -34.63 3.95 31.19
N ILE A 466 -35.78 0.49 30.96
N ILE A 466 -34.93 2.98 32.05
CA ILE A 466 -36.90 0.80 31.84
CA ILE A 466 -36.12 3.03 32.89
C ILE A 466 -36.37 1.49 33.10
C ILE A 466 -35.89 4.01 34.04
N ALA B 2 -9.58 0.99 -38.07
CA ALA B 2 -9.60 0.84 -36.61
C ALA B 2 -8.81 1.97 -35.98
N LYS B 3 -9.31 2.51 -34.86
CA LYS B 3 -8.76 3.69 -34.23
C LYS B 3 -8.32 3.38 -32.81
N ARG B 4 -7.08 3.69 -32.49
CA ARG B 4 -6.53 3.51 -31.16
CA ARG B 4 -6.56 3.49 -31.15
C ARG B 4 -6.76 4.77 -30.34
N ILE B 5 -7.31 4.61 -29.14
CA ILE B 5 -7.57 5.72 -28.23
C ILE B 5 -6.61 5.62 -27.06
N VAL B 6 -5.88 6.70 -26.79
CA VAL B 6 -4.83 6.69 -25.78
C VAL B 6 -5.40 6.61 -24.37
N GLU B 7 -4.63 5.98 -23.48
CA GLU B 7 -5.01 5.87 -22.08
C GLU B 7 -5.07 7.24 -21.42
N PRO B 8 -6.15 7.56 -20.69
CA PRO B 8 -6.19 8.79 -19.87
C PRO B 8 -5.59 8.56 -18.50
N PHE B 9 -4.53 7.76 -18.46
CA PHE B 9 -3.80 7.46 -17.25
C PHE B 9 -2.43 6.97 -17.69
N ARG B 10 -1.54 6.77 -16.73
CA ARG B 10 -0.29 6.10 -17.01
C ARG B 10 -0.15 4.96 -16.03
N ILE B 11 0.82 4.11 -16.28
CA ILE B 11 0.99 2.89 -15.52
C ILE B 11 1.80 3.18 -14.27
N LYS B 12 1.32 2.67 -13.14
CA LYS B 12 2.00 2.85 -11.87
C LYS B 12 2.54 1.56 -11.28
N MET B 13 1.93 0.42 -11.61
CA MET B 13 2.42 -0.87 -11.15
CA MET B 13 2.44 -0.87 -11.16
C MET B 13 2.13 -1.91 -12.22
N VAL B 14 3.07 -2.82 -12.44
CA VAL B 14 2.92 -3.87 -13.44
C VAL B 14 2.94 -5.25 -12.80
N GLU B 15 2.42 -6.22 -13.57
CA GLU B 15 2.35 -7.63 -13.23
C GLU B 15 2.87 -8.41 -14.44
N LYS B 16 3.91 -9.21 -14.22
CA LYS B 16 4.47 -10.00 -15.32
C LYS B 16 3.47 -11.01 -15.86
N ILE B 17 3.45 -11.17 -17.17
CA ILE B 17 2.73 -12.27 -17.82
C ILE B 17 3.64 -12.90 -18.85
N ARG B 18 3.33 -14.13 -19.24
CA ARG B 18 4.21 -14.88 -20.12
C ARG B 18 3.41 -15.79 -21.03
N VAL B 19 3.98 -16.07 -22.19
CA VAL B 19 3.41 -17.00 -23.16
C VAL B 19 4.05 -18.37 -22.93
N PRO B 20 3.30 -19.37 -22.47
CA PRO B 20 3.85 -20.72 -22.45
C PRO B 20 4.22 -21.14 -23.86
N SER B 21 5.19 -22.05 -23.96
CA SER B 21 5.56 -22.57 -25.25
C SER B 21 4.40 -23.37 -25.85
N ARG B 22 4.43 -23.54 -27.18
CA ARG B 22 3.39 -24.31 -27.84
CA ARG B 22 3.39 -24.33 -27.85
C ARG B 22 3.29 -25.71 -27.22
N GLU B 23 4.44 -26.33 -26.97
CA GLU B 23 4.47 -27.63 -26.31
C GLU B 23 3.78 -27.57 -24.96
N GLU B 24 4.05 -26.51 -24.18
CA GLU B 24 3.40 -26.37 -22.88
C GLU B 24 1.91 -26.10 -23.02
N ARG B 25 1.50 -25.33 -24.02
CA ARG B 25 0.07 -25.08 -24.21
C ARG B 25 -0.66 -26.35 -24.63
N GLU B 26 -0.08 -27.14 -25.54
N GLU B 26 -0.07 -27.15 -25.53
CA GLU B 26 -0.68 -28.42 -25.90
CA GLU B 26 -0.71 -28.41 -25.90
C GLU B 26 -0.87 -29.29 -24.67
C GLU B 26 -0.86 -29.32 -24.69
N ALA B 27 0.19 -29.43 -23.87
CA ALA B 27 0.08 -30.28 -22.68
C ALA B 27 -0.96 -29.74 -21.71
N ALA B 28 -1.00 -28.41 -21.52
CA ALA B 28 -1.92 -27.82 -20.55
C ALA B 28 -3.37 -28.00 -21.01
N LEU B 29 -3.65 -27.80 -22.30
CA LEU B 29 -5.02 -27.97 -22.77
C LEU B 29 -5.46 -29.42 -22.64
N LYS B 30 -4.58 -30.36 -22.96
CA LYS B 30 -4.89 -31.77 -22.78
C LYS B 30 -5.17 -32.08 -21.32
N GLU B 31 -4.31 -31.58 -20.41
CA GLU B 31 -4.54 -31.81 -19.00
C GLU B 31 -5.85 -31.20 -18.53
N ALA B 32 -6.24 -30.06 -19.10
CA ALA B 32 -7.49 -29.40 -18.78
C ALA B 32 -8.68 -29.98 -19.54
N GLY B 33 -8.52 -31.15 -20.15
CA GLY B 33 -9.64 -31.76 -20.85
C GLY B 33 -10.23 -30.88 -21.93
N TYR B 34 -9.37 -30.15 -22.65
CA TYR B 34 -9.80 -29.32 -23.77
C TYR B 34 -10.91 -28.36 -23.36
N ASN B 35 -10.89 -27.97 -22.09
CA ASN B 35 -11.80 -26.97 -21.53
C ASN B 35 -10.97 -25.88 -20.86
N PRO B 36 -10.81 -24.72 -21.50
CA PRO B 36 -9.98 -23.67 -20.90
C PRO B 36 -10.42 -23.23 -19.51
N PHE B 37 -11.70 -23.43 -19.12
CA PHE B 37 -12.11 -23.09 -17.77
C PHE B 37 -11.34 -23.88 -16.72
N LEU B 38 -10.75 -25.01 -17.09
CA LEU B 38 -9.98 -25.88 -16.21
C LEU B 38 -8.48 -25.59 -16.24
N LEU B 39 -8.04 -24.62 -17.03
CA LEU B 39 -6.63 -24.29 -17.07
C LEU B 39 -6.25 -23.49 -15.83
N PRO B 40 -5.08 -23.74 -15.25
CA PRO B 40 -4.55 -22.81 -14.26
C PRO B 40 -4.13 -21.52 -14.94
N SER B 41 -4.19 -20.43 -14.18
CA SER B 41 -3.80 -19.14 -14.75
C SER B 41 -2.36 -19.16 -15.22
N SER B 42 -1.52 -20.01 -14.62
CA SER B 42 -0.12 -20.11 -15.02
C SER B 42 0.04 -20.56 -16.47
N ALA B 43 -0.98 -21.18 -17.05
CA ALA B 43 -0.92 -21.64 -18.43
C ALA B 43 -1.47 -20.61 -19.41
N VAL B 44 -1.87 -19.44 -18.93
CA VAL B 44 -2.55 -18.45 -19.75
C VAL B 44 -1.67 -17.21 -19.89
N TYR B 45 -1.63 -16.68 -21.10
CA TYR B 45 -0.89 -15.45 -21.38
C TYR B 45 -1.77 -14.23 -21.15
N ILE B 46 -2.67 -13.95 -22.08
CA ILE B 46 -3.67 -12.89 -21.94
C ILE B 46 -4.98 -13.59 -21.60
N ASP B 47 -5.62 -13.18 -20.50
CA ASP B 47 -6.80 -13.87 -20.00
C ASP B 47 -8.03 -13.04 -20.34
N LEU B 48 -8.85 -13.57 -21.26
CA LEU B 48 -10.09 -12.94 -21.70
C LEU B 48 -11.31 -13.72 -21.29
N LEU B 49 -11.19 -14.55 -20.25
CA LEU B 49 -12.33 -15.32 -19.76
C LEU B 49 -13.45 -14.42 -19.28
N THR B 50 -13.10 -13.31 -18.62
CA THR B 50 -14.11 -12.43 -18.04
C THR B 50 -13.51 -11.06 -17.80
N ASP B 51 -14.40 -10.06 -17.71
CA ASP B 51 -14.06 -8.74 -17.20
C ASP B 51 -14.41 -8.58 -15.74
N SER B 52 -14.76 -9.67 -15.06
CA SER B 52 -15.22 -9.63 -13.69
C SER B 52 -14.09 -9.81 -12.70
N GLY B 53 -13.78 -8.76 -11.95
CA GLY B 53 -12.85 -8.87 -10.86
C GLY B 53 -11.39 -8.88 -11.24
N THR B 54 -11.08 -8.71 -12.52
CA THR B 54 -9.71 -8.74 -13.03
C THR B 54 -9.19 -7.34 -13.33
N ASN B 55 -9.93 -6.31 -12.94
CA ASN B 55 -9.60 -4.93 -13.30
C ASN B 55 -8.37 -4.44 -12.54
N ALA B 56 -7.71 -3.44 -13.12
CA ALA B 56 -6.63 -2.74 -12.43
C ALA B 56 -7.18 -1.53 -11.69
N MET B 57 -6.88 -1.45 -10.41
CA MET B 57 -7.30 -0.32 -9.60
C MET B 57 -6.32 0.85 -9.73
N SER B 58 -6.76 2.00 -9.24
CA SER B 58 -5.91 3.18 -9.23
C SER B 58 -5.12 3.29 -7.93
N ASP B 59 -4.12 4.17 -7.93
CA ASP B 59 -3.44 4.50 -6.69
C ASP B 59 -4.43 5.04 -5.64
N HIS B 60 -5.44 5.82 -6.05
CA HIS B 60 -6.40 6.31 -5.07
C HIS B 60 -7.22 5.18 -4.46
N GLN B 61 -7.55 4.15 -5.25
CA GLN B 61 -8.27 3.00 -4.71
C GLN B 61 -7.41 2.24 -3.72
N TRP B 62 -6.13 2.03 -4.05
CA TRP B 62 -5.25 1.34 -3.10
C TRP B 62 -5.06 2.15 -1.82
N ALA B 63 -4.97 3.48 -1.95
CA ALA B 63 -4.86 4.33 -0.77
C ALA B 63 -6.10 4.20 0.11
N ALA B 64 -7.28 4.20 -0.53
CA ALA B 64 -8.52 4.00 0.21
C ALA B 64 -8.52 2.67 0.94
N MET B 65 -7.99 1.62 0.32
CA MET B 65 -7.92 0.32 0.97
CA MET B 65 -7.93 0.33 0.99
C MET B 65 -7.07 0.38 2.23
N ILE B 66 -5.91 1.05 2.15
CA ILE B 66 -4.98 1.10 3.26
C ILE B 66 -5.59 1.77 4.48
N THR B 67 -6.46 2.75 4.29
CA THR B 67 -7.10 3.43 5.42
C THR B 67 -8.50 2.89 5.70
N GLY B 68 -8.88 1.79 5.06
CA GLY B 68 -10.20 1.23 5.26
C GLY B 68 -10.43 0.81 6.70
N ASP B 69 -11.69 0.94 7.12
CA ASP B 69 -12.13 0.68 8.49
C ASP B 69 -12.70 -0.74 8.55
N GLU B 70 -12.02 -1.62 9.28
CA GLU B 70 -12.42 -3.03 9.33
C GLU B 70 -13.43 -3.34 10.44
N ALA B 71 -14.01 -2.32 11.06
CA ALA B 71 -14.98 -2.53 12.11
C ALA B 71 -16.10 -3.46 11.63
N TYR B 72 -16.47 -4.39 12.51
CA TYR B 72 -17.54 -5.33 12.20
C TYR B 72 -18.87 -4.61 12.08
N ALA B 73 -19.10 -3.61 12.92
CA ALA B 73 -20.33 -2.83 12.89
C ALA B 73 -19.99 -1.35 12.77
N GLY B 74 -20.60 -0.68 11.79
CA GLY B 74 -20.51 0.76 11.70
C GLY B 74 -19.26 1.29 11.02
N SER B 75 -18.68 0.52 10.10
CA SER B 75 -17.49 0.97 9.40
C SER B 75 -17.69 2.34 8.75
N ARG B 76 -16.67 3.19 8.88
CA ARG B 76 -16.69 4.48 8.20
CA ARG B 76 -16.70 4.48 8.20
C ARG B 76 -17.05 4.33 6.73
N ASN B 77 -16.54 3.28 6.09
CA ASN B 77 -16.70 3.13 4.65
C ASN B 77 -18.11 2.71 4.27
N TYR B 78 -18.83 2.05 5.17
CA TYR B 78 -20.25 1.78 4.91
C TYR B 78 -21.03 3.08 4.73
N TYR B 79 -20.82 4.05 5.63
CA TYR B 79 -21.55 5.31 5.50
C TYR B 79 -21.13 6.06 4.25
N ASP B 80 -19.85 6.03 3.90
CA ASP B 80 -19.41 6.62 2.63
C ASP B 80 -20.12 5.96 1.45
N LEU B 81 -20.25 4.64 1.48
CA LEU B 81 -20.90 3.93 0.39
C LEU B 81 -22.38 4.30 0.31
N LYS B 82 -23.04 4.43 1.46
CA LYS B 82 -24.43 4.85 1.47
C LYS B 82 -24.59 6.23 0.86
N ASP B 83 -23.70 7.17 1.21
CA ASP B 83 -23.75 8.51 0.63
C ASP B 83 -23.50 8.47 -0.87
N LYS B 84 -22.60 7.58 -1.31
CA LYS B 84 -22.29 7.49 -2.74
C LYS B 84 -23.50 6.97 -3.53
N ALA B 85 -24.21 5.99 -2.98
CA ALA B 85 -25.41 5.49 -3.65
C ALA B 85 -26.48 6.56 -3.73
N LYS B 86 -26.62 7.37 -2.68
CA LYS B 86 -27.56 8.48 -2.73
C LYS B 86 -27.16 9.48 -3.81
N GLU B 87 -25.86 9.78 -3.90
CA GLU B 87 -25.39 10.72 -4.91
C GLU B 87 -25.65 10.22 -6.32
N LEU B 88 -25.25 8.98 -6.61
CA LEU B 88 -25.28 8.50 -7.98
C LEU B 88 -26.69 8.11 -8.42
N PHE B 89 -27.44 7.44 -7.55
CA PHE B 89 -28.71 6.82 -7.94
C PHE B 89 -29.93 7.50 -7.34
N ASN B 90 -29.74 8.33 -6.33
CA ASN B 90 -30.82 8.91 -5.54
C ASN B 90 -31.56 7.85 -4.74
N TYR B 91 -30.89 6.75 -4.40
CA TYR B 91 -31.51 5.69 -3.61
C TYR B 91 -31.11 5.84 -2.15
N ASP B 92 -32.05 5.57 -1.25
CA ASP B 92 -31.88 5.90 0.16
C ASP B 92 -31.37 4.76 1.04
N TYR B 93 -31.31 3.52 0.53
CA TYR B 93 -30.94 2.36 1.34
C TYR B 93 -29.90 1.53 0.61
N ILE B 94 -28.88 1.06 1.33
CA ILE B 94 -27.90 0.16 0.74
C ILE B 94 -27.67 -1.04 1.65
N ILE B 95 -27.31 -2.15 1.02
CA ILE B 95 -26.78 -3.33 1.69
C ILE B 95 -25.57 -3.78 0.89
N PRO B 96 -24.36 -3.69 1.41
CA PRO B 96 -23.22 -4.25 0.68
C PRO B 96 -23.37 -5.76 0.55
N ALA B 97 -22.76 -6.30 -0.50
CA ALA B 97 -22.71 -7.75 -0.69
C ALA B 97 -21.34 -8.12 -1.23
N HIS B 98 -20.95 -9.38 -1.09
CA HIS B 98 -19.57 -9.72 -1.41
C HIS B 98 -19.35 -9.69 -2.92
N GLN B 99 -20.38 -9.99 -3.72
CA GLN B 99 -20.33 -9.73 -5.16
C GLN B 99 -21.76 -9.78 -5.72
N GLY B 100 -21.88 -9.75 -7.04
CA GLY B 100 -23.19 -9.55 -7.65
C GLY B 100 -24.18 -10.66 -7.34
N ARG B 101 -23.74 -11.91 -7.40
CA ARG B 101 -24.65 -13.01 -7.11
C ARG B 101 -24.99 -13.10 -5.62
N GLY B 102 -24.14 -12.52 -4.76
CA GLY B 102 -24.54 -12.35 -3.37
C GLY B 102 -25.68 -11.34 -3.24
N ALA B 103 -25.60 -10.24 -3.98
CA ALA B 103 -26.69 -9.26 -3.98
C ALA B 103 -27.98 -9.89 -4.48
N GLU B 104 -27.88 -10.76 -5.49
CA GLU B 104 -29.07 -11.44 -6.00
C GLU B 104 -29.65 -12.38 -4.96
N ASN B 105 -28.79 -13.12 -4.26
CA ASN B 105 -29.28 -14.02 -3.22
C ASN B 105 -29.92 -13.24 -2.08
N ILE B 106 -29.47 -12.02 -1.81
CA ILE B 106 -30.12 -11.21 -0.79
C ILE B 106 -31.52 -10.79 -1.24
N LEU B 107 -31.64 -10.26 -2.46
CA LEU B 107 -32.85 -9.55 -2.84
C LEU B 107 -33.91 -10.44 -3.49
N PHE B 108 -33.54 -11.36 -4.36
CA PHE B 108 -34.55 -12.06 -5.14
C PHE B 108 -35.47 -12.95 -4.30
N PRO B 109 -34.95 -13.71 -3.32
CA PRO B 109 -35.89 -14.46 -2.45
C PRO B 109 -36.81 -13.54 -1.70
N VAL B 110 -36.31 -12.37 -1.30
CA VAL B 110 -37.12 -11.42 -0.56
C VAL B 110 -38.25 -10.90 -1.43
N LEU B 111 -37.96 -10.62 -2.70
CA LEU B 111 -39.00 -10.15 -3.62
C LEU B 111 -40.05 -11.23 -3.85
N LEU B 112 -39.64 -12.50 -3.96
CA LEU B 112 -40.61 -13.58 -4.14
C LEU B 112 -41.52 -13.71 -2.92
N LYS B 113 -40.93 -13.83 -1.73
CA LYS B 113 -41.74 -13.98 -0.53
C LYS B 113 -42.65 -12.78 -0.34
N TYR B 114 -42.16 -11.59 -0.70
CA TYR B 114 -42.95 -10.37 -0.55
C TYR B 114 -44.21 -10.43 -1.40
N LYS B 115 -44.12 -11.01 -2.60
CA LYS B 115 -45.28 -11.10 -3.46
C LYS B 115 -46.14 -12.31 -3.10
N GLN B 116 -45.52 -13.42 -2.70
CA GLN B 116 -46.28 -14.57 -2.22
C GLN B 116 -47.16 -14.20 -1.04
N LYS B 117 -46.70 -13.28 -0.20
CA LYS B 117 -47.42 -12.95 1.02
C LYS B 117 -48.76 -12.31 0.74
N GLU B 118 -48.92 -11.68 -0.42
CA GLU B 118 -50.16 -11.02 -0.79
C GLU B 118 -51.15 -11.97 -1.47
N GLY B 119 -50.88 -13.27 -1.43
CA GLY B 119 -51.70 -14.21 -2.17
C GLY B 119 -51.38 -14.28 -3.64
N LYS B 120 -50.22 -13.79 -4.05
CA LYS B 120 -49.83 -13.74 -5.46
C LYS B 120 -48.64 -14.65 -5.69
N ALA B 121 -48.02 -14.51 -6.86
CA ALA B 121 -46.84 -15.31 -7.21
C ALA B 121 -47.13 -16.80 -7.06
N LYS B 122 -48.36 -17.19 -7.42
CA LYS B 122 -48.74 -18.60 -7.39
C LYS B 122 -47.88 -19.42 -8.33
N ASN B 123 -47.68 -18.92 -9.55
CA ASN B 123 -46.82 -19.52 -10.57
C ASN B 123 -45.82 -18.44 -10.96
N PRO B 124 -44.79 -18.23 -10.15
CA PRO B 124 -44.00 -17.00 -10.26
C PRO B 124 -42.97 -17.02 -11.38
N VAL B 125 -42.76 -15.85 -11.97
CA VAL B 125 -41.74 -15.67 -12.99
C VAL B 125 -41.01 -14.34 -12.77
N PHE B 126 -39.80 -14.27 -13.33
CA PHE B 126 -39.05 -13.03 -13.49
C PHE B 126 -38.90 -12.76 -14.98
N ILE B 127 -38.95 -11.49 -15.37
CA ILE B 127 -38.79 -11.09 -16.77
C ILE B 127 -37.62 -10.11 -16.89
N SER B 128 -36.75 -10.34 -17.86
CA SER B 128 -35.60 -9.47 -18.11
C SER B 128 -35.42 -9.29 -19.60
N ASN B 129 -34.76 -8.19 -19.99
CA ASN B 129 -34.25 -8.13 -21.35
C ASN B 129 -33.32 -9.31 -21.60
N PHE B 130 -32.45 -9.61 -20.63
CA PHE B 130 -31.77 -10.90 -20.61
C PHE B 130 -31.14 -11.13 -19.23
N HIS B 131 -31.60 -12.18 -18.54
CA HIS B 131 -30.99 -12.57 -17.27
C HIS B 131 -29.59 -13.12 -17.51
N PHE B 132 -28.61 -12.59 -16.77
CA PHE B 132 -27.30 -13.23 -16.71
C PHE B 132 -27.44 -14.60 -16.05
N ASP B 133 -26.42 -15.45 -16.24
CA ASP B 133 -26.49 -16.84 -15.80
C ASP B 133 -26.77 -16.96 -14.31
N THR B 134 -26.00 -16.24 -13.48
CA THR B 134 -26.24 -16.31 -12.04
C THR B 134 -27.61 -15.78 -11.68
N THR B 135 -28.03 -14.72 -12.35
CA THR B 135 -29.33 -14.11 -12.10
C THR B 135 -30.43 -15.12 -12.36
N ALA B 136 -30.39 -15.78 -13.52
CA ALA B 136 -31.39 -16.79 -13.81
C ALA B 136 -31.31 -17.98 -12.85
N ALA B 137 -30.10 -18.33 -12.41
CA ALA B 137 -29.97 -19.45 -11.49
C ALA B 137 -30.66 -19.15 -10.17
N HIS B 138 -30.58 -17.91 -9.70
CA HIS B 138 -31.27 -17.55 -8.48
C HIS B 138 -32.77 -17.51 -8.69
N VAL B 139 -33.22 -17.04 -9.84
CA VAL B 139 -34.65 -17.11 -10.16
C VAL B 139 -35.12 -18.56 -10.04
N GLU B 140 -34.39 -19.48 -10.66
CA GLU B 140 -34.85 -20.88 -10.70
C GLU B 140 -34.68 -21.57 -9.35
N LEU B 141 -33.62 -21.24 -8.60
CA LEU B 141 -33.44 -21.80 -7.28
C LEU B 141 -34.60 -21.47 -6.35
N ASN B 142 -35.28 -20.35 -6.59
CA ASN B 142 -36.42 -19.92 -5.80
C ASN B 142 -37.74 -20.35 -6.41
N GLY B 143 -37.71 -21.30 -7.34
CA GLY B 143 -38.94 -21.86 -7.86
C GLY B 143 -39.64 -21.04 -8.91
N CYS B 144 -38.93 -20.13 -9.57
CA CYS B 144 -39.51 -19.24 -10.56
C CYS B 144 -38.91 -19.51 -11.93
N LYS B 145 -39.59 -19.05 -12.97
CA LYS B 145 -39.06 -19.12 -14.33
C LYS B 145 -38.41 -17.80 -14.70
N ALA B 146 -37.26 -17.88 -15.37
CA ALA B 146 -36.53 -16.72 -15.87
C ALA B 146 -36.85 -16.54 -17.35
N ILE B 147 -37.59 -15.48 -17.68
CA ILE B 147 -38.04 -15.20 -19.04
C ILE B 147 -37.16 -14.09 -19.61
N ASN B 148 -36.57 -14.34 -20.76
CA ASN B 148 -35.71 -13.37 -21.44
C ASN B 148 -36.40 -12.87 -22.70
N ILE B 149 -36.46 -11.54 -22.87
CA ILE B 149 -37.15 -10.97 -24.01
C ILE B 149 -36.36 -9.82 -24.66
N VAL B 150 -35.13 -10.10 -25.07
CA VAL B 150 -34.32 -9.07 -25.73
C VAL B 150 -34.90 -8.76 -27.11
N THR B 151 -34.65 -7.53 -27.58
CA THR B 151 -35.07 -7.11 -28.90
C THR B 151 -34.58 -8.06 -29.99
N GLU B 152 -35.41 -8.27 -31.01
CA GLU B 152 -35.00 -9.13 -32.12
C GLU B 152 -33.77 -8.58 -32.85
N LYS B 153 -33.48 -7.29 -32.72
CA LYS B 153 -32.32 -6.73 -33.38
C LYS B 153 -31.02 -7.35 -32.90
N ALA B 154 -31.01 -7.87 -31.66
CA ALA B 154 -29.81 -8.49 -31.11
C ALA B 154 -29.41 -9.76 -31.85
N PHE B 155 -30.33 -10.39 -32.58
CA PHE B 155 -30.03 -11.66 -33.23
C PHE B 155 -29.53 -11.50 -34.66
N ASP B 156 -29.50 -10.28 -35.19
CA ASP B 156 -28.86 -9.99 -36.46
C ASP B 156 -27.50 -9.38 -36.12
N SER B 157 -26.50 -10.25 -35.96
CA SER B 157 -25.24 -9.83 -35.38
C SER B 157 -24.57 -8.75 -36.22
N GLU B 158 -24.59 -8.91 -37.53
CA GLU B 158 -23.79 -8.03 -38.37
C GLU B 158 -24.46 -6.69 -38.64
N THR B 159 -25.77 -6.57 -38.41
CA THR B 159 -26.50 -5.35 -38.74
C THR B 159 -26.47 -4.39 -37.55
N TYR B 160 -25.91 -3.20 -37.77
CA TYR B 160 -25.82 -2.20 -36.73
C TYR B 160 -27.20 -1.82 -36.20
N ASP B 161 -27.28 -1.66 -34.87
CA ASP B 161 -28.39 -1.00 -34.22
C ASP B 161 -27.85 -0.30 -32.97
N ASP B 162 -28.47 0.82 -32.64
CA ASP B 162 -28.02 1.62 -31.50
C ASP B 162 -28.26 0.93 -30.16
N TRP B 163 -29.28 0.08 -30.07
CA TRP B 163 -29.76 -0.38 -28.77
C TRP B 163 -30.09 -1.87 -28.75
N LYS B 164 -29.08 -2.70 -29.02
CA LYS B 164 -29.30 -4.13 -29.09
C LYS B 164 -29.56 -4.78 -27.74
N GLY B 165 -29.50 -4.02 -26.65
CA GLY B 165 -29.87 -4.53 -25.35
C GLY B 165 -31.30 -4.29 -24.95
N ASP B 166 -32.07 -3.59 -25.77
CA ASP B 166 -33.43 -3.20 -25.41
C ASP B 166 -34.32 -4.38 -25.08
N PHE B 167 -35.29 -4.15 -24.20
CA PHE B 167 -36.45 -5.04 -24.07
C PHE B 167 -37.27 -5.06 -25.35
N ASP B 168 -37.81 -6.23 -25.70
CA ASP B 168 -38.88 -6.33 -26.70
C ASP B 168 -40.19 -5.99 -25.99
N ILE B 169 -40.71 -4.79 -26.23
CA ILE B 169 -41.87 -4.31 -25.50
C ILE B 169 -43.09 -5.18 -25.79
N LYS B 170 -43.21 -5.66 -27.04
CA LYS B 170 -44.33 -6.49 -27.42
C LYS B 170 -44.34 -7.79 -26.62
N LYS B 171 -43.18 -8.42 -26.49
CA LYS B 171 -43.06 -9.63 -25.68
C LYS B 171 -43.30 -9.35 -24.21
N LEU B 172 -42.90 -8.17 -23.74
CA LEU B 172 -43.19 -7.81 -22.35
C LEU B 172 -44.68 -7.82 -22.12
N LYS B 173 -45.44 -7.24 -23.05
CA LYS B 173 -46.89 -7.21 -22.87
C LYS B 173 -47.50 -8.59 -23.04
N GLU B 174 -46.99 -9.39 -23.99
CA GLU B 174 -47.50 -10.75 -24.16
C GLU B 174 -47.25 -11.60 -22.93
N ASN B 175 -46.10 -11.39 -22.27
CA ASN B 175 -45.80 -12.17 -21.07
C ASN B 175 -46.65 -11.72 -19.89
N ILE B 176 -46.94 -10.42 -19.81
CA ILE B 176 -47.82 -9.94 -18.76
C ILE B 176 -49.23 -10.49 -18.94
N ALA B 177 -49.73 -10.51 -20.17
CA ALA B 177 -51.06 -11.05 -20.41
C ALA B 177 -51.10 -12.55 -20.11
N GLN B 178 -50.04 -13.27 -20.46
CA GLN B 178 -50.01 -14.72 -20.31
C GLN B 178 -49.90 -15.11 -18.84
N HIS B 179 -48.95 -14.52 -18.12
CA HIS B 179 -48.70 -14.88 -16.74
C HIS B 179 -49.52 -14.06 -15.76
N GLY B 180 -49.90 -12.84 -16.15
CA GLY B 180 -50.54 -11.92 -15.23
C GLY B 180 -49.53 -11.24 -14.34
N ALA B 181 -49.77 -9.98 -13.97
CA ALA B 181 -48.85 -9.29 -13.09
C ALA B 181 -48.72 -9.98 -11.73
N ASP B 182 -49.77 -10.66 -11.28
CA ASP B 182 -49.72 -11.37 -10.00
C ASP B 182 -48.53 -12.32 -9.95
N ASN B 183 -48.16 -12.90 -11.09
CA ASN B 183 -47.13 -13.93 -11.13
C ASN B 183 -45.74 -13.37 -11.45
N ILE B 184 -45.63 -12.10 -11.83
CA ILE B 184 -44.35 -11.51 -12.21
C ILE B 184 -43.74 -10.92 -10.96
N VAL B 185 -42.77 -11.62 -10.39
CA VAL B 185 -42.17 -11.19 -9.13
C VAL B 185 -41.44 -9.87 -9.32
N ALA B 186 -40.72 -9.74 -10.43
CA ALA B 186 -39.96 -8.54 -10.72
C ALA B 186 -39.61 -8.53 -12.19
N ILE B 187 -39.38 -7.32 -12.70
CA ILE B 187 -38.70 -7.11 -13.97
C ILE B 187 -37.27 -6.71 -13.67
N VAL B 188 -36.33 -7.33 -14.37
CA VAL B 188 -34.90 -7.08 -14.18
C VAL B 188 -34.39 -6.42 -15.45
N SER B 189 -33.97 -5.16 -15.33
CA SER B 189 -33.39 -4.41 -16.44
C SER B 189 -31.88 -4.55 -16.34
N THR B 190 -31.29 -5.29 -17.26
CA THR B 190 -29.86 -5.57 -17.23
C THR B 190 -29.13 -4.55 -18.10
N VAL B 191 -28.27 -3.74 -17.49
CA VAL B 191 -27.58 -2.66 -18.20
C VAL B 191 -26.08 -2.74 -17.98
N THR B 192 -25.30 -2.71 -19.07
CA THR B 192 -25.69 -3.12 -20.42
C THR B 192 -26.25 -4.54 -20.36
N CYS B 193 -26.79 -5.00 -21.48
CA CYS B 193 -27.30 -6.36 -21.57
C CYS B 193 -26.14 -7.32 -21.87
N ASN B 194 -25.58 -7.92 -20.82
CA ASN B 194 -24.38 -8.74 -20.99
C ASN B 194 -24.61 -9.86 -21.99
N SER B 195 -25.69 -10.63 -21.81
CA SER B 195 -25.87 -11.84 -22.60
C SER B 195 -26.17 -11.54 -24.06
N ALA B 196 -26.61 -10.33 -24.39
CA ALA B 196 -26.80 -9.92 -25.78
C ALA B 196 -25.53 -9.35 -26.41
N GLY B 197 -24.41 -9.39 -25.69
CA GLY B 197 -23.16 -8.84 -26.20
C GLY B 197 -22.71 -7.55 -25.57
N GLY B 198 -23.09 -7.31 -24.31
CA GLY B 198 -22.78 -6.04 -23.68
C GLY B 198 -23.43 -4.86 -24.35
N GLN B 199 -24.63 -5.04 -24.89
CA GLN B 199 -25.26 -4.04 -25.73
C GLN B 199 -26.17 -3.15 -24.90
N PRO B 200 -26.20 -1.86 -25.21
CA PRO B 200 -26.90 -0.92 -24.34
C PRO B 200 -28.42 -0.96 -24.47
N VAL B 201 -29.06 -0.56 -23.37
CA VAL B 201 -30.50 -0.34 -23.29
C VAL B 201 -30.71 1.16 -23.36
N SER B 202 -31.60 1.61 -24.24
CA SER B 202 -31.81 3.04 -24.36
C SER B 202 -32.54 3.58 -23.14
N MET B 203 -32.42 4.89 -22.93
CA MET B 203 -33.19 5.52 -21.87
C MET B 203 -34.69 5.39 -22.14
N SER B 204 -35.10 5.58 -23.39
CA SER B 204 -36.53 5.50 -23.68
C SER B 204 -37.07 4.09 -23.42
N ASN B 205 -36.25 3.06 -23.63
CA ASN B 205 -36.65 1.68 -23.36
C ASN B 205 -36.75 1.43 -21.85
N LEU B 206 -35.73 1.85 -21.08
CA LEU B 206 -35.82 1.74 -19.63
C LEU B 206 -37.06 2.42 -19.10
N LYS B 207 -37.33 3.63 -19.60
CA LYS B 207 -38.50 4.39 -19.14
C LYS B 207 -39.80 3.69 -19.48
N GLU B 208 -39.93 3.20 -20.72
CA GLU B 208 -41.20 2.57 -21.10
C GLU B 208 -41.43 1.27 -20.34
N VAL B 209 -40.38 0.48 -20.14
CA VAL B 209 -40.49 -0.73 -19.34
C VAL B 209 -40.94 -0.40 -17.93
N TYR B 210 -40.37 0.65 -17.35
CA TYR B 210 -40.71 1.00 -15.97
C TYR B 210 -42.16 1.47 -15.89
N GLU B 211 -42.61 2.22 -16.88
CA GLU B 211 -44.00 2.67 -16.90
C GLU B 211 -44.96 1.49 -16.99
N ILE B 212 -44.70 0.54 -17.89
CA ILE B 212 -45.55 -0.64 -17.98
C ILE B 212 -45.51 -1.41 -16.66
N ALA B 213 -44.33 -1.56 -16.08
CA ALA B 213 -44.22 -2.31 -14.83
C ALA B 213 -45.05 -1.65 -13.73
N LYS B 214 -44.93 -0.34 -13.58
CA LYS B 214 -45.62 0.36 -12.50
C LYS B 214 -47.13 0.26 -12.66
N GLN B 215 -47.62 0.49 -13.89
CA GLN B 215 -49.06 0.39 -14.13
C GLN B 215 -49.60 -0.96 -13.73
N HIS B 216 -48.76 -1.99 -13.65
CA HIS B 216 -49.17 -3.33 -13.26
CA HIS B 216 -49.18 -3.32 -13.26
C HIS B 216 -48.69 -3.70 -11.86
N GLY B 217 -48.19 -2.75 -11.09
CA GLY B 217 -47.70 -3.04 -9.76
C GLY B 217 -46.44 -3.89 -9.69
N ILE B 218 -45.65 -3.92 -10.76
CA ILE B 218 -44.50 -4.82 -10.82
C ILE B 218 -43.24 -4.09 -10.37
N PHE B 219 -42.49 -4.73 -9.46
CA PHE B 219 -41.23 -4.21 -8.98
C PHE B 219 -40.15 -4.35 -10.05
N VAL B 220 -39.30 -3.32 -10.19
CA VAL B 220 -38.25 -3.30 -11.19
C VAL B 220 -36.88 -3.23 -10.52
N VAL B 221 -36.01 -4.18 -10.87
CA VAL B 221 -34.64 -4.23 -10.38
C VAL B 221 -33.71 -3.92 -11.55
N MET B 222 -32.77 -3.00 -11.34
CA MET B 222 -31.74 -2.72 -12.33
C MET B 222 -30.52 -3.56 -12.01
N ASP B 223 -30.19 -4.53 -12.86
CA ASP B 223 -28.94 -5.28 -12.75
C ASP B 223 -27.85 -4.38 -13.32
N SER B 224 -26.96 -3.90 -12.44
CA SER B 224 -26.18 -2.69 -12.69
C SER B 224 -24.69 -2.93 -12.84
N ALA B 225 -24.26 -4.18 -13.06
CA ALA B 225 -22.84 -4.46 -13.18
C ALA B 225 -22.13 -3.52 -14.14
N ARG B 226 -22.76 -3.24 -15.30
CA ARG B 226 -22.11 -2.42 -16.32
C ARG B 226 -22.95 -1.18 -16.62
N PHE B 227 -23.41 -0.54 -15.54
CA PHE B 227 -24.28 0.62 -15.67
C PHE B 227 -23.55 1.81 -16.25
N CYS B 228 -22.23 1.94 -16.02
CA CYS B 228 -21.51 3.10 -16.54
C CYS B 228 -21.28 2.98 -18.05
N GLU B 229 -20.97 1.77 -18.51
CA GLU B 229 -20.88 1.54 -19.94
C GLU B 229 -22.22 1.81 -20.61
N ASN B 230 -23.32 1.44 -19.96
CA ASN B 230 -24.63 1.74 -20.55
C ASN B 230 -24.84 3.25 -20.61
N ALA B 231 -24.50 3.96 -19.53
CA ALA B 231 -24.64 5.41 -19.52
C ALA B 231 -23.83 6.06 -20.63
N TYR B 232 -22.62 5.53 -20.88
CA TYR B 232 -21.78 6.09 -21.94
C TYR B 232 -22.47 5.95 -23.30
N PHE B 233 -23.01 4.76 -23.58
CA PHE B 233 -23.69 4.56 -24.85
C PHE B 233 -24.91 5.49 -24.98
N ILE B 234 -25.63 5.75 -23.89
CA ILE B 234 -26.77 6.66 -23.97
C ILE B 234 -26.28 8.06 -24.34
N LYS B 235 -25.21 8.53 -23.70
CA LYS B 235 -24.67 9.84 -24.04
C LYS B 235 -24.18 9.89 -25.48
N ALA B 236 -23.62 8.77 -25.95
CA ALA B 236 -23.04 8.73 -27.29
C ALA B 236 -24.10 8.65 -28.38
N ARG B 237 -25.23 8.00 -28.11
CA ARG B 237 -26.17 7.66 -29.17
C ARG B 237 -27.54 8.32 -29.06
N ASP B 238 -27.94 8.81 -27.89
CA ASP B 238 -29.23 9.47 -27.71
C ASP B 238 -29.03 10.97 -27.82
N PRO B 239 -29.56 11.64 -28.84
CA PRO B 239 -29.35 13.09 -28.97
C PRO B 239 -29.72 13.87 -27.73
N LYS B 240 -30.73 13.42 -26.98
CA LYS B 240 -31.19 14.16 -25.81
CA LYS B 240 -31.17 14.19 -25.81
C LYS B 240 -30.12 14.25 -24.72
N TYR B 241 -29.13 13.34 -24.74
CA TYR B 241 -28.10 13.31 -23.70
C TYR B 241 -26.72 13.67 -24.22
N LYS B 242 -26.63 14.22 -25.44
CA LYS B 242 -25.33 14.50 -26.03
C LYS B 242 -24.48 15.40 -25.14
N ASN B 243 -25.11 16.33 -24.43
CA ASN B 243 -24.39 17.29 -23.62
C ASN B 243 -24.53 17.02 -22.13
N ALA B 244 -25.09 15.88 -21.75
CA ALA B 244 -25.22 15.55 -20.34
C ALA B 244 -23.91 14.97 -19.82
N THR B 245 -23.68 15.12 -18.52
CA THR B 245 -22.59 14.39 -17.90
C THR B 245 -22.96 12.92 -17.76
N ILE B 246 -21.95 12.07 -17.62
CA ILE B 246 -22.23 10.66 -17.36
C ILE B 246 -23.09 10.52 -16.10
N LYS B 247 -22.77 11.29 -15.05
CA LYS B 247 -23.54 11.18 -13.81
C LYS B 247 -24.99 11.61 -14.02
N GLU B 248 -25.23 12.61 -14.88
CA GLU B 248 -26.59 13.02 -15.18
C GLU B 248 -27.35 11.94 -15.91
N VAL B 249 -26.68 11.21 -16.81
CA VAL B 249 -27.31 10.08 -17.48
C VAL B 249 -27.66 9.00 -16.46
N ILE B 250 -26.71 8.66 -15.59
CA ILE B 250 -26.95 7.65 -14.56
C ILE B 250 -28.14 8.05 -13.69
N PHE B 251 -28.17 9.29 -13.26
CA PHE B 251 -29.24 9.75 -12.38
C PHE B 251 -30.60 9.55 -13.04
N ASP B 252 -30.71 9.82 -14.34
CA ASP B 252 -31.97 9.58 -15.04
C ASP B 252 -32.27 8.09 -15.19
N MET B 253 -31.26 7.28 -15.53
CA MET B 253 -31.47 5.84 -15.66
C MET B 253 -32.18 5.29 -14.42
N TYR B 254 -31.73 5.68 -13.23
CA TYR B 254 -32.24 5.05 -12.01
C TYR B 254 -33.56 5.65 -11.56
N LYS B 255 -34.10 6.63 -12.28
CA LYS B 255 -35.52 6.94 -12.13
C LYS B 255 -36.41 5.80 -12.61
N TYR B 256 -35.85 4.82 -13.33
CA TYR B 256 -36.63 3.78 -14.00
C TYR B 256 -36.35 2.40 -13.42
N ALA B 257 -36.06 2.36 -12.11
CA ALA B 257 -36.04 1.14 -11.33
C ALA B 257 -36.43 1.46 -9.90
N ASP B 258 -36.78 0.43 -9.14
CA ASP B 258 -37.11 0.56 -7.73
C ASP B 258 -35.95 0.15 -6.84
N ALA B 259 -34.95 -0.51 -7.40
CA ALA B 259 -33.83 -1.07 -6.66
C ALA B 259 -32.79 -1.49 -7.69
N LEU B 260 -31.61 -1.81 -7.20
CA LEU B 260 -30.56 -2.31 -8.07
C LEU B 260 -29.81 -3.42 -7.36
N THR B 261 -29.32 -4.37 -8.14
CA THR B 261 -28.33 -5.35 -7.74
C THR B 261 -27.08 -5.07 -8.57
N MET B 262 -25.91 -5.08 -7.95
CA MET B 262 -24.71 -4.71 -8.67
C MET B 262 -23.56 -5.62 -8.33
N SER B 263 -22.91 -6.15 -9.38
CA SER B 263 -21.55 -6.66 -9.25
C SER B 263 -20.60 -5.48 -9.41
N ALA B 264 -19.97 -5.11 -8.33
CA ALA B 264 -18.98 -4.03 -8.39
C ALA B 264 -17.64 -4.52 -8.91
N LYS B 265 -17.54 -5.80 -9.29
CA LYS B 265 -16.38 -6.36 -9.97
C LYS B 265 -16.31 -5.96 -11.43
N LYS B 266 -17.29 -5.19 -11.92
CA LYS B 266 -17.32 -4.73 -13.30
CA LYS B 266 -17.28 -4.72 -13.29
C LYS B 266 -17.04 -3.24 -13.31
N ASP B 267 -18.04 -2.39 -13.57
CA ASP B 267 -17.80 -0.99 -13.82
C ASP B 267 -17.20 -0.21 -12.65
N PRO B 268 -17.43 -0.56 -11.38
CA PRO B 268 -16.73 0.13 -10.28
C PRO B 268 -15.26 -0.26 -10.11
N LEU B 269 -14.69 -1.04 -11.04
CA LEU B 269 -13.24 -1.21 -11.15
C LEU B 269 -12.63 -1.93 -9.94
N LEU B 270 -13.29 -3.00 -9.49
CA LEU B 270 -12.86 -3.75 -8.31
C LEU B 270 -12.47 -5.18 -8.66
N ASN B 271 -11.84 -5.83 -7.69
CA ASN B 271 -11.52 -7.25 -7.76
C ASN B 271 -12.49 -8.11 -6.98
N ILE B 272 -13.32 -7.48 -6.15
CA ILE B 272 -14.37 -8.15 -5.38
C ILE B 272 -15.33 -7.05 -4.95
N GLY B 273 -16.58 -7.42 -4.68
CA GLY B 273 -17.56 -6.47 -4.21
C GLY B 273 -18.89 -6.47 -4.94
N GLY B 274 -19.96 -6.24 -4.19
CA GLY B 274 -21.31 -6.15 -4.71
C GLY B 274 -22.12 -5.17 -3.88
N LEU B 275 -23.33 -4.91 -4.35
CA LEU B 275 -24.18 -3.90 -3.74
C LEU B 275 -25.64 -4.16 -4.06
N VAL B 276 -26.49 -4.06 -3.03
CA VAL B 276 -27.93 -3.87 -3.18
C VAL B 276 -28.23 -2.43 -2.77
N ALA B 277 -28.99 -1.72 -3.61
CA ALA B 277 -29.51 -0.42 -3.23
C ALA B 277 -31.00 -0.39 -3.52
N ILE B 278 -31.75 0.26 -2.63
CA ILE B 278 -33.19 0.31 -2.72
C ILE B 278 -33.60 1.78 -2.68
N ARG B 279 -34.46 2.16 -3.61
CA ARG B 279 -34.82 3.57 -3.77
CA ARG B 279 -34.80 3.56 -3.76
C ARG B 279 -35.49 4.11 -2.51
N ASP B 280 -36.62 3.50 -2.12
CA ASP B 280 -37.31 4.01 -0.93
C ASP B 280 -38.26 3.04 -0.24
N ASN B 281 -38.33 1.79 -0.69
CA ASN B 281 -39.22 0.81 -0.06
C ASN B 281 -38.53 0.27 1.18
N GLU B 282 -38.87 0.82 2.34
CA GLU B 282 -38.16 0.45 3.56
C GLU B 282 -38.48 -0.97 4.01
N GLU B 283 -39.70 -1.45 3.72
CA GLU B 283 -40.04 -2.83 4.07
C GLU B 283 -39.14 -3.83 3.36
N ILE B 284 -38.99 -3.66 2.05
CA ILE B 284 -38.10 -4.54 1.27
CA ILE B 284 -38.12 -4.56 1.30
C ILE B 284 -36.68 -4.46 1.80
N PHE B 285 -36.23 -3.25 2.12
CA PHE B 285 -34.90 -3.05 2.68
C PHE B 285 -34.74 -3.84 3.99
N THR B 286 -35.73 -3.76 4.87
CA THR B 286 -35.66 -4.49 6.14
C THR B 286 -35.63 -5.99 5.92
N LEU B 287 -36.47 -6.49 5.02
CA LEU B 287 -36.48 -7.92 4.72
C LEU B 287 -35.16 -8.36 4.10
N ALA B 288 -34.59 -7.54 3.22
CA ALA B 288 -33.31 -7.90 2.61
C ALA B 288 -32.19 -7.90 3.64
N ARG B 289 -32.22 -6.95 4.59
CA ARG B 289 -31.23 -6.96 5.66
C ARG B 289 -31.33 -8.25 6.46
N GLN B 290 -32.56 -8.71 6.71
CA GLN B 290 -32.74 -9.92 7.50
C GLN B 290 -32.14 -11.13 6.79
N ARG B 291 -32.20 -11.15 5.46
CA ARG B 291 -31.56 -12.22 4.71
C ARG B 291 -30.05 -12.03 4.60
N CYS B 292 -29.60 -10.78 4.54
CA CYS B 292 -28.16 -10.52 4.45
C CYS B 292 -27.40 -11.13 5.62
N VAL B 293 -27.94 -11.01 6.83
CA VAL B 293 -27.20 -11.43 8.02
C VAL B 293 -26.77 -12.89 7.96
N PRO B 294 -27.66 -13.85 7.68
CA PRO B 294 -27.16 -15.25 7.63
C PRO B 294 -26.37 -15.58 6.37
N MET B 295 -26.63 -14.94 5.24
CA MET B 295 -26.05 -15.35 3.97
CA MET B 295 -26.03 -15.38 3.99
C MET B 295 -24.73 -14.65 3.64
N GLU B 296 -24.61 -13.39 4.01
CA GLU B 296 -23.47 -12.56 3.60
C GLU B 296 -22.64 -12.07 4.76
N GLY B 297 -23.26 -11.48 5.76
CA GLY B 297 -22.54 -10.87 6.86
C GLY B 297 -23.42 -9.83 7.52
N PHE B 298 -22.84 -9.16 8.52
CA PHE B 298 -23.59 -8.08 9.15
C PHE B 298 -23.88 -6.99 8.13
N VAL B 299 -24.93 -6.19 8.40
CA VAL B 299 -25.51 -5.34 7.37
C VAL B 299 -24.66 -4.13 7.02
N THR B 300 -23.61 -3.82 7.79
CA THR B 300 -22.71 -2.72 7.42
C THR B 300 -21.40 -3.19 6.79
N TYR B 301 -21.26 -4.48 6.46
CA TYR B 301 -20.18 -4.89 5.56
C TYR B 301 -20.56 -5.96 4.55
N GLY B 302 -21.60 -6.77 4.80
CA GLY B 302 -22.18 -7.61 3.76
C GLY B 302 -21.22 -8.57 3.11
N GLY B 303 -20.26 -9.09 3.86
CA GLY B 303 -19.32 -10.05 3.34
C GLY B 303 -18.09 -9.45 2.68
N LEU B 304 -17.88 -8.14 2.85
CA LEU B 304 -16.70 -7.45 2.35
C LEU B 304 -15.81 -7.00 3.49
N ALA B 305 -14.49 -7.05 3.27
CA ALA B 305 -13.58 -6.31 4.12
C ALA B 305 -13.86 -4.81 4.00
N GLY B 306 -13.61 -4.09 5.09
CA GLY B 306 -13.77 -2.64 5.04
C GLY B 306 -12.96 -2.00 3.93
N ARG B 307 -11.76 -2.53 3.68
CA ARG B 307 -10.93 -1.97 2.62
C ARG B 307 -11.61 -2.11 1.26
N ASP B 308 -12.44 -3.12 1.08
CA ASP B 308 -13.12 -3.27 -0.20
C ASP B 308 -14.33 -2.34 -0.34
N MET B 309 -15.05 -2.06 0.74
CA MET B 309 -16.03 -0.98 0.67
C MET B 309 -15.34 0.34 0.35
N ALA B 310 -14.17 0.59 0.95
CA ALA B 310 -13.42 1.80 0.66
C ALA B 310 -13.05 1.87 -0.83
N ALA B 311 -12.56 0.75 -1.38
CA ALA B 311 -12.19 0.73 -2.80
C ALA B 311 -13.42 0.94 -3.68
N MET B 312 -14.58 0.42 -3.25
CA MET B 312 -15.81 0.56 -4.02
C MET B 312 -16.27 2.01 -4.07
N VAL B 313 -16.16 2.74 -2.95
CA VAL B 313 -16.57 4.13 -2.94
C VAL B 313 -15.76 4.93 -3.95
N GLN B 314 -14.45 4.70 -4.01
CA GLN B 314 -13.60 5.38 -4.97
C GLN B 314 -13.84 4.86 -6.39
N GLY B 315 -13.99 3.54 -6.56
CA GLY B 315 -14.21 3.00 -7.89
C GLY B 315 -15.53 3.40 -8.50
N LEU B 316 -16.57 3.55 -7.67
CA LEU B 316 -17.84 4.04 -8.19
C LEU B 316 -17.65 5.39 -8.85
N GLU B 317 -16.83 6.25 -8.26
CA GLU B 317 -16.53 7.54 -8.88
C GLU B 317 -15.72 7.37 -10.15
N GLU B 318 -14.62 6.62 -10.10
CA GLU B 318 -13.74 6.48 -11.26
C GLU B 318 -14.46 5.85 -12.44
N GLY B 319 -15.37 4.91 -12.19
CA GLY B 319 -16.06 4.23 -13.27
C GLY B 319 -17.02 5.11 -14.05
N THR B 320 -17.38 6.27 -13.51
CA THR B 320 -18.24 7.21 -14.20
C THR B 320 -17.48 8.21 -15.05
N GLU B 321 -16.15 8.23 -14.98
CA GLU B 321 -15.40 9.29 -15.65
C GLU B 321 -15.42 9.09 -17.15
N GLU B 322 -15.86 10.12 -17.87
CA GLU B 322 -16.11 9.97 -19.30
C GLU B 322 -14.83 9.70 -20.08
N GLU B 323 -13.72 10.33 -19.70
CA GLU B 323 -12.48 10.09 -20.43
C GLU B 323 -12.07 8.62 -20.32
N TYR B 324 -12.19 8.05 -19.12
CA TYR B 324 -11.91 6.63 -18.94
C TYR B 324 -12.87 5.77 -19.77
N LEU B 325 -14.18 6.08 -19.71
CA LEU B 325 -15.15 5.25 -20.43
C LEU B 325 -14.91 5.31 -21.93
N HIS B 326 -14.60 6.50 -22.45
CA HIS B 326 -14.32 6.64 -23.89
C HIS B 326 -13.15 5.76 -24.30
N TYR B 327 -12.09 5.77 -23.50
CA TYR B 327 -10.94 4.91 -23.78
CA TYR B 327 -10.93 4.92 -23.79
C TYR B 327 -11.28 3.44 -23.65
N ARG B 328 -12.01 3.07 -22.59
CA ARG B 328 -12.29 1.66 -22.33
C ARG B 328 -13.15 1.05 -23.42
N ILE B 329 -14.27 1.69 -23.72
CA ILE B 329 -15.17 1.22 -24.75
C ILE B 329 -14.51 1.37 -26.11
N GLY B 330 -13.66 2.39 -26.29
CA GLY B 330 -12.94 2.53 -27.54
C GLY B 330 -11.92 1.43 -27.79
N GLN B 331 -11.32 0.91 -26.72
CA GLN B 331 -10.41 -0.24 -26.86
C GLN B 331 -11.17 -1.49 -27.29
N VAL B 332 -12.33 -1.76 -26.69
CA VAL B 332 -13.16 -2.88 -27.15
C VAL B 332 -13.52 -2.70 -28.61
N LYS B 333 -13.90 -1.48 -29.00
CA LYS B 333 -14.25 -1.20 -30.39
C LYS B 333 -13.06 -1.44 -31.31
N TYR B 334 -11.87 -1.04 -30.86
CA TYR B 334 -10.66 -1.24 -31.65
C TYR B 334 -10.43 -2.72 -31.94
N LEU B 335 -10.49 -3.56 -30.91
CA LEU B 335 -10.39 -5.01 -31.14
C LEU B 335 -11.44 -5.48 -32.13
N GLY B 336 -12.68 -5.03 -31.97
CA GLY B 336 -13.73 -5.43 -32.88
C GLY B 336 -13.47 -5.00 -34.31
N ASP B 337 -12.98 -3.78 -34.49
CA ASP B 337 -12.74 -3.28 -35.84
C ASP B 337 -11.55 -3.99 -36.49
N ARG B 338 -10.51 -4.31 -35.72
CA ARG B 338 -9.43 -5.14 -36.27
C ARG B 338 -9.99 -6.44 -36.83
N LEU B 339 -10.91 -7.07 -36.10
CA LEU B 339 -11.45 -8.35 -36.54
C LEU B 339 -12.39 -8.15 -37.71
N ARG B 340 -13.32 -7.19 -37.60
CA ARG B 340 -14.29 -6.97 -38.65
C ARG B 340 -13.61 -6.58 -39.97
N GLU B 341 -12.55 -5.78 -39.87
CA GLU B 341 -11.84 -5.35 -41.08
C GLU B 341 -11.09 -6.50 -41.74
N ALA B 342 -10.81 -7.56 -40.99
CA ALA B 342 -10.19 -8.76 -41.55
C ALA B 342 -11.22 -9.81 -41.97
N GLY B 343 -12.51 -9.50 -41.91
CA GLY B 343 -13.52 -10.45 -42.33
C GLY B 343 -13.99 -11.42 -41.28
N ILE B 344 -13.65 -11.21 -40.01
CA ILE B 344 -14.11 -12.07 -38.91
C ILE B 344 -15.44 -11.53 -38.43
N PRO B 345 -16.51 -12.33 -38.44
CA PRO B 345 -17.84 -11.78 -38.08
C PRO B 345 -17.96 -11.56 -36.58
N ILE B 346 -18.47 -10.39 -36.19
CA ILE B 346 -18.68 -10.08 -34.79
C ILE B 346 -20.07 -9.51 -34.58
N GLN B 347 -20.51 -9.49 -33.32
CA GLN B 347 -21.68 -8.72 -32.94
C GLN B 347 -21.34 -7.25 -33.12
N TYR B 348 -22.13 -6.55 -33.94
CA TYR B 348 -21.77 -5.21 -34.38
C TYR B 348 -22.96 -4.30 -34.11
N PRO B 349 -22.77 -3.15 -33.45
CA PRO B 349 -21.52 -2.59 -32.92
C PRO B 349 -21.06 -3.34 -31.68
N THR B 350 -19.78 -3.22 -31.35
CA THR B 350 -19.30 -3.80 -30.11
C THR B 350 -19.97 -3.12 -28.92
N GLY B 351 -20.15 -3.91 -27.87
CA GLY B 351 -20.68 -3.43 -26.61
C GLY B 351 -19.57 -2.90 -25.73
N GLY B 352 -19.86 -2.84 -24.42
CA GLY B 352 -18.98 -2.09 -23.55
C GLY B 352 -17.74 -2.81 -23.11
N HIS B 353 -17.79 -4.15 -23.00
CA HIS B 353 -16.80 -4.89 -22.23
C HIS B 353 -16.19 -6.08 -22.96
N ALA B 354 -16.62 -6.38 -24.18
CA ALA B 354 -16.21 -7.62 -24.82
C ALA B 354 -16.53 -7.55 -26.29
N VAL B 355 -15.76 -8.29 -27.08
CA VAL B 355 -16.08 -8.55 -28.48
C VAL B 355 -16.62 -9.96 -28.57
N PHE B 356 -17.78 -10.11 -29.22
CA PHE B 356 -18.43 -11.41 -29.40
C PHE B 356 -18.22 -11.83 -30.85
N VAL B 357 -17.46 -12.90 -31.06
CA VAL B 357 -17.16 -13.41 -32.39
C VAL B 357 -18.19 -14.49 -32.71
N ASP B 358 -18.85 -14.36 -33.86
CA ASP B 358 -19.90 -15.29 -34.29
C ASP B 358 -19.21 -16.44 -34.99
N CYS B 359 -19.10 -17.58 -34.30
CA CYS B 359 -18.32 -18.70 -34.81
C CYS B 359 -19.08 -19.60 -35.79
N LYS B 360 -20.39 -19.40 -35.95
CA LYS B 360 -21.12 -20.22 -36.90
C LYS B 360 -20.46 -20.21 -38.28
N LYS B 361 -20.05 -19.03 -38.74
CA LYS B 361 -19.51 -18.87 -40.08
C LYS B 361 -18.05 -19.30 -40.20
N LEU B 362 -17.31 -19.33 -39.09
CA LEU B 362 -15.89 -19.64 -39.17
C LEU B 362 -15.66 -21.15 -39.33
N VAL B 363 -16.50 -21.96 -38.71
CA VAL B 363 -16.28 -23.41 -38.67
C VAL B 363 -17.57 -24.12 -39.08
N PRO B 364 -18.00 -23.99 -40.33
CA PRO B 364 -19.26 -24.62 -40.74
C PRO B 364 -19.21 -26.14 -40.74
N GLN B 365 -18.02 -26.75 -40.74
CA GLN B 365 -17.93 -28.19 -40.66
C GLN B 365 -18.26 -28.74 -39.27
N ILE B 366 -18.51 -27.89 -38.28
CA ILE B 366 -18.75 -28.30 -36.91
C ILE B 366 -20.20 -27.95 -36.55
N PRO B 367 -21.07 -28.93 -36.33
CA PRO B 367 -22.44 -28.62 -35.92
C PRO B 367 -22.52 -28.12 -34.48
N GLY B 368 -23.66 -27.52 -34.16
CA GLY B 368 -23.81 -26.89 -32.85
C GLY B 368 -23.54 -27.84 -31.70
N ASP B 369 -23.94 -29.11 -31.85
CA ASP B 369 -23.77 -30.08 -30.78
C ASP B 369 -22.34 -30.57 -30.64
N GLN B 370 -21.43 -30.11 -31.51
CA GLN B 370 -20.00 -30.38 -31.36
C GLN B 370 -19.22 -29.12 -30.95
N PHE B 371 -19.93 -28.02 -30.61
CA PHE B 371 -19.39 -26.86 -29.92
C PHE B 371 -18.44 -26.06 -30.80
N PRO B 372 -18.96 -25.51 -31.90
CA PRO B 372 -18.10 -24.76 -32.83
C PRO B 372 -17.31 -23.63 -32.18
N ALA B 373 -17.93 -22.87 -31.27
CA ALA B 373 -17.21 -21.77 -30.66
C ALA B 373 -16.12 -22.27 -29.73
N GLN B 374 -16.35 -23.39 -29.05
CA GLN B 374 -15.30 -23.96 -28.21
C GLN B 374 -14.14 -24.46 -29.05
N ALA B 375 -14.41 -24.99 -30.25
CA ALA B 375 -13.30 -25.41 -31.11
C ALA B 375 -12.46 -24.22 -31.52
N VAL B 376 -13.09 -23.07 -31.81
CA VAL B 376 -12.33 -21.88 -32.17
C VAL B 376 -11.53 -21.40 -30.97
N ILE B 377 -12.15 -21.36 -29.79
CA ILE B 377 -11.46 -20.92 -28.58
C ILE B 377 -10.23 -21.78 -28.33
N ASN B 378 -10.37 -23.09 -28.45
CA ASN B 378 -9.26 -23.98 -28.16
C ASN B 378 -8.12 -23.76 -29.16
N ALA B 379 -8.45 -23.59 -30.44
CA ALA B 379 -7.42 -23.30 -31.44
C ALA B 379 -6.72 -21.97 -31.14
N LEU B 380 -7.50 -20.97 -30.73
CA LEU B 380 -6.90 -19.68 -30.37
C LEU B 380 -5.92 -19.86 -29.21
N TYR B 381 -6.31 -20.61 -28.19
CA TYR B 381 -5.41 -20.84 -27.06
C TYR B 381 -4.14 -21.57 -27.51
N LEU B 382 -4.29 -22.66 -28.27
CA LEU B 382 -3.11 -23.40 -28.72
C LEU B 382 -2.21 -22.53 -29.57
N GLU B 383 -2.78 -21.58 -30.32
CA GLU B 383 -1.99 -20.74 -31.19
C GLU B 383 -1.28 -19.61 -30.45
N SER B 384 -1.80 -19.18 -29.29
CA SER B 384 -1.39 -17.89 -28.77
C SER B 384 -1.31 -17.78 -27.25
N GLY B 385 -1.88 -18.73 -26.52
CA GLY B 385 -1.96 -18.60 -25.08
C GLY B 385 -3.07 -17.69 -24.58
N VAL B 386 -3.91 -17.16 -25.46
CA VAL B 386 -5.05 -16.36 -25.08
C VAL B 386 -6.19 -17.29 -24.67
N ARG B 387 -6.83 -16.98 -23.55
CA ARG B 387 -7.96 -17.75 -23.06
C ARG B 387 -9.23 -16.93 -23.22
N ALA B 388 -10.16 -17.42 -24.05
CA ALA B 388 -11.47 -16.83 -24.20
C ALA B 388 -12.52 -17.79 -23.67
N VAL B 389 -13.79 -17.39 -23.76
CA VAL B 389 -14.88 -18.15 -23.19
C VAL B 389 -16.03 -18.30 -24.18
N GLU B 390 -16.75 -19.42 -24.09
CA GLU B 390 -17.80 -19.76 -25.04
C GLU B 390 -19.15 -19.30 -24.51
N ILE B 391 -19.91 -18.63 -25.38
CA ILE B 391 -21.29 -18.24 -25.12
C ILE B 391 -22.10 -18.82 -26.27
N GLY B 392 -22.27 -20.14 -26.28
CA GLY B 392 -22.93 -20.83 -27.38
C GLY B 392 -23.57 -22.12 -26.90
N SER B 393 -23.51 -23.16 -27.75
CA SER B 393 -24.17 -24.43 -27.45
C SER B 393 -23.59 -25.13 -26.23
N PHE B 394 -22.28 -25.03 -26.02
CA PHE B 394 -21.66 -25.64 -24.84
C PHE B 394 -22.28 -25.09 -23.57
N LEU B 395 -22.32 -23.76 -23.44
CA LEU B 395 -22.93 -23.11 -22.29
C LEU B 395 -24.43 -23.38 -22.23
N LEU B 396 -25.10 -23.40 -23.37
CA LEU B 396 -26.56 -23.44 -23.39
C LEU B 396 -27.10 -24.73 -22.78
N GLY B 397 -26.43 -25.85 -23.02
CA GLY B 397 -26.81 -27.10 -22.40
C GLY B 397 -27.86 -27.86 -23.18
N ARG B 398 -28.45 -28.83 -22.49
CA ARG B 398 -29.40 -29.76 -23.09
C ARG B 398 -30.83 -29.39 -22.73
N ASP B 399 -31.76 -29.78 -23.60
CA ASP B 399 -33.18 -29.60 -23.35
C ASP B 399 -33.64 -30.66 -22.35
N PRO B 400 -34.17 -30.29 -21.19
CA PRO B 400 -34.63 -31.32 -20.24
C PRO B 400 -35.66 -32.28 -20.82
N ALA B 401 -36.55 -31.79 -21.68
CA ALA B 401 -37.63 -32.64 -22.17
C ALA B 401 -37.11 -33.75 -23.08
N THR B 402 -36.07 -33.48 -23.87
CA THR B 402 -35.57 -34.43 -24.84
C THR B 402 -34.19 -34.99 -24.50
N GLY B 403 -33.42 -34.31 -23.65
CA GLY B 403 -32.05 -34.69 -23.40
C GLY B 403 -31.09 -34.33 -24.51
N GLU B 404 -31.54 -33.68 -25.57
CA GLU B 404 -30.70 -33.32 -26.69
C GLU B 404 -30.18 -31.89 -26.55
N GLN B 405 -29.11 -31.60 -27.29
CA GLN B 405 -28.55 -30.26 -27.31
C GLN B 405 -29.60 -29.23 -27.64
N LYS B 406 -29.71 -28.20 -26.80
CA LYS B 406 -30.61 -27.09 -27.07
C LYS B 406 -30.11 -26.29 -28.25
N HIS B 407 -31.03 -25.84 -29.10
CA HIS B 407 -30.64 -25.06 -30.27
C HIS B 407 -30.14 -23.69 -29.83
N ALA B 408 -28.89 -23.37 -30.20
CA ALA B 408 -28.28 -22.10 -29.84
C ALA B 408 -28.67 -21.05 -30.88
N ASP B 409 -29.27 -19.95 -30.41
CA ASP B 409 -29.56 -18.84 -31.31
C ASP B 409 -28.28 -18.19 -31.81
N MET B 410 -27.19 -18.28 -31.04
CA MET B 410 -25.91 -17.73 -31.45
C MET B 410 -24.79 -18.58 -30.85
N GLU B 411 -23.71 -18.74 -31.63
CA GLU B 411 -22.51 -19.46 -31.21
C GLU B 411 -21.35 -18.46 -31.08
N PHE B 412 -21.23 -17.82 -29.93
CA PHE B 412 -20.27 -16.75 -29.73
C PHE B 412 -19.03 -17.25 -29.00
N MET B 413 -17.88 -16.77 -29.44
CA MET B 413 -16.68 -16.71 -28.62
C MET B 413 -16.59 -15.30 -28.04
N ARG B 414 -16.49 -15.20 -26.72
CA ARG B 414 -16.44 -13.90 -26.05
C ARG B 414 -15.01 -13.58 -25.70
N LEU B 415 -14.50 -12.48 -26.25
CA LEU B 415 -13.19 -11.92 -25.92
C LEU B 415 -13.48 -10.83 -24.90
N THR B 416 -13.41 -11.18 -23.61
CA THR B 416 -13.86 -10.31 -22.53
C THR B 416 -12.66 -9.50 -22.02
N ILE B 417 -12.83 -8.19 -21.91
CA ILE B 417 -11.69 -7.30 -21.67
C ILE B 417 -11.78 -6.68 -20.27
N ALA B 418 -10.80 -7.01 -19.42
CA ALA B 418 -10.68 -6.36 -18.11
C ALA B 418 -10.38 -4.87 -18.27
N ARG B 419 -10.73 -4.11 -17.24
CA ARG B 419 -10.59 -2.65 -17.30
C ARG B 419 -9.20 -2.22 -16.86
N ARG B 420 -8.54 -1.45 -17.73
CA ARG B 420 -7.26 -0.78 -17.46
C ARG B 420 -6.12 -1.76 -17.26
N VAL B 421 -6.19 -2.93 -17.90
CA VAL B 421 -5.22 -4.00 -17.70
C VAL B 421 -4.34 -4.20 -18.93
N TYR B 422 -4.95 -4.24 -20.11
CA TYR B 422 -4.28 -4.60 -21.35
C TYR B 422 -4.23 -3.38 -22.25
N THR B 423 -3.16 -3.28 -23.04
CA THR B 423 -2.97 -2.17 -23.95
C THR B 423 -3.54 -2.52 -25.31
N ASN B 424 -3.56 -1.53 -26.21
CA ASN B 424 -3.99 -1.84 -27.57
C ASN B 424 -2.98 -2.71 -28.31
N ASP B 425 -1.73 -2.81 -27.83
CA ASP B 425 -0.82 -3.78 -28.40
C ASP B 425 -1.16 -5.21 -27.96
N HIS B 426 -1.69 -5.37 -26.74
CA HIS B 426 -2.30 -6.64 -26.37
C HIS B 426 -3.51 -6.95 -27.25
N MET B 427 -4.33 -5.94 -27.55
CA MET B 427 -5.46 -6.15 -28.47
C MET B 427 -4.98 -6.63 -29.83
N ASP B 428 -3.92 -6.03 -30.37
CA ASP B 428 -3.37 -6.47 -31.65
C ASP B 428 -2.89 -7.91 -31.58
N TYR B 429 -2.28 -8.31 -30.45
CA TYR B 429 -1.84 -9.70 -30.29
C TYR B 429 -3.02 -10.65 -30.41
N ILE B 430 -4.13 -10.30 -29.76
CA ILE B 430 -5.34 -11.12 -29.80
C ILE B 430 -5.87 -11.21 -31.23
N ALA B 431 -6.03 -10.04 -31.85
CA ALA B 431 -6.61 -9.98 -33.19
C ALA B 431 -5.74 -10.71 -34.19
N ASP B 432 -4.42 -10.47 -34.13
CA ASP B 432 -3.50 -11.12 -35.06
C ASP B 432 -3.56 -12.64 -34.92
N ALA B 433 -3.67 -13.13 -33.69
CA ALA B 433 -3.74 -14.57 -33.44
C ALA B 433 -4.98 -15.17 -34.09
N LEU B 434 -6.13 -14.52 -33.93
CA LEU B 434 -7.37 -15.04 -34.51
C LEU B 434 -7.37 -14.88 -36.02
N ILE B 435 -6.93 -13.73 -36.52
CA ILE B 435 -6.86 -13.51 -37.96
C ILE B 435 -5.95 -14.55 -38.60
N GLY B 436 -4.83 -14.87 -37.95
CA GLY B 436 -3.90 -15.85 -38.49
C GLY B 436 -4.43 -17.26 -38.59
N LEU B 437 -5.55 -17.55 -37.94
CA LEU B 437 -6.18 -18.87 -37.99
C LEU B 437 -7.17 -19.01 -39.14
N LYS B 438 -7.29 -18.01 -40.01
CA LYS B 438 -8.39 -18.00 -40.98
C LYS B 438 -8.35 -19.23 -41.87
N GLU B 439 -7.15 -19.66 -42.31
CA GLU B 439 -7.06 -20.82 -43.19
C GLU B 439 -7.32 -22.12 -42.44
N LYS B 440 -7.03 -22.15 -41.13
CA LYS B 440 -7.18 -23.36 -40.34
C LYS B 440 -8.61 -23.62 -39.91
N PHE B 441 -9.46 -22.59 -39.89
CA PHE B 441 -10.83 -22.77 -39.41
C PHE B 441 -11.50 -23.96 -40.09
N ALA B 442 -11.37 -24.06 -41.41
CA ALA B 442 -12.14 -25.05 -42.16
C ALA B 442 -11.75 -26.49 -41.81
N THR B 443 -10.61 -26.70 -41.16
CA THR B 443 -10.15 -28.04 -40.81
C THR B 443 -10.11 -28.27 -39.30
N LEU B 444 -10.67 -27.37 -38.51
CA LEU B 444 -10.77 -27.61 -37.07
C LEU B 444 -11.76 -28.74 -36.81
N LYS B 445 -11.45 -29.56 -35.82
CA LYS B 445 -12.28 -30.70 -35.46
C LYS B 445 -13.27 -30.30 -34.38
N GLY B 446 -14.45 -30.89 -34.43
CA GLY B 446 -15.44 -30.70 -33.40
C GLY B 446 -14.99 -31.37 -32.11
N LEU B 447 -15.80 -31.17 -31.06
CA LEU B 447 -15.52 -31.70 -29.75
C LEU B 447 -16.66 -32.60 -29.29
N GLU B 448 -16.32 -33.59 -28.46
CA GLU B 448 -17.30 -34.43 -27.80
C GLU B 448 -16.84 -34.61 -26.35
N PHE B 449 -17.68 -35.24 -25.55
CA PHE B 449 -17.48 -35.29 -24.11
C PHE B 449 -16.63 -36.48 -23.71
N GLU B 450 -15.53 -36.22 -23.01
CA GLU B 450 -14.91 -37.24 -22.18
C GLU B 450 -15.70 -37.45 -20.90
N TYR B 451 -16.17 -36.35 -20.31
CA TYR B 451 -16.94 -36.39 -19.07
C TYR B 451 -17.89 -35.20 -19.07
N GLU B 452 -19.17 -35.45 -18.88
CA GLU B 452 -20.19 -34.40 -18.85
C GLU B 452 -20.91 -34.40 -17.52
N PRO B 453 -20.81 -33.35 -16.71
CA PRO B 453 -21.61 -33.28 -15.48
C PRO B 453 -23.08 -33.06 -15.80
N PRO B 454 -23.99 -33.42 -14.89
CA PRO B 454 -25.42 -33.21 -15.17
C PRO B 454 -25.85 -31.76 -15.08
N VAL B 455 -25.06 -30.89 -14.45
CA VAL B 455 -25.33 -29.47 -14.40
C VAL B 455 -24.01 -28.73 -14.50
N LEU B 456 -24.09 -27.46 -14.92
CA LEU B 456 -22.94 -26.57 -15.00
C LEU B 456 -21.80 -27.20 -15.80
N ARG B 457 -22.15 -27.89 -16.88
CA ARG B 457 -21.13 -28.62 -17.62
C ARG B 457 -20.06 -27.69 -18.19
N HIS B 458 -20.44 -26.45 -18.50
CA HIS B 458 -19.47 -25.58 -19.15
CA HIS B 458 -19.52 -25.49 -19.11
C HIS B 458 -18.27 -25.28 -18.27
N PHE B 459 -18.42 -25.34 -16.93
CA PHE B 459 -17.31 -25.05 -16.04
C PHE B 459 -16.33 -26.21 -15.89
N THR B 460 -16.81 -27.46 -15.89
CA THR B 460 -15.98 -28.59 -15.51
C THR B 460 -15.98 -29.76 -16.49
N ALA B 461 -16.81 -29.74 -17.54
CA ALA B 461 -16.80 -30.86 -18.47
C ALA B 461 -15.42 -31.01 -19.09
N ARG B 462 -15.04 -32.26 -19.33
CA ARG B 462 -13.83 -32.58 -20.06
C ARG B 462 -14.21 -33.04 -21.47
N LEU B 463 -13.51 -32.51 -22.46
CA LEU B 463 -13.85 -32.73 -23.85
C LEU B 463 -12.69 -33.44 -24.56
N LYS B 464 -13.01 -33.98 -25.74
CA LYS B 464 -12.04 -34.62 -26.63
C LYS B 464 -12.28 -34.13 -28.05
N PRO B 465 -11.23 -33.90 -28.82
CA PRO B 465 -11.41 -33.67 -30.26
C PRO B 465 -11.89 -34.93 -30.96
N ILE B 466 -12.51 -34.72 -32.11
CA ILE B 466 -13.01 -35.82 -32.92
C ILE B 466 -12.05 -36.06 -34.09
N ALA C 2 6.33 3.65 38.67
CA ALA C 2 6.33 3.76 37.22
C ALA C 2 4.90 3.65 36.68
N LYS C 3 4.60 4.45 35.67
CA LYS C 3 3.23 4.63 35.17
C LYS C 3 3.19 4.29 33.68
N ARG C 4 2.33 3.34 33.31
CA ARG C 4 2.14 2.96 31.92
CA ARG C 4 2.17 2.98 31.91
C ARG C 4 1.06 3.83 31.31
N ILE C 5 1.34 4.40 30.15
CA ILE C 5 0.38 5.23 29.42
C ILE C 5 -0.04 4.48 28.18
N VAL C 6 -1.35 4.33 27.98
CA VAL C 6 -1.87 3.53 26.89
C VAL C 6 -1.66 4.22 25.54
N GLU C 7 -1.51 3.40 24.51
CA GLU C 7 -1.35 3.88 23.14
C GLU C 7 -2.59 4.64 22.67
N PRO C 8 -2.45 5.83 22.07
CA PRO C 8 -3.59 6.49 21.44
C PRO C 8 -3.81 6.02 20.01
N PHE C 9 -3.62 4.73 19.81
CA PHE C 9 -3.75 4.11 18.50
C PHE C 9 -3.90 2.62 18.76
N ARG C 10 -4.23 1.89 17.71
CA ARG C 10 -4.17 0.44 17.78
C ARG C 10 -3.29 -0.04 16.64
N ILE C 11 -2.94 -1.31 16.73
CA ILE C 11 -1.98 -1.90 15.80
C ILE C 11 -2.70 -2.31 14.54
N LYS C 12 -2.13 -1.94 13.39
CA LYS C 12 -2.72 -2.31 12.11
C LYS C 12 -1.86 -3.29 11.33
N MET C 13 -0.54 -3.28 11.52
CA MET C 13 0.34 -4.23 10.85
CA MET C 13 0.33 -4.25 10.86
C MET C 13 1.48 -4.57 11.80
N VAL C 14 1.90 -5.84 11.78
CA VAL C 14 2.95 -6.32 12.66
C VAL C 14 4.13 -6.87 11.85
N GLU C 15 5.27 -6.94 12.52
CA GLU C 15 6.53 -7.45 11.97
C GLU C 15 7.11 -8.41 13.01
N LYS C 16 7.36 -9.66 12.62
CA LYS C 16 7.86 -10.66 13.56
C LYS C 16 9.24 -10.28 14.09
N ILE C 17 9.46 -10.55 15.38
CA ILE C 17 10.78 -10.44 16.00
C ILE C 17 11.07 -11.75 16.72
N ARG C 18 12.34 -11.97 17.04
CA ARG C 18 12.80 -13.23 17.59
C ARG C 18 13.97 -12.99 18.52
N VAL C 19 14.04 -13.80 19.58
CA VAL C 19 15.19 -13.80 20.49
C VAL C 19 16.18 -14.83 19.98
N PRO C 20 17.34 -14.42 19.46
CA PRO C 20 18.36 -15.42 19.12
C PRO C 20 18.78 -16.13 20.40
N SER C 21 19.19 -17.37 20.26
CA SER C 21 19.68 -18.13 21.41
C SER C 21 20.96 -17.51 21.95
N ARG C 22 21.31 -17.89 23.19
CA ARG C 22 22.57 -17.43 23.75
C ARG C 22 23.74 -17.85 22.86
N GLU C 23 23.71 -19.08 22.35
CA GLU C 23 24.73 -19.54 21.43
C GLU C 23 24.82 -18.63 20.20
N GLU C 24 23.67 -18.25 19.65
CA GLU C 24 23.67 -17.37 18.48
C GLU C 24 24.20 -15.99 18.84
N ARG C 25 23.82 -15.46 20.00
CA ARG C 25 24.29 -14.14 20.42
C ARG C 25 25.80 -14.16 20.67
N GLU C 26 26.31 -15.21 21.31
CA GLU C 26 27.75 -15.32 21.53
C GLU C 26 28.49 -15.29 20.20
N ALA C 27 28.06 -16.12 19.24
CA ALA C 27 28.76 -16.19 17.97
C ALA C 27 28.64 -14.88 17.20
N ALA C 28 27.48 -14.24 17.26
CA ALA C 28 27.29 -13.01 16.50
C ALA C 28 28.14 -11.88 17.04
N LEU C 29 28.24 -11.77 18.38
CA LEU C 29 29.02 -10.66 18.95
C LEU C 29 30.50 -10.81 18.62
N LYS C 30 31.03 -12.04 18.68
CA LYS C 30 32.41 -12.26 18.27
C LYS C 30 32.62 -11.87 16.81
N GLU C 31 31.72 -12.32 15.93
CA GLU C 31 31.85 -12.00 14.51
C GLU C 31 31.79 -10.49 14.28
N ALA C 32 31.00 -9.79 15.08
CA ALA C 32 30.90 -8.34 14.99
C ALA C 32 32.02 -7.63 15.73
N GLY C 33 33.04 -8.35 16.17
CA GLY C 33 34.16 -7.72 16.84
C GLY C 33 33.73 -6.97 18.08
N TYR C 34 32.77 -7.53 18.82
CA TYR C 34 32.32 -6.94 20.08
C TYR C 34 31.87 -5.51 19.89
N ASN C 35 31.43 -5.18 18.68
CA ASN C 35 30.85 -3.87 18.37
C ASN C 35 29.45 -4.09 17.83
N PRO C 36 28.40 -3.78 18.60
CA PRO C 36 27.04 -4.05 18.13
C PRO C 36 26.66 -3.31 16.85
N PHE C 37 27.34 -2.21 16.49
CA PHE C 37 27.04 -1.56 15.20
C PHE C 37 27.25 -2.49 14.02
N LEU C 38 28.05 -3.53 14.20
CA LEU C 38 28.38 -4.46 13.12
C LEU C 38 27.55 -5.73 13.18
N LEU C 39 26.62 -5.84 14.13
CA LEU C 39 25.72 -6.98 14.15
C LEU C 39 24.71 -6.85 13.02
N PRO C 40 24.37 -7.95 12.35
CA PRO C 40 23.20 -7.94 11.48
C PRO C 40 21.93 -7.89 12.31
N SER C 41 20.89 -7.26 11.74
CA SER C 41 19.63 -7.16 12.47
C SER C 41 19.08 -8.53 12.83
N SER C 42 19.45 -9.56 12.05
CA SER C 42 19.01 -10.92 12.34
C SER C 42 19.53 -11.43 13.68
N ALA C 43 20.57 -10.81 14.24
CA ALA C 43 21.11 -11.21 15.53
C ALA C 43 20.53 -10.42 16.69
N VAL C 44 19.55 -9.55 16.44
CA VAL C 44 19.05 -8.62 17.44
C VAL C 44 17.58 -8.90 17.71
N TYR C 45 17.22 -8.89 19.00
CA TYR C 45 15.82 -9.11 19.41
C TYR C 45 15.05 -7.78 19.41
N ILE C 46 15.33 -6.93 20.39
CA ILE C 46 14.77 -5.59 20.46
C ILE C 46 15.92 -4.65 20.13
N ASP C 47 15.73 -3.79 19.13
CA ASP C 47 16.83 -2.96 18.61
C ASP C 47 16.66 -1.53 19.14
N LEU C 48 17.52 -1.16 20.09
CA LEU C 48 17.54 0.17 20.68
C LEU C 48 18.74 0.99 20.24
N LEU C 49 19.33 0.64 19.09
CA LEU C 49 20.48 1.39 18.60
C LEU C 49 20.12 2.84 18.33
N THR C 50 18.94 3.09 17.77
CA THR C 50 18.56 4.46 17.41
C THR C 50 17.05 4.56 17.27
N ASP C 51 16.55 5.77 17.46
CA ASP C 51 15.18 6.10 17.13
C ASP C 51 15.06 6.69 15.74
N SER C 52 16.14 6.64 14.96
CA SER C 52 16.20 7.31 13.66
C SER C 52 15.81 6.34 12.56
N GLY C 53 14.68 6.61 11.92
CA GLY C 53 14.29 5.86 10.73
C GLY C 53 13.68 4.51 11.00
N THR C 54 13.48 4.15 12.27
CA THR C 54 12.95 2.85 12.68
C THR C 54 11.50 2.94 13.12
N ASN C 55 10.87 4.09 12.93
CA ASN C 55 9.52 4.35 13.41
C ASN C 55 8.47 3.58 12.62
N ALA C 56 7.32 3.36 13.26
CA ALA C 56 6.16 2.80 12.61
C ALA C 56 5.29 3.93 12.08
N MET C 57 4.96 3.85 10.81
CA MET C 57 4.09 4.84 10.19
C MET C 57 2.62 4.47 10.39
N SER C 58 1.76 5.44 10.11
CA SER C 58 0.33 5.23 10.17
C SER C 58 -0.21 4.76 8.83
N ASP C 59 -1.45 4.28 8.87
CA ASP C 59 -2.13 3.95 7.62
C ASP C 59 -2.26 5.19 6.74
N HIS C 60 -2.47 6.37 7.33
CA HIS C 60 -2.56 7.58 6.52
C HIS C 60 -1.21 7.91 5.87
N GLN C 61 -0.11 7.64 6.54
CA GLN C 61 1.19 7.85 5.91
C GLN C 61 1.40 6.90 4.74
N TRP C 62 1.06 5.61 4.90
CA TRP C 62 1.20 4.67 3.80
C TRP C 62 0.28 5.02 2.64
N ALA C 63 -0.94 5.49 2.95
CA ALA C 63 -1.84 5.92 1.89
C ALA C 63 -1.26 7.10 1.13
N ALA C 64 -0.66 8.06 1.84
CA ALA C 64 0.00 9.18 1.18
C ALA C 64 1.12 8.69 0.27
N MET C 65 1.85 7.66 0.69
CA MET C 65 2.94 7.14 -0.13
CA MET C 65 2.93 7.15 -0.13
C MET C 65 2.41 6.58 -1.44
N ILE C 66 1.32 5.81 -1.38
CA ILE C 66 0.76 5.15 -2.56
CA ILE C 66 0.88 5.16 -2.61
C ILE C 66 0.33 6.16 -3.63
N THR C 67 -0.15 7.33 -3.22
CA THR C 67 -0.55 8.36 -4.19
C THR C 67 0.55 9.41 -4.42
N GLY C 68 1.76 9.16 -3.92
CA GLY C 68 2.82 10.13 -4.09
C GLY C 68 3.17 10.36 -5.54
N ASP C 69 3.60 11.59 -5.82
CA ASP C 69 3.94 12.04 -7.17
C ASP C 69 5.44 11.94 -7.35
N GLU C 70 5.88 11.04 -8.25
CA GLU C 70 7.29 10.75 -8.44
C GLU C 70 7.95 11.65 -9.48
N ALA C 71 7.28 12.71 -9.90
CA ALA C 71 7.85 13.62 -10.88
C ALA C 71 9.22 14.13 -10.45
N TYR C 72 10.15 14.18 -11.42
CA TYR C 72 11.49 14.69 -11.16
C TYR C 72 11.46 16.18 -10.81
N ALA C 73 10.60 16.93 -11.50
CA ALA C 73 10.49 18.36 -11.27
C ALA C 73 9.04 18.73 -10.99
N GLY C 74 8.80 19.40 -9.88
CA GLY C 74 7.47 19.92 -9.62
C GLY C 74 6.47 18.96 -9.01
N SER C 75 6.94 17.97 -8.24
CA SER C 75 6.05 17.03 -7.58
C SER C 75 4.99 17.75 -6.75
N ARG C 76 3.75 17.26 -6.84
CA ARG C 76 2.67 17.75 -6.00
CA ARG C 76 2.68 17.75 -5.99
C ARG C 76 3.09 17.79 -4.53
N ASN C 77 3.83 16.77 -4.09
CA ASN C 77 4.16 16.64 -2.68
C ASN C 77 5.21 17.64 -2.24
N TYR C 78 6.03 18.15 -3.17
CA TYR C 78 6.94 19.24 -2.82
C TYR C 78 6.16 20.47 -2.38
N TYR C 79 5.13 20.85 -3.14
CA TYR C 79 4.35 22.03 -2.78
C TYR C 79 3.58 21.81 -1.49
N ASP C 80 3.08 20.58 -1.27
CA ASP C 80 2.44 20.27 0.01
C ASP C 80 3.44 20.45 1.16
N LEU C 81 4.69 20.04 0.95
CA LEU C 81 5.69 20.14 2.01
C LEU C 81 6.07 21.59 2.27
N LYS C 82 6.18 22.39 1.21
CA LYS C 82 6.43 23.82 1.36
C LYS C 82 5.33 24.48 2.18
N ASP C 83 4.07 24.19 1.85
CA ASP C 83 2.95 24.74 2.61
C ASP C 83 2.99 24.28 4.06
N LYS C 84 3.37 23.02 4.31
CA LYS C 84 3.41 22.52 5.69
C LYS C 84 4.47 23.25 6.51
N ALA C 85 5.62 23.52 5.90
CA ALA C 85 6.67 24.26 6.60
C ALA C 85 6.23 25.68 6.92
N LYS C 86 5.51 26.32 5.99
CA LYS C 86 4.95 27.64 6.26
C LYS C 86 3.95 27.58 7.41
N GLU C 87 3.12 26.55 7.46
CA GLU C 87 2.13 26.42 8.53
C GLU C 87 2.82 26.21 9.89
N LEU C 88 3.77 25.29 9.97
CA LEU C 88 4.33 24.91 11.26
C LEU C 88 5.35 25.91 11.77
N PHE C 89 6.23 26.39 10.89
CA PHE C 89 7.37 27.20 11.28
C PHE C 89 7.26 28.66 10.86
N ASN C 90 6.35 28.99 9.95
CA ASN C 90 6.25 30.31 9.35
C ASN C 90 7.46 30.62 8.49
N TYR C 91 8.14 29.59 7.99
CA TYR C 91 9.28 29.76 7.10
C TYR C 91 8.83 29.67 5.65
N ASP C 92 9.41 30.53 4.81
CA ASP C 92 8.94 30.73 3.45
C ASP C 92 9.66 29.88 2.40
N TYR C 93 10.76 29.22 2.75
CA TYR C 93 11.55 28.48 1.77
C TYR C 93 11.90 27.10 2.29
N ILE C 94 11.80 26.08 1.42
CA ILE C 94 12.20 24.72 1.78
C ILE C 94 13.09 24.13 0.69
N ILE C 95 13.96 23.22 1.13
CA ILE C 95 14.69 22.30 0.25
C ILE C 95 14.60 20.93 0.90
N PRO C 96 13.95 19.96 0.30
CA PRO C 96 13.99 18.60 0.88
C PRO C 96 15.40 18.07 0.81
N ALA C 97 15.70 17.11 1.70
CA ALA C 97 16.98 16.43 1.73
C ALA C 97 16.74 14.96 2.06
N HIS C 98 17.68 14.10 1.72
CA HIS C 98 17.37 12.68 1.89
C HIS C 98 17.35 12.30 3.38
N GLN C 99 18.10 12.99 4.22
CA GLN C 99 17.97 12.83 5.67
C GLN C 99 18.74 13.98 6.32
N GLY C 100 18.88 13.91 7.65
CA GLY C 100 19.39 15.07 8.40
C GLY C 100 20.79 15.49 8.02
N ARG C 101 21.71 14.54 7.85
CA ARG C 101 23.07 14.92 7.50
C ARG C 101 23.17 15.40 6.06
N GLY C 102 22.19 15.04 5.22
CA GLY C 102 22.08 15.65 3.91
C GLY C 102 21.66 17.10 3.99
N ALA C 103 20.72 17.42 4.89
CA ALA C 103 20.35 18.81 5.10
C ALA C 103 21.55 19.61 5.62
N GLU C 104 22.34 19.02 6.54
CA GLU C 104 23.53 19.68 7.04
C GLU C 104 24.53 19.94 5.91
N ASN C 105 24.70 18.95 5.03
CA ASN C 105 25.62 19.11 3.92
C ASN C 105 25.16 20.19 2.95
N ILE C 106 23.85 20.38 2.82
CA ILE C 106 23.34 21.46 1.97
C ILE C 106 23.65 22.81 2.60
N LEU C 107 23.29 22.98 3.86
CA LEU C 107 23.22 24.31 4.46
C LEU C 107 24.52 24.79 5.07
N PHE C 108 25.26 23.93 5.77
CA PHE C 108 26.42 24.43 6.52
C PHE C 108 27.51 24.98 5.61
N PRO C 109 27.91 24.32 4.52
CA PRO C 109 28.93 24.92 3.64
C PRO C 109 28.46 26.25 3.09
N VAL C 110 27.16 26.40 2.88
CA VAL C 110 26.61 27.65 2.36
C VAL C 110 26.68 28.77 3.40
N LEU C 111 26.41 28.45 4.67
CA LEU C 111 26.51 29.47 5.71
C LEU C 111 27.95 29.94 5.87
N LEU C 112 28.91 29.03 5.76
CA LEU C 112 30.31 29.44 5.81
C LEU C 112 30.65 30.38 4.67
N LYS C 113 30.34 29.98 3.43
CA LYS C 113 30.67 30.83 2.29
C LYS C 113 29.99 32.19 2.39
N TYR C 114 28.74 32.20 2.87
CA TYR C 114 28.01 33.45 3.03
C TYR C 114 28.72 34.38 4.00
N LYS C 115 29.23 33.83 5.10
CA LYS C 115 29.96 34.63 6.07
C LYS C 115 31.33 35.06 5.54
N GLN C 116 31.95 34.22 4.70
CA GLN C 116 33.27 34.51 4.16
C GLN C 116 33.23 35.65 3.14
N LYS C 117 32.21 35.69 2.29
N LYS C 117 32.19 35.65 2.31
CA LYS C 117 32.20 36.73 1.28
CA LYS C 117 32.04 36.67 1.28
C LYS C 117 31.80 38.09 1.85
C LYS C 117 31.91 38.05 1.90
N GLU C 118 31.37 38.12 3.10
CA GLU C 118 31.24 39.34 3.88
C GLU C 118 32.59 39.81 4.46
N GLY C 119 33.70 39.17 4.11
CA GLY C 119 35.00 39.48 4.67
C GLY C 119 35.26 38.88 6.04
N LYS C 120 34.39 38.00 6.51
CA LYS C 120 34.42 37.47 7.85
C LYS C 120 34.78 35.98 7.82
N ALA C 121 34.54 35.29 8.94
CA ALA C 121 34.78 33.86 9.05
C ALA C 121 36.25 33.49 8.79
N LYS C 122 37.17 34.38 9.18
CA LYS C 122 38.60 34.12 8.96
C LYS C 122 39.07 32.91 9.76
N ASN C 123 38.54 32.74 10.98
CA ASN C 123 38.88 31.61 11.85
C ASN C 123 37.55 31.05 12.35
N PRO C 124 36.84 30.30 11.50
CA PRO C 124 35.41 30.11 11.71
C PRO C 124 35.06 29.01 12.70
N VAL C 125 33.97 29.26 13.44
CA VAL C 125 33.44 28.31 14.41
C VAL C 125 31.93 28.28 14.30
N PHE C 126 31.36 27.15 14.76
CA PHE C 126 29.94 27.01 15.03
C PHE C 126 29.79 26.77 16.53
N ILE C 127 28.73 27.32 17.12
CA ILE C 127 28.42 27.17 18.54
C ILE C 127 27.05 26.53 18.68
N SER C 128 26.95 25.52 19.54
CA SER C 128 25.69 24.84 19.78
C SER C 128 25.57 24.52 21.26
N ASN C 129 24.34 24.35 21.73
CA ASN C 129 24.19 23.74 23.05
C ASN C 129 24.86 22.37 23.04
N PHE C 130 24.64 21.60 21.97
CA PHE C 130 25.48 20.42 21.73
C PHE C 130 25.29 19.93 20.31
N HIS C 131 26.36 19.98 19.52
CA HIS C 131 26.36 19.43 18.18
C HIS C 131 26.26 17.91 18.22
N PHE C 132 25.29 17.36 17.49
N PHE C 132 25.29 17.36 17.47
CA PHE C 132 25.28 15.91 17.25
CA PHE C 132 25.27 15.93 17.22
C PHE C 132 26.46 15.54 16.36
C PHE C 132 26.51 15.52 16.44
N ASP C 133 26.83 14.26 16.35
N ASP C 133 26.80 14.21 16.44
CA ASP C 133 28.12 13.89 15.77
CA ASP C 133 28.00 13.70 15.79
C ASP C 133 28.17 14.12 14.26
C ASP C 133 28.11 14.17 14.34
N THR C 134 27.08 13.87 13.54
CA THR C 134 27.12 14.21 12.11
C THR C 134 27.21 15.71 11.92
N THR C 135 26.53 16.45 12.80
CA THR C 135 26.52 17.91 12.71
C THR C 135 27.92 18.47 12.93
N ALA C 136 28.60 18.00 13.98
CA ALA C 136 29.98 18.42 14.21
C ALA C 136 30.90 17.96 13.09
N ALA C 137 30.65 16.78 12.53
CA ALA C 137 31.50 16.31 11.44
C ALA C 137 31.42 17.25 10.24
N HIS C 138 30.23 17.73 9.91
CA HIS C 138 30.13 18.67 8.79
C HIS C 138 30.77 20.01 9.12
N VAL C 139 30.65 20.47 10.36
CA VAL C 139 31.35 21.68 10.78
C VAL C 139 32.84 21.51 10.55
N GLU C 140 33.40 20.38 11.02
CA GLU C 140 34.84 20.16 10.92
C GLU C 140 35.26 19.87 9.48
N LEU C 141 34.43 19.16 8.72
CA LEU C 141 34.74 18.91 7.31
C LEU C 141 34.89 20.19 6.52
N ASN C 142 34.20 21.25 6.93
CA ASN C 142 34.30 22.54 6.27
C ASN C 142 35.31 23.47 6.92
N GLY C 143 36.21 22.91 7.74
CA GLY C 143 37.31 23.70 8.27
C GLY C 143 36.97 24.57 9.45
N CYS C 144 35.88 24.27 10.16
CA CYS C 144 35.42 25.06 11.29
C CYS C 144 35.50 24.24 12.57
N LYS C 145 35.53 24.95 13.69
CA LYS C 145 35.50 24.32 15.00
C LYS C 145 34.05 24.23 15.48
N ALA C 146 33.70 23.08 16.05
CA ALA C 146 32.38 22.84 16.62
C ALA C 146 32.47 23.00 18.14
N ILE C 147 31.83 24.04 18.68
CA ILE C 147 31.91 24.38 20.09
C ILE C 147 30.58 24.02 20.76
N ASN C 148 30.66 23.26 21.85
CA ASN C 148 29.49 22.80 22.59
C ASN C 148 29.45 23.47 23.95
N ILE C 149 28.31 24.06 24.31
CA ILE C 149 28.22 24.82 25.56
C ILE C 149 26.90 24.54 26.28
N VAL C 150 26.60 23.25 26.49
CA VAL C 150 25.39 22.87 27.21
C VAL C 150 25.53 23.27 28.68
N THR C 151 24.38 23.53 29.31
CA THR C 151 24.33 23.85 30.73
C THR C 151 25.05 22.77 31.55
N GLU C 152 25.76 23.23 32.58
CA GLU C 152 26.42 22.28 33.49
C GLU C 152 25.43 21.37 34.20
N LYS C 153 24.16 21.75 34.29
CA LYS C 153 23.18 20.89 34.93
C LYS C 153 23.07 19.54 34.22
N ALA C 154 23.42 19.48 32.94
CA ALA C 154 23.35 18.24 32.19
C ALA C 154 24.34 17.20 32.69
N PHE C 155 25.40 17.62 33.38
CA PHE C 155 26.44 16.71 33.81
C PHE C 155 26.20 16.11 35.20
N ASP C 156 25.11 16.51 35.87
CA ASP C 156 24.71 15.94 37.15
C ASP C 156 23.51 15.04 36.84
N SER C 157 23.79 13.78 36.49
CA SER C 157 22.75 12.90 35.97
CA SER C 157 22.75 12.92 35.96
C SER C 157 21.61 12.75 36.95
N GLU C 158 21.92 12.56 38.22
CA GLU C 158 20.86 12.18 39.15
C GLU C 158 20.03 13.37 39.63
N THR C 159 20.50 14.60 39.43
CA THR C 159 19.81 15.78 39.94
C THR C 159 18.83 16.29 38.88
N TYR C 160 17.55 16.30 39.23
CA TYR C 160 16.52 16.79 38.32
C TYR C 160 16.79 18.24 37.91
N ASP C 161 16.50 18.55 36.65
CA ASP C 161 16.37 19.92 36.18
C ASP C 161 15.38 19.94 35.03
N ASP C 162 14.65 21.06 34.91
CA ASP C 162 13.62 21.17 33.88
C ASP C 162 14.21 21.24 32.47
N TRP C 163 15.42 21.78 32.31
CA TRP C 163 15.94 22.16 31.00
C TRP C 163 17.41 21.78 30.84
N LYS C 164 17.71 20.48 30.86
CA LYS C 164 19.09 20.04 30.77
C LYS C 164 19.68 20.16 29.37
N GLY C 165 18.91 20.60 28.38
CA GLY C 165 19.43 20.91 27.08
C GLY C 165 19.77 22.37 26.84
N ASP C 166 19.55 23.24 27.82
CA ASP C 166 19.75 24.67 27.62
C ASP C 166 21.19 24.99 27.21
N PHE C 167 21.33 26.07 26.44
CA PHE C 167 22.61 26.74 26.31
C PHE C 167 23.06 27.29 27.66
N ASP C 168 24.35 27.22 27.94
CA ASP C 168 24.96 28.01 29.02
C ASP C 168 25.18 29.43 28.48
N ILE C 169 24.38 30.39 28.97
CA ILE C 169 24.37 31.71 28.37
C ILE C 169 25.69 32.44 28.64
N LYS C 170 26.26 32.26 29.84
CA LYS C 170 27.56 32.85 30.14
C LYS C 170 28.63 32.36 29.18
N LYS C 171 28.65 31.05 28.89
CA LYS C 171 29.61 30.52 27.94
C LYS C 171 29.35 31.02 26.52
N LEU C 172 28.10 31.24 26.14
CA LEU C 172 27.83 31.79 24.82
C LEU C 172 28.45 33.17 24.67
N LYS C 173 28.22 34.05 25.64
CA LYS C 173 28.79 35.39 25.57
C LYS C 173 30.30 35.34 25.63
N GLU C 174 30.87 34.42 26.43
CA GLU C 174 32.31 34.29 26.50
C GLU C 174 32.89 33.82 25.17
N ASN C 175 32.21 32.90 24.48
CA ASN C 175 32.71 32.43 23.19
C ASN C 175 32.55 33.49 22.11
N ILE C 176 31.50 34.29 22.16
CA ILE C 176 31.41 35.41 21.22
C ILE C 176 32.54 36.40 21.46
N ALA C 177 32.89 36.65 22.72
CA ALA C 177 34.00 37.56 23.01
C ALA C 177 35.34 36.98 22.57
N GLN C 178 35.54 35.68 22.75
CA GLN C 178 36.82 35.06 22.44
C GLN C 178 37.04 34.97 20.93
N HIS C 179 36.06 34.46 20.20
CA HIS C 179 36.22 34.27 18.76
C HIS C 179 35.81 35.49 17.96
N GLY C 180 34.93 36.34 18.50
CA GLY C 180 34.40 37.47 17.77
C GLY C 180 33.22 37.05 16.92
N ALA C 181 32.20 37.91 16.82
CA ALA C 181 31.02 37.55 16.05
C ALA C 181 31.37 37.30 14.58
N ASP C 182 32.38 37.99 14.06
CA ASP C 182 32.75 37.80 12.66
C ASP C 182 33.17 36.37 12.37
N ASN C 183 33.61 35.61 13.38
CA ASN C 183 34.07 34.24 13.17
C ASN C 183 33.01 33.20 13.48
N ILE C 184 31.86 33.58 14.03
CA ILE C 184 30.80 32.65 14.38
CA ILE C 184 30.82 32.62 14.37
C ILE C 184 29.91 32.49 13.15
N VAL C 185 30.08 31.39 12.42
CA VAL C 185 29.31 31.17 11.21
C VAL C 185 27.84 31.04 11.53
N ALA C 186 27.52 30.28 12.56
CA ALA C 186 26.15 30.12 12.99
C ALA C 186 26.15 29.58 14.40
N ILE C 187 25.04 29.82 15.09
CA ILE C 187 24.68 29.13 16.31
C ILE C 187 23.66 28.07 15.94
N VAL C 188 23.86 26.85 16.42
CA VAL C 188 22.96 25.73 16.16
C VAL C 188 22.25 25.38 17.45
N SER C 189 20.93 25.59 17.48
CA SER C 189 20.09 25.25 18.63
C SER C 189 19.52 23.86 18.39
N THR C 190 20.03 22.88 19.13
CA THR C 190 19.63 21.49 18.95
C THR C 190 18.46 21.19 19.88
N VAL C 191 17.31 20.84 19.30
CA VAL C 191 16.09 20.62 20.08
C VAL C 191 15.47 19.26 19.73
N THR C 192 15.18 18.44 20.75
CA THR C 192 15.80 18.44 22.07
C THR C 192 17.30 18.31 21.89
N CYS C 193 18.04 18.43 22.99
CA CYS C 193 19.50 18.29 22.94
C CYS C 193 19.84 16.81 23.04
N ASN C 194 20.05 16.18 21.88
CA ASN C 194 20.23 14.73 21.83
C ASN C 194 21.41 14.29 22.69
N SER C 195 22.56 14.91 22.48
CA SER C 195 23.78 14.48 23.16
C SER C 195 23.73 14.69 24.67
N ALA C 196 22.89 15.60 25.16
CA ALA C 196 22.72 15.78 26.59
C ALA C 196 21.73 14.80 27.21
N GLY C 197 21.15 13.93 26.39
CA GLY C 197 20.20 12.95 26.87
C GLY C 197 18.79 13.16 26.36
N GLY C 198 18.66 13.76 25.18
CA GLY C 198 17.35 14.10 24.67
C GLY C 198 16.65 15.14 25.52
N GLN C 199 17.40 16.07 26.09
CA GLN C 199 16.88 16.96 27.11
C GLN C 199 16.42 18.28 26.49
N PRO C 200 15.32 18.85 26.98
CA PRO C 200 14.72 19.99 26.29
C PRO C 200 15.45 21.29 26.53
N VAL C 201 15.28 22.19 25.57
CA VAL C 201 15.72 23.58 25.66
C VAL C 201 14.50 24.43 25.97
N SER C 202 14.58 25.31 26.96
CA SER C 202 13.41 26.12 27.28
C SER C 202 13.14 27.16 26.18
N MET C 203 11.90 27.65 26.15
CA MET C 203 11.57 28.75 25.25
C MET C 203 12.35 29.99 25.61
N SER C 204 12.48 30.28 26.90
CA SER C 204 13.21 31.48 27.31
C SER C 204 14.69 31.36 26.93
N ASN C 205 15.24 30.15 26.95
CA ASN C 205 16.62 29.95 26.53
C ASN C 205 16.77 30.13 25.03
N LEU C 206 15.90 29.50 24.23
CA LEU C 206 15.96 29.71 22.79
C LEU C 206 15.86 31.19 22.45
N LYS C 207 14.97 31.91 23.14
CA LYS C 207 14.75 33.33 22.87
C LYS C 207 15.98 34.17 23.23
N GLU C 208 16.57 33.94 24.41
CA GLU C 208 17.72 34.73 24.80
C GLU C 208 18.91 34.45 23.88
N VAL C 209 19.09 33.21 23.46
CA VAL C 209 20.16 32.86 22.54
C VAL C 209 19.97 33.61 21.22
N TYR C 210 18.75 33.61 20.71
CA TYR C 210 18.48 34.28 19.45
C TYR C 210 18.63 35.79 19.57
N GLU C 211 18.21 36.36 20.70
CA GLU C 211 18.38 37.80 20.89
C GLU C 211 19.86 38.16 20.96
N ILE C 212 20.66 37.32 21.62
CA ILE C 212 22.10 37.56 21.64
C ILE C 212 22.66 37.43 20.24
N ALA C 213 22.23 36.40 19.49
CA ALA C 213 22.71 36.20 18.13
C ALA C 213 22.40 37.42 17.26
N LYS C 214 21.16 37.92 17.33
CA LYS C 214 20.78 39.06 16.51
C LYS C 214 21.57 40.29 16.87
N GLN C 215 21.82 40.51 18.17
CA GLN C 215 22.68 41.62 18.57
C GLN C 215 23.97 41.62 17.77
N HIS C 216 24.53 40.44 17.52
CA HIS C 216 25.85 40.31 16.93
C HIS C 216 25.79 39.94 15.45
N GLY C 217 24.60 39.89 14.86
CA GLY C 217 24.50 39.53 13.47
C GLY C 217 24.80 38.08 13.16
N ILE C 218 24.64 37.17 14.13
CA ILE C 218 24.95 35.76 13.94
C ILE C 218 23.69 35.00 13.51
N PHE C 219 23.83 34.21 12.46
CA PHE C 219 22.75 33.37 11.94
C PHE C 219 22.47 32.21 12.88
N VAL C 220 21.20 31.88 13.09
CA VAL C 220 20.80 30.81 13.99
C VAL C 220 20.09 29.71 13.20
N VAL C 221 20.57 28.48 13.36
CA VAL C 221 19.96 27.29 12.78
C VAL C 221 19.38 26.44 13.90
N MET C 222 18.13 26.02 13.74
CA MET C 222 17.51 25.08 14.66
C MET C 222 17.72 23.67 14.12
N ASP C 223 18.49 22.83 14.82
CA ASP C 223 18.58 21.41 14.50
C ASP C 223 17.33 20.77 15.08
N SER C 224 16.44 20.30 14.21
CA SER C 224 15.03 20.12 14.55
C SER C 224 14.57 18.68 14.50
N ALA C 225 15.49 17.71 14.49
CA ALA C 225 15.09 16.31 14.45
C ALA C 225 14.02 15.97 15.49
N ARG C 226 14.14 16.50 16.71
CA ARG C 226 13.24 16.15 17.79
C ARG C 226 12.52 17.40 18.32
N PHE C 227 12.06 18.24 17.39
CA PHE C 227 11.45 19.52 17.75
C PHE C 227 10.09 19.34 18.42
N CYS C 228 9.36 18.27 18.08
CA CYS C 228 8.05 18.05 18.72
C CYS C 228 8.21 17.57 20.15
N GLU C 229 9.19 16.71 20.41
CA GLU C 229 9.47 16.33 21.79
C GLU C 229 9.89 17.55 22.61
N ASN C 230 10.68 18.44 22.02
CA ASN C 230 11.05 19.65 22.75
C ASN C 230 9.82 20.50 23.04
N ALA C 231 8.94 20.66 22.05
CA ALA C 231 7.72 21.44 22.25
C ALA C 231 6.86 20.85 23.35
N TYR C 232 6.73 19.51 23.38
CA TYR C 232 5.97 18.88 24.45
C TYR C 232 6.54 19.25 25.82
N PHE C 233 7.86 19.23 25.97
CA PHE C 233 8.45 19.55 27.26
C PHE C 233 8.21 21.01 27.63
N ILE C 234 8.21 21.91 26.65
CA ILE C 234 7.92 23.31 26.94
C ILE C 234 6.48 23.46 27.44
N LYS C 235 5.53 22.78 26.79
CA LYS C 235 4.16 22.85 27.27
C LYS C 235 4.03 22.24 28.67
N ALA C 236 4.79 21.17 28.94
CA ALA C 236 4.69 20.50 30.23
C ALA C 236 5.33 21.30 31.37
N ARG C 237 6.42 22.01 31.10
CA ARG C 237 7.26 22.57 32.15
C ARG C 237 7.31 24.09 32.21
N ASP C 238 6.89 24.79 31.17
CA ASP C 238 6.89 26.25 31.17
C ASP C 238 5.47 26.75 31.42
N PRO C 239 5.18 27.38 32.57
CA PRO C 239 3.79 27.76 32.84
C PRO C 239 3.20 28.70 31.80
N LYS C 240 4.03 29.49 31.10
CA LYS C 240 3.52 30.38 30.06
C LYS C 240 2.78 29.61 28.96
N TYR C 241 3.15 28.35 28.73
CA TYR C 241 2.57 27.57 27.64
C TYR C 241 1.66 26.45 28.15
N LYS C 242 1.25 26.52 29.41
CA LYS C 242 0.45 25.44 29.98
C LYS C 242 -0.81 25.19 29.17
N ASN C 243 -1.42 26.24 28.63
CA ASN C 243 -2.65 26.12 27.86
C ASN C 243 -2.46 26.31 26.37
N ALA C 244 -1.23 26.32 25.88
CA ALA C 244 -0.97 26.41 24.45
C ALA C 244 -1.12 25.04 23.78
N THR C 245 -1.46 25.05 22.50
CA THR C 245 -1.38 23.83 21.71
C THR C 245 0.08 23.54 21.37
N ILE C 246 0.36 22.28 21.04
CA ILE C 246 1.71 21.94 20.63
C ILE C 246 2.13 22.77 19.42
N LYS C 247 1.22 22.98 18.46
CA LYS C 247 1.57 23.77 17.30
C LYS C 247 1.84 25.23 17.67
N GLU C 248 1.15 25.76 18.68
CA GLU C 248 1.44 27.12 19.12
C GLU C 248 2.83 27.20 19.73
N VAL C 249 3.23 26.16 20.48
CA VAL C 249 4.58 26.15 21.04
C VAL C 249 5.61 26.10 19.91
N ILE C 250 5.39 25.22 18.93
CA ILE C 250 6.32 25.10 17.82
C ILE C 250 6.46 26.43 17.08
N PHE C 251 5.33 27.09 16.81
CA PHE C 251 5.36 28.37 16.10
C PHE C 251 6.25 29.38 16.83
N ASP C 252 6.16 29.43 18.17
CA ASP C 252 6.99 30.35 18.92
C ASP C 252 8.45 29.93 18.90
N MET C 253 8.73 28.63 19.03
CA MET C 253 10.12 28.18 18.99
C MET C 253 10.84 28.74 17.77
N TYR C 254 10.19 28.70 16.61
CA TYR C 254 10.86 29.01 15.36
C TYR C 254 10.89 30.50 15.08
N LYS C 255 10.32 31.32 15.97
CA LYS C 255 10.65 32.73 15.98
C LYS C 255 12.10 32.96 16.38
N TYR C 256 12.76 31.96 16.96
CA TYR C 256 14.10 32.12 17.53
C TYR C 256 15.14 31.34 16.73
N ALA C 257 14.91 31.18 15.43
CA ALA C 257 15.95 30.74 14.51
C ALA C 257 15.71 31.42 13.17
N ASP C 258 16.72 31.35 12.30
CA ASP C 258 16.64 31.88 10.95
C ASP C 258 16.45 30.80 9.90
N ALA C 259 16.67 29.54 10.27
CA ALA C 259 16.55 28.41 9.38
C ALA C 259 16.53 27.16 10.25
N LEU C 260 16.25 26.04 9.64
CA LEU C 260 16.28 24.77 10.34
C LEU C 260 16.89 23.72 9.43
N THR C 261 17.57 22.77 10.05
CA THR C 261 17.93 21.50 9.44
C THR C 261 17.20 20.43 10.22
N MET C 262 16.62 19.46 9.51
CA MET C 262 15.81 18.45 10.17
C MET C 262 16.09 17.07 9.61
N SER C 263 16.39 16.13 10.51
CA SER C 263 16.19 14.72 10.21
C SER C 263 14.73 14.40 10.44
N ALA C 264 13.99 14.18 9.37
CA ALA C 264 12.59 13.79 9.48
C ALA C 264 12.43 12.32 9.84
N LYS C 265 13.54 11.60 10.03
CA LYS C 265 13.56 10.22 10.50
C LYS C 265 13.29 10.13 12.00
N LYS C 266 13.12 11.26 12.66
CA LYS C 266 12.82 11.29 14.09
C LYS C 266 11.36 11.72 14.29
N ASP C 267 11.11 12.95 14.75
CA ASP C 267 9.77 13.29 15.18
C ASP C 267 8.70 13.24 14.08
N PRO C 268 8.99 13.47 12.79
CA PRO C 268 7.96 13.28 11.76
C PRO C 268 7.68 11.83 11.39
N LEU C 269 8.21 10.86 12.14
CA LEU C 269 7.69 9.49 12.11
C LEU C 269 7.96 8.79 10.78
N LEU C 270 9.17 8.98 10.24
CA LEU C 270 9.54 8.42 8.96
C LEU C 270 10.66 7.40 9.06
N ASN C 271 10.88 6.68 7.96
CA ASN C 271 11.98 5.76 7.79
C ASN C 271 13.12 6.36 6.97
N ILE C 272 12.88 7.50 6.34
CA ILE C 272 13.87 8.22 5.55
C ILE C 272 13.31 9.62 5.36
N GLY C 273 14.21 10.59 5.17
CA GLY C 273 13.76 11.95 4.92
C GLY C 273 14.45 13.03 5.74
N GLY C 274 14.69 14.18 5.11
CA GLY C 274 15.24 15.34 5.77
C GLY C 274 14.68 16.61 5.15
N LEU C 275 15.03 17.74 5.78
CA LEU C 275 14.45 19.02 5.37
C LEU C 275 15.37 20.16 5.78
N VAL C 276 15.56 21.09 4.84
CA VAL C 276 16.09 22.43 5.10
C VAL C 276 14.92 23.40 4.93
N ALA C 277 14.73 24.28 5.90
CA ALA C 277 13.78 25.37 5.71
C ALA C 277 14.44 26.66 6.17
N ILE C 278 14.17 27.73 5.43
CA ILE C 278 14.78 29.03 5.68
C ILE C 278 13.66 30.04 5.87
N ARG C 279 13.78 30.87 6.90
CA ARG C 279 12.68 31.75 7.27
C ARG C 279 12.40 32.78 6.18
N ASP C 280 13.42 33.54 5.77
CA ASP C 280 13.17 34.54 4.74
C ASP C 280 14.42 35.03 4.02
N ASN C 281 15.59 34.45 4.29
CA ASN C 281 16.80 34.89 3.60
C ASN C 281 16.89 34.22 2.24
N GLU C 282 16.44 34.93 1.20
CA GLU C 282 16.36 34.32 -0.12
C GLU C 282 17.75 34.05 -0.70
N GLU C 283 18.75 34.86 -0.37
CA GLU C 283 20.09 34.61 -0.89
C GLU C 283 20.64 33.28 -0.39
N ILE C 284 20.48 33.02 0.91
CA ILE C 284 20.92 31.73 1.47
CA ILE C 284 20.94 31.73 1.45
C ILE C 284 20.14 30.59 0.85
N PHE C 285 18.83 30.77 0.68
CA PHE C 285 18.02 29.77 0.00
C PHE C 285 18.57 29.45 -1.39
N THR C 286 18.88 30.50 -2.16
CA THR C 286 19.39 30.30 -3.52
C THR C 286 20.72 29.56 -3.52
N LEU C 287 21.63 29.95 -2.64
CA LEU C 287 22.92 29.27 -2.54
C LEU C 287 22.75 27.83 -2.10
N ALA C 288 21.84 27.59 -1.14
CA ALA C 288 21.59 26.24 -0.68
C ALA C 288 21.02 25.38 -1.80
N ARG C 289 20.12 25.93 -2.61
CA ARG C 289 19.61 25.18 -3.75
C ARG C 289 20.74 24.80 -4.71
N GLN C 290 21.71 25.71 -4.90
CA GLN C 290 22.81 25.44 -5.83
C GLN C 290 23.67 24.29 -5.33
N ARG C 291 23.78 24.10 -4.01
CA ARG C 291 24.52 22.95 -3.50
C ARG C 291 23.67 21.68 -3.48
N CYS C 292 22.36 21.83 -3.25
CA CYS C 292 21.47 20.68 -3.28
C CYS C 292 21.59 19.89 -4.59
N VAL C 293 21.60 20.59 -5.73
CA VAL C 293 21.60 19.91 -7.02
C VAL C 293 22.73 18.90 -7.15
N PRO C 294 24.00 19.24 -6.93
CA PRO C 294 25.05 18.22 -7.10
C PRO C 294 25.08 17.17 -6.01
N MET C 295 24.69 17.52 -4.79
CA MET C 295 24.87 16.64 -3.64
CA MET C 295 24.89 16.63 -3.66
C MET C 295 23.69 15.74 -3.38
N GLU C 296 22.47 16.25 -3.59
CA GLU C 296 21.28 15.54 -3.15
C GLU C 296 20.34 15.19 -4.28
N GLY C 297 20.03 16.13 -5.15
CA GLY C 297 19.05 15.92 -6.21
C GLY C 297 18.48 17.25 -6.64
N PHE C 298 17.55 17.18 -7.59
CA PHE C 298 16.89 18.41 -8.01
C PHE C 298 16.13 19.02 -6.82
N VAL C 299 15.91 20.32 -6.89
CA VAL C 299 15.48 21.08 -5.71
C VAL C 299 14.05 20.80 -5.28
N THR C 300 13.24 20.11 -6.07
CA THR C 300 11.89 19.79 -5.65
C THR C 300 11.74 18.33 -5.19
N TYR C 301 12.83 17.58 -5.06
CA TYR C 301 12.75 16.30 -4.34
C TYR C 301 13.96 16.03 -3.44
N GLY C 302 15.13 16.61 -3.69
CA GLY C 302 16.23 16.61 -2.73
C GLY C 302 16.72 15.24 -2.29
N GLY C 303 16.72 14.27 -3.19
CA GLY C 303 17.18 12.95 -2.85
C GLY C 303 16.13 12.04 -2.24
N LEU C 304 14.86 12.44 -2.27
CA LEU C 304 13.75 11.63 -1.78
C LEU C 304 12.84 11.22 -2.92
N ALA C 305 12.28 10.02 -2.80
CA ALA C 305 11.16 9.65 -3.65
C ALA C 305 9.96 10.54 -3.32
N GLY C 306 9.11 10.78 -4.32
CA GLY C 306 7.89 11.52 -4.08
C GLY C 306 7.07 10.95 -2.94
N ARG C 307 6.97 9.61 -2.87
CA ARG C 307 6.19 9.00 -1.81
C ARG C 307 6.73 9.36 -0.44
N ASP C 308 8.03 9.63 -0.32
CA ASP C 308 8.58 9.99 0.98
C ASP C 308 8.33 11.43 1.34
N MET C 309 8.31 12.35 0.36
CA MET C 309 7.81 13.68 0.65
C MET C 309 6.35 13.61 1.09
N ALA C 310 5.55 12.74 0.47
CA ALA C 310 4.16 12.61 0.88
C ALA C 310 4.06 12.11 2.31
N ALA C 311 4.87 11.11 2.65
CA ALA C 311 4.83 10.58 4.01
C ALA C 311 5.26 11.65 5.01
N MET C 312 6.21 12.49 4.61
CA MET C 312 6.71 13.55 5.50
C MET C 312 5.65 14.59 5.77
N VAL C 313 4.88 14.99 4.75
CA VAL C 313 3.80 15.94 4.97
C VAL C 313 2.83 15.42 6.03
N GLN C 314 2.47 14.14 5.94
CA GLN C 314 1.55 13.55 6.90
C GLN C 314 2.21 13.34 8.26
N GLY C 315 3.46 12.89 8.27
CA GLY C 315 4.14 12.65 9.53
C GLY C 315 4.41 13.92 10.31
N LEU C 316 4.68 15.02 9.60
CA LEU C 316 4.87 16.29 10.28
C LEU C 316 3.63 16.65 11.09
N GLU C 317 2.45 16.36 10.55
CA GLU C 317 1.22 16.60 11.30
C GLU C 317 1.11 15.62 12.47
N GLU C 318 1.28 14.32 12.22
CA GLU C 318 1.10 13.34 13.28
C GLU C 318 2.08 13.56 14.42
N GLY C 319 3.30 14.00 14.10
CA GLY C 319 4.33 14.16 15.12
C GLY C 319 4.04 15.25 16.11
N THR C 320 3.12 16.17 15.78
CA THR C 320 2.75 17.25 16.67
C THR C 320 1.58 16.91 17.58
N GLU C 321 0.96 15.74 17.43
CA GLU C 321 -0.27 15.46 18.16
C GLU C 321 0.07 15.20 19.63
N GLU C 322 -0.54 16.00 20.51
CA GLU C 322 -0.18 15.96 21.92
C GLU C 322 -0.48 14.60 22.55
N GLU C 323 -1.58 13.96 22.15
CA GLU C 323 -1.91 12.66 22.72
C GLU C 323 -0.84 11.64 22.38
N TYR C 324 -0.33 11.69 21.15
CA TYR C 324 0.77 10.81 20.77
C TYR C 324 2.04 11.15 21.55
N LEU C 325 2.40 12.44 21.63
CA LEU C 325 3.64 12.82 22.32
C LEU C 325 3.59 12.41 23.80
N HIS C 326 2.44 12.61 24.45
CA HIS C 326 2.29 12.21 25.84
C HIS C 326 2.58 10.73 26.04
N TYR C 327 2.03 9.89 25.15
CA TYR C 327 2.27 8.46 25.24
CA TYR C 327 2.27 8.45 25.24
C TYR C 327 3.72 8.11 24.93
N ARG C 328 4.27 8.72 23.88
CA ARG C 328 5.62 8.37 23.43
C ARG C 328 6.64 8.72 24.50
N ILE C 329 6.58 9.96 24.98
CA ILE C 329 7.50 10.43 26.02
C ILE C 329 7.21 9.74 27.33
N GLY C 330 5.94 9.41 27.59
CA GLY C 330 5.60 8.64 28.77
C GLY C 330 6.15 7.24 28.76
N GLN C 331 6.27 6.63 27.58
CA GLN C 331 6.87 5.31 27.49
C GLN C 331 8.35 5.36 27.86
N VAL C 332 9.07 6.37 27.36
CA VAL C 332 10.48 6.55 27.69
C VAL C 332 10.62 6.76 29.19
N LYS C 333 9.75 7.58 29.78
CA LYS C 333 9.80 7.82 31.21
C LYS C 333 9.51 6.55 32.00
N TYR C 334 8.59 5.72 31.51
CA TYR C 334 8.30 4.44 32.15
C TYR C 334 9.54 3.55 32.22
N LEU C 335 10.24 3.37 31.09
CA LEU C 335 11.48 2.61 31.12
C LEU C 335 12.46 3.21 32.11
N GLY C 336 12.61 4.53 32.10
CA GLY C 336 13.51 5.17 33.04
C GLY C 336 13.14 4.95 34.50
N ASP C 337 11.84 5.02 34.80
CA ASP C 337 11.41 4.85 36.18
C ASP C 337 11.58 3.41 36.63
N ARG C 338 11.37 2.44 35.74
CA ARG C 338 11.65 1.05 36.08
C ARG C 338 13.12 0.91 36.50
N LEU C 339 14.02 1.54 35.75
CA LEU C 339 15.44 1.43 36.04
C LEU C 339 15.80 2.18 37.32
N ARG C 340 15.32 3.42 37.45
CA ARG C 340 15.65 4.25 38.60
C ARG C 340 15.09 3.68 39.89
N GLU C 341 13.91 3.06 39.83
CA GLU C 341 13.35 2.45 41.04
C GLU C 341 14.15 1.24 41.48
N ALA C 342 14.93 0.65 40.57
CA ALA C 342 15.80 -0.47 40.86
C ALA C 342 17.24 -0.04 41.13
N GLY C 343 17.49 1.27 41.24
CA GLY C 343 18.81 1.74 41.59
C GLY C 343 19.79 1.82 40.44
N ILE C 344 19.31 1.83 39.20
CA ILE C 344 20.16 2.01 38.02
C ILE C 344 20.25 3.51 37.76
N PRO C 345 21.46 4.10 37.72
CA PRO C 345 21.57 5.55 37.50
C PRO C 345 21.26 5.92 36.05
N ILE C 346 20.44 6.95 35.87
CA ILE C 346 20.08 7.44 34.55
C ILE C 346 20.17 8.96 34.55
N GLN C 347 20.21 9.52 33.34
CA GLN C 347 20.00 10.96 33.18
C GLN C 347 18.56 11.27 33.55
N TYR C 348 18.38 12.09 34.59
CA TYR C 348 17.07 12.32 35.18
C TYR C 348 16.73 13.81 35.17
N PRO C 349 15.57 14.21 34.65
CA PRO C 349 14.47 13.40 34.09
C PRO C 349 14.82 12.80 32.74
N THR C 350 14.12 11.73 32.34
CA THR C 350 14.29 11.18 31.00
C THR C 350 13.87 12.22 29.96
N GLY C 351 14.56 12.21 28.82
CA GLY C 351 14.23 13.05 27.69
C GLY C 351 13.17 12.44 26.80
N GLY C 352 13.16 12.88 25.54
CA GLY C 352 12.04 12.55 24.68
C GLY C 352 12.10 11.20 24.04
N HIS C 353 13.30 10.68 23.76
CA HIS C 353 13.43 9.59 22.81
C HIS C 353 14.23 8.39 23.31
N ALA C 354 14.81 8.46 24.50
CA ALA C 354 15.74 7.45 24.96
C ALA C 354 15.96 7.61 26.45
N VAL C 355 16.34 6.50 27.08
CA VAL C 355 16.88 6.52 28.42
C VAL C 355 18.39 6.41 28.33
N PHE C 356 19.09 7.30 29.03
CA PHE C 356 20.55 7.34 29.05
C PHE C 356 21.01 6.82 30.41
N VAL C 357 21.62 5.65 30.41
CA VAL C 357 22.10 5.02 31.63
C VAL C 357 23.52 5.51 31.89
N ASP C 358 23.74 6.03 33.10
CA ASP C 358 25.04 6.61 33.47
C ASP C 358 25.95 5.47 33.90
N CYS C 359 26.83 5.04 33.00
CA CYS C 359 27.67 3.87 33.28
C CYS C 359 28.91 4.24 34.07
N LYS C 360 29.31 5.51 34.05
CA LYS C 360 30.37 5.94 34.96
C LYS C 360 30.04 5.54 36.39
N LYS C 361 28.75 5.56 36.73
CA LYS C 361 28.31 5.14 38.06
C LYS C 361 28.13 3.62 38.15
N LEU C 362 27.74 2.96 37.05
CA LEU C 362 27.47 1.52 37.11
C LEU C 362 28.75 0.69 37.19
N VAL C 363 29.76 1.06 36.43
CA VAL C 363 30.99 0.27 36.33
C VAL C 363 32.19 1.18 36.59
N PRO C 364 32.33 1.71 37.81
CA PRO C 364 33.46 2.63 38.08
C PRO C 364 34.81 1.98 37.90
N GLN C 365 34.91 0.65 38.00
CA GLN C 365 36.19 -0.03 37.89
C GLN C 365 36.74 -0.05 36.46
N ILE C 366 35.95 0.36 35.47
CA ILE C 366 36.41 0.38 34.08
C ILE C 366 36.73 1.83 33.71
N PRO C 367 38.00 2.16 33.44
CA PRO C 367 38.32 3.54 33.06
C PRO C 367 37.78 3.90 31.69
N GLY C 368 37.65 5.21 31.47
CA GLY C 368 37.04 5.69 30.24
C GLY C 368 37.66 5.11 28.97
N ASP C 369 38.99 5.03 28.93
CA ASP C 369 39.64 4.55 27.72
C ASP C 369 39.49 3.05 27.51
N GLN C 370 38.83 2.34 28.43
CA GLN C 370 38.45 0.95 28.24
C GLN C 370 36.96 0.79 27.98
N PHE C 371 36.25 1.91 27.74
CA PHE C 371 34.86 1.94 27.26
C PHE C 371 33.88 1.25 28.21
N PRO C 372 33.70 1.82 29.40
CA PRO C 372 32.79 1.19 30.38
C PRO C 372 31.37 1.03 29.87
N ALA C 373 30.82 2.02 29.18
CA ALA C 373 29.45 1.88 28.69
C ALA C 373 29.35 0.81 27.62
N GLN C 374 30.40 0.63 26.80
CA GLN C 374 30.35 -0.43 25.81
C GLN C 374 30.42 -1.80 26.46
N ALA C 375 31.14 -1.92 27.57
CA ALA C 375 31.14 -3.17 28.31
C ALA C 375 29.74 -3.51 28.82
N VAL C 376 29.02 -2.50 29.32
CA VAL C 376 27.64 -2.73 29.79
C VAL C 376 26.75 -3.13 28.61
N ILE C 377 26.88 -2.41 27.49
CA ILE C 377 26.08 -2.70 26.31
C ILE C 377 26.31 -4.13 25.85
N ASN C 378 27.56 -4.56 25.79
CA ASN C 378 27.83 -5.91 25.30
C ASN C 378 27.28 -6.96 26.26
N ALA C 379 27.38 -6.70 27.56
CA ALA C 379 26.81 -7.62 28.54
C ALA C 379 25.30 -7.70 28.39
N LEU C 380 24.64 -6.55 28.18
CA LEU C 380 23.20 -6.55 28.00
C LEU C 380 22.80 -7.33 26.75
N TYR C 381 23.55 -7.14 25.66
CA TYR C 381 23.25 -7.88 24.45
C TYR C 381 23.38 -9.38 24.68
N LEU C 382 24.48 -9.83 25.28
CA LEU C 382 24.65 -11.27 25.47
C LEU C 382 23.56 -11.83 26.38
N GLU C 383 23.14 -11.05 27.38
CA GLU C 383 22.15 -11.52 28.33
C GLU C 383 20.75 -11.59 27.73
N SER C 384 20.45 -10.77 26.74
CA SER C 384 19.05 -10.54 26.38
C SER C 384 18.75 -10.37 24.90
N GLY C 385 19.73 -10.15 24.03
CA GLY C 385 19.43 -9.86 22.66
C GLY C 385 19.08 -8.42 22.37
N VAL C 386 19.05 -7.55 23.37
CA VAL C 386 18.80 -6.13 23.17
C VAL C 386 20.07 -5.45 22.70
N ARG C 387 19.97 -4.64 21.65
CA ARG C 387 21.10 -3.85 21.15
C ARG C 387 20.91 -2.39 21.55
N ALA C 388 21.86 -1.85 22.32
CA ALA C 388 21.91 -0.44 22.68
C ALA C 388 23.16 0.17 22.04
N VAL C 389 23.38 1.47 22.31
CA VAL C 389 24.50 2.18 21.69
C VAL C 389 25.21 3.04 22.73
N GLU C 390 26.51 3.22 22.54
CA GLU C 390 27.33 3.96 23.49
C GLU C 390 27.37 5.44 23.12
N ILE C 391 27.14 6.29 24.10
CA ILE C 391 27.33 7.73 23.96
C ILE C 391 28.35 8.10 25.03
N GLY C 392 29.62 7.76 24.80
CA GLY C 392 30.67 7.92 25.78
C GLY C 392 32.07 7.98 25.18
N SER C 393 33.04 7.39 25.87
CA SER C 393 34.45 7.50 25.46
C SER C 393 34.70 6.85 24.12
N PHE C 394 34.02 5.73 23.85
CA PHE C 394 34.16 5.06 22.56
C PHE C 394 33.71 6.00 21.43
N LEU C 395 32.55 6.61 21.59
CA LEU C 395 32.06 7.54 20.57
C LEU C 395 32.99 8.74 20.45
N LEU C 396 33.36 9.35 21.58
CA LEU C 396 34.06 10.63 21.56
C LEU C 396 35.35 10.55 20.75
N GLY C 397 36.11 9.48 20.90
CA GLY C 397 37.28 9.26 20.07
C GLY C 397 38.55 9.79 20.70
N ARG C 398 39.52 10.08 19.83
CA ARG C 398 40.83 10.51 20.24
C ARG C 398 41.01 12.01 20.00
N ASP C 399 41.79 12.63 20.86
CA ASP C 399 42.20 14.02 20.66
C ASP C 399 43.16 14.08 19.48
N PRO C 400 42.84 14.77 18.39
CA PRO C 400 43.76 14.79 17.24
C PRO C 400 45.13 15.36 17.58
N ALA C 401 45.24 16.16 18.63
CA ALA C 401 46.55 16.70 19.02
C ALA C 401 47.43 15.62 19.63
N THR C 402 46.88 14.82 20.53
CA THR C 402 47.67 13.91 21.36
C THR C 402 47.64 12.46 20.91
N GLY C 403 46.60 12.06 20.18
CA GLY C 403 46.47 10.65 19.83
C GLY C 403 46.02 9.75 20.96
N GLU C 404 45.66 10.31 22.11
CA GLU C 404 45.19 9.55 23.25
C GLU C 404 43.70 9.85 23.48
N GLN C 405 43.09 9.06 24.37
CA GLN C 405 41.66 9.16 24.61
C GLN C 405 41.27 10.58 25.03
N LYS C 406 40.30 11.13 24.33
CA LYS C 406 39.69 12.40 24.73
C LYS C 406 38.79 12.16 25.95
N HIS C 407 38.86 13.07 26.91
CA HIS C 407 38.16 12.88 28.18
C HIS C 407 36.65 13.02 27.99
N ALA C 408 35.90 12.02 28.44
CA ALA C 408 34.45 12.02 28.33
C ALA C 408 33.83 12.60 29.59
N ASP C 409 32.97 13.61 29.42
CA ASP C 409 32.24 14.16 30.54
C ASP C 409 31.10 13.25 31.01
N MET C 410 30.64 12.35 30.15
CA MET C 410 29.60 11.40 30.51
C MET C 410 29.86 10.10 29.74
N GLU C 411 29.57 8.98 30.40
CA GLU C 411 29.67 7.64 29.81
C GLU C 411 28.26 7.06 29.81
N PHE C 412 27.52 7.31 28.73
CA PHE C 412 26.14 6.88 28.65
C PHE C 412 26.00 5.62 27.79
N MET C 413 25.15 4.71 28.25
CA MET C 413 24.52 3.73 27.40
C MET C 413 23.14 4.27 27.04
N ARG C 414 22.88 4.45 25.75
CA ARG C 414 21.61 4.98 25.29
C ARG C 414 20.67 3.85 24.89
N LEU C 415 19.51 3.81 25.55
CA LEU C 415 18.44 2.89 25.21
C LEU C 415 17.46 3.70 24.35
N THR C 416 17.66 3.66 23.03
CA THR C 416 16.94 4.53 22.11
C THR C 416 15.65 3.86 21.62
N ILE C 417 14.53 4.57 21.73
CA ILE C 417 13.21 3.99 21.51
C ILE C 417 12.60 4.54 20.23
N ALA C 418 12.42 3.66 19.24
CA ALA C 418 11.69 4.01 18.03
C ALA C 418 10.25 4.37 18.37
N ARG C 419 9.64 5.21 17.53
CA ARG C 419 8.29 5.68 17.80
C ARG C 419 7.23 4.71 17.30
N ARG C 420 6.32 4.32 18.20
CA ARG C 420 5.13 3.53 17.89
C ARG C 420 5.46 2.09 17.47
N VAL C 421 6.60 1.56 17.94
CA VAL C 421 7.11 0.26 17.52
C VAL C 421 7.00 -0.77 18.64
N TYR C 422 7.42 -0.41 19.85
CA TYR C 422 7.51 -1.33 20.97
C TYR C 422 6.47 -0.97 22.01
N THR C 423 5.99 -1.98 22.74
CA THR C 423 5.02 -1.78 23.80
C THR C 423 5.73 -1.63 25.15
N ASN C 424 4.94 -1.30 26.17
CA ASN C 424 5.54 -1.22 27.49
C ASN C 424 5.92 -2.59 28.04
N ASP C 425 5.41 -3.68 27.45
CA ASP C 425 5.93 -5.00 27.83
C ASP C 425 7.30 -5.24 27.21
N HIS C 426 7.58 -4.70 26.02
CA HIS C 426 8.96 -4.69 25.54
C HIS C 426 9.84 -3.88 26.48
N MET C 427 9.32 -2.75 26.98
CA MET C 427 10.09 -1.94 27.93
C MET C 427 10.43 -2.76 29.17
N ASP C 428 9.45 -3.51 29.68
CA ASP C 428 9.71 -4.35 30.85
C ASP C 428 10.80 -5.38 30.56
N TYR C 429 10.80 -5.95 29.36
CA TYR C 429 11.85 -6.91 29.01
C TYR C 429 13.23 -6.26 29.07
N ILE C 430 13.34 -5.05 28.51
CA ILE C 430 14.60 -4.31 28.54
C ILE C 430 15.04 -4.05 29.97
N ALA C 431 14.12 -3.52 30.78
CA ALA C 431 14.46 -3.14 32.14
C ALA C 431 14.84 -4.37 32.96
N ASP C 432 14.04 -5.43 32.85
CA ASP C 432 14.32 -6.63 33.64
C ASP C 432 15.68 -7.21 33.27
N ALA C 433 16.05 -7.15 31.99
CA ALA C 433 17.35 -7.66 31.56
C ALA C 433 18.48 -6.88 32.19
N LEU C 434 18.40 -5.55 32.16
CA LEU C 434 19.47 -4.72 32.75
C LEU C 434 19.49 -4.86 34.27
N ILE C 435 18.32 -4.89 34.90
CA ILE C 435 18.28 -5.00 36.36
C ILE C 435 18.90 -6.31 36.81
N GLY C 436 18.66 -7.38 36.06
CA GLY C 436 19.25 -8.68 36.37
C GLY C 436 20.75 -8.73 36.27
N LEU C 437 21.38 -7.73 35.65
CA LEU C 437 22.84 -7.66 35.57
C LEU C 437 23.48 -6.92 36.75
N LYS C 438 22.70 -6.45 37.73
CA LYS C 438 23.25 -5.55 38.73
C LYS C 438 24.45 -6.16 39.45
N GLU C 439 24.39 -7.45 39.77
CA GLU C 439 25.52 -8.07 40.46
C GLU C 439 26.70 -8.33 39.52
N LYS C 440 26.47 -8.41 38.21
CA LYS C 440 27.56 -8.64 37.27
C LYS C 440 28.38 -7.39 36.98
N PHE C 441 27.81 -6.20 37.16
CA PHE C 441 28.48 -4.97 36.75
C PHE C 441 29.88 -4.86 37.35
N ALA C 442 30.00 -5.14 38.65
CA ALA C 442 31.26 -4.90 39.35
C ALA C 442 32.42 -5.69 38.77
N THR C 443 32.15 -6.79 38.06
CA THR C 443 33.22 -7.64 37.54
C THR C 443 33.30 -7.61 36.01
N LEU C 444 32.54 -6.74 35.36
CA LEU C 444 32.72 -6.57 33.93
C LEU C 444 34.13 -6.04 33.65
N LYS C 445 34.74 -6.53 32.58
CA LYS C 445 36.03 -6.04 32.13
C LYS C 445 35.83 -5.09 30.96
N GLY C 446 36.81 -4.21 30.77
CA GLY C 446 36.78 -3.24 29.70
C GLY C 446 37.13 -3.86 28.37
N LEU C 447 37.31 -2.99 27.38
CA LEU C 447 37.54 -3.39 25.99
C LEU C 447 38.75 -2.64 25.42
N GLU C 448 39.41 -3.28 24.45
CA GLU C 448 40.49 -2.65 23.70
C GLU C 448 40.29 -2.94 22.22
N PHE C 449 41.09 -2.26 21.39
CA PHE C 449 40.85 -2.24 19.96
C PHE C 449 41.51 -3.42 19.26
N GLU C 450 40.89 -3.83 18.15
CA GLU C 450 41.48 -4.69 17.13
C GLU C 450 41.60 -3.97 15.79
N TYR C 451 40.64 -3.12 15.46
CA TYR C 451 40.68 -2.25 14.29
C TYR C 451 40.07 -0.90 14.67
N GLU C 452 40.78 0.18 14.38
CA GLU C 452 40.37 1.52 14.80
C GLU C 452 40.43 2.48 13.61
N PRO C 453 39.29 2.89 13.06
CA PRO C 453 39.30 4.00 12.09
C PRO C 453 39.98 5.21 12.68
N PRO C 454 40.50 6.11 11.84
CA PRO C 454 41.12 7.34 12.35
C PRO C 454 40.13 8.46 12.60
N VAL C 455 38.89 8.34 12.10
CA VAL C 455 37.93 9.43 12.16
C VAL C 455 36.76 9.05 13.05
N LEU C 456 35.92 8.12 12.59
CA LEU C 456 34.72 7.71 13.31
C LEU C 456 34.84 6.22 13.59
N ARG C 457 35.58 5.89 14.66
CA ARG C 457 35.83 4.51 15.01
C ARG C 457 34.62 3.81 15.62
N HIS C 458 33.65 4.57 16.16
N HIS C 458 33.67 4.60 16.14
CA HIS C 458 32.54 3.89 16.83
CA HIS C 458 32.50 4.04 16.81
C HIS C 458 31.61 3.20 15.84
C HIS C 458 31.65 3.23 15.85
N PHE C 459 31.55 3.68 14.60
CA PHE C 459 30.65 3.04 13.63
C PHE C 459 31.20 1.73 13.09
N THR C 460 32.53 1.59 12.97
CA THR C 460 33.11 0.46 12.29
C THR C 460 34.30 -0.20 13.00
N ALA C 461 34.66 0.23 14.20
CA ALA C 461 35.83 -0.34 14.87
C ALA C 461 35.53 -1.73 15.41
N ARG C 462 36.56 -2.57 15.44
CA ARG C 462 36.49 -3.91 16.02
CA ARG C 462 36.47 -3.90 16.03
C ARG C 462 37.23 -3.90 17.35
N LEU C 463 36.60 -4.48 18.37
CA LEU C 463 37.14 -4.48 19.73
C LEU C 463 37.39 -5.91 20.19
N LYS C 464 38.04 -6.02 21.35
CA LYS C 464 38.31 -7.28 22.02
C LYS C 464 38.24 -7.05 23.52
N PRO C 465 37.69 -7.98 24.29
CA PRO C 465 37.70 -7.84 25.75
C PRO C 465 39.11 -7.86 26.31
N ILE C 466 39.22 -7.52 27.59
CA ILE C 466 40.51 -7.40 28.25
C ILE C 466 40.70 -8.53 29.25
N ALA D 2 7.75 1.63 -38.66
CA ALA D 2 7.74 1.63 -37.19
C ALA D 2 6.98 0.41 -36.68
N LYS D 3 7.53 -0.25 -35.68
CA LYS D 3 7.01 -1.51 -35.17
C LYS D 3 6.68 -1.39 -33.70
N ARG D 4 5.44 -1.70 -33.34
CA ARG D 4 5.02 -1.69 -31.96
CA ARG D 4 4.98 -1.70 -31.96
C ARG D 4 5.28 -3.07 -31.34
N ILE D 5 5.91 -3.07 -30.18
CA ILE D 5 6.24 -4.30 -29.46
C ILE D 5 5.37 -4.35 -28.20
N VAL D 6 4.65 -5.47 -28.03
CA VAL D 6 3.71 -5.57 -26.93
C VAL D 6 4.42 -5.68 -25.58
N GLU D 7 3.76 -5.14 -24.55
CA GLU D 7 4.26 -5.22 -23.18
C GLU D 7 4.38 -6.68 -22.73
N PRO D 8 5.52 -7.08 -22.11
CA PRO D 8 5.61 -8.41 -21.48
C PRO D 8 5.11 -8.39 -20.04
N PHE D 9 4.04 -7.64 -19.82
CA PHE D 9 3.39 -7.49 -18.53
C PHE D 9 1.99 -6.97 -18.81
N ARG D 10 1.18 -6.95 -17.76
CA ARG D 10 -0.10 -6.25 -17.84
C ARG D 10 -0.15 -5.26 -16.68
N ILE D 11 -1.12 -4.36 -16.77
CA ILE D 11 -1.20 -3.25 -15.82
C ILE D 11 -1.89 -3.74 -14.56
N LYS D 12 -1.32 -3.39 -13.40
CA LYS D 12 -1.96 -3.73 -12.14
C LYS D 12 -2.41 -2.50 -11.35
N MET D 13 -1.78 -1.35 -11.55
N MET D 13 -1.83 -1.33 -11.60
CA MET D 13 -2.24 -0.13 -10.90
CA MET D 13 -2.25 -0.09 -10.96
C MET D 13 -1.94 1.04 -11.82
C MET D 13 -2.14 1.07 -11.95
N VAL D 14 -2.90 1.98 -11.89
N VAL D 14 -3.09 2.01 -11.87
CA VAL D 14 -2.79 3.13 -12.76
CA VAL D 14 -3.11 3.17 -12.76
C VAL D 14 -2.75 4.41 -11.93
C VAL D 14 -3.01 4.46 -11.96
N GLU D 15 -2.45 5.51 -12.63
N GLU D 15 -2.43 5.49 -12.58
CA GLU D 15 -2.32 6.84 -12.07
CA GLU D 15 -2.42 6.86 -12.08
C GLU D 15 -2.86 7.80 -13.11
C GLU D 15 -3.09 7.75 -13.13
N LYS D 16 -3.84 8.62 -12.72
N LYS D 16 -4.09 8.51 -12.70
CA LYS D 16 -4.50 9.50 -13.67
CA LYS D 16 -4.79 9.37 -13.65
C LYS D 16 -3.54 10.58 -14.19
C LYS D 16 -3.93 10.57 -14.02
N ILE D 17 -3.74 10.96 -15.46
N ILE D 17 -3.82 10.85 -15.32
CA ILE D 17 -3.06 12.09 -16.06
CA ILE D 17 -3.18 12.06 -15.83
C ILE D 17 -4.11 12.95 -16.74
C ILE D 17 -4.12 12.68 -16.86
N ARG D 18 -3.74 14.19 -17.06
N ARG D 18 -3.99 14.00 -17.04
CA ARG D 18 -4.68 15.09 -17.70
CA ARG D 18 -4.93 14.75 -17.86
C ARG D 18 -3.93 16.07 -18.59
C ARG D 18 -4.20 15.78 -18.69
N VAL D 19 -4.65 16.60 -19.58
N VAL D 19 -4.82 16.16 -19.80
CA VAL D 19 -4.11 17.57 -20.52
CA VAL D 19 -4.34 17.26 -20.65
C VAL D 19 -4.47 18.96 -20.00
C VAL D 19 -5.03 18.53 -20.18
N PRO D 20 -3.51 19.76 -19.55
N PRO D 20 -4.31 19.52 -19.65
CA PRO D 20 -3.83 21.17 -19.27
CA PRO D 20 -4.96 20.80 -19.35
C PRO D 20 -4.25 21.87 -20.56
C PRO D 20 -5.61 21.38 -20.58
N SER D 21 -5.19 22.80 -20.43
N SER D 21 -6.67 22.15 -20.38
CA SER D 21 -5.63 23.57 -21.59
CA SER D 21 -7.37 22.78 -21.49
C SER D 21 -4.48 24.44 -22.10
C SER D 21 -6.39 23.58 -22.34
N ARG D 22 -4.63 24.89 -23.35
N ARG D 22 -6.78 23.87 -23.59
CA ARG D 22 -3.61 25.75 -23.94
CA ARG D 22 -5.97 24.75 -24.42
C ARG D 22 -3.36 26.98 -23.08
C ARG D 22 -5.60 26.03 -23.66
N GLU D 23 -4.42 27.61 -22.58
N GLU D 23 -6.60 26.69 -23.09
CA GLU D 23 -4.26 28.80 -21.74
CA GLU D 23 -6.35 27.91 -22.34
C GLU D 23 -3.44 28.49 -20.50
C GLU D 23 -5.41 27.66 -21.16
N GLU D 24 -3.69 27.33 -19.88
N GLU D 24 -5.64 26.58 -20.41
CA GLU D 24 -2.93 26.95 -18.70
CA GLU D 24 -4.90 26.34 -19.19
C GLU D 24 -1.46 26.73 -19.04
C GLU D 24 -3.41 26.16 -19.47
N ARG D 25 -1.18 26.17 -20.22
N ARG D 25 -3.06 25.41 -20.51
CA ARG D 25 0.21 25.89 -20.59
CA ARG D 25 -1.66 25.25 -20.88
C ARG D 25 0.98 27.18 -20.84
C ARG D 25 -1.01 26.61 -21.13
N GLU D 26 0.34 28.17 -21.48
N GLU D 26 -1.71 27.48 -21.86
CA GLU D 26 1.00 29.45 -21.70
CA GLU D 26 -1.16 28.80 -22.15
C GLU D 26 1.32 30.13 -20.37
C GLU D 26 -0.87 29.57 -20.86
N ALA D 27 0.34 30.19 -19.47
N ALA D 27 -1.82 29.59 -19.93
CA ALA D 27 0.56 30.80 -18.17
CA ALA D 27 -1.61 30.31 -18.68
C ALA D 27 1.64 30.06 -17.39
C ALA D 27 -0.48 29.68 -17.87
N ALA D 28 1.61 28.73 -17.42
N ALA D 28 -0.35 28.35 -17.92
CA ALA D 28 2.56 27.95 -16.63
CA ALA D 28 0.65 27.67 -17.11
C ALA D 28 4.00 28.19 -17.11
C ALA D 28 2.06 27.99 -17.59
N LEU D 29 4.22 28.18 -18.42
N LEU D 29 2.31 27.88 -18.90
CA LEU D 29 5.58 28.36 -18.95
CA LEU D 29 3.64 28.18 -19.41
C LEU D 29 6.13 29.74 -18.61
C LEU D 29 4.01 29.63 -19.13
N LYS D 30 5.27 30.77 -18.61
N LYS D 30 3.04 30.54 -19.20
CA LYS D 30 5.73 32.10 -18.25
CA LYS D 30 3.29 31.92 -18.82
C LYS D 30 6.15 32.16 -16.78
C LYS D 30 3.75 32.01 -17.37
N GLU D 31 5.32 31.61 -15.89
N GLU D 31 2.96 31.45 -16.45
CA GLU D 31 5.67 31.61 -14.47
CA GLU D 31 3.34 31.44 -15.04
C GLU D 31 6.94 30.83 -14.22
C GLU D 31 4.73 30.84 -14.87
N ALA D 32 7.19 29.76 -14.99
N ALA D 32 5.03 29.77 -15.58
CA ALA D 32 8.40 28.98 -14.88
CA ALA D 32 6.34 29.15 -15.56
C ALA D 32 9.58 29.63 -15.59
C ALA D 32 7.38 29.94 -16.33
N GLY D 33 9.47 30.89 -16.00
N GLY D 33 7.07 31.14 -16.80
CA GLY D 33 10.58 31.55 -16.65
CA GLY D 33 8.06 31.93 -17.51
C GLY D 33 11.06 30.83 -17.89
C GLY D 33 8.66 31.23 -18.71
N TYR D 34 10.14 30.26 -18.67
N TYR D 34 7.84 30.48 -19.45
CA TYR D 34 10.45 29.56 -19.91
CA TYR D 34 8.27 29.83 -20.69
C TYR D 34 11.46 28.44 -19.71
C TYR D 34 9.47 28.90 -20.46
N ASN D 35 11.56 27.93 -18.49
N ASN D 35 9.56 28.33 -19.26
CA ASN D 35 12.38 26.75 -18.20
CA ASN D 35 10.59 27.34 -18.93
C ASN D 35 11.49 25.63 -17.71
C ASN D 35 9.88 26.13 -18.33
N PRO D 36 11.24 24.59 -18.51
N PRO D 36 9.66 25.07 -19.10
CA PRO D 36 10.34 23.51 -18.05
CA PRO D 36 8.89 23.93 -18.56
C PRO D 36 10.78 22.83 -16.76
C PRO D 36 9.47 23.34 -17.29
N PHE D 37 12.05 22.93 -16.35
N PHE D 37 10.77 23.47 -17.06
CA PHE D 37 12.46 22.36 -15.07
CA PHE D 37 11.35 22.98 -15.80
C PHE D 37 11.72 23.00 -13.92
C PHE D 37 10.76 23.70 -14.59
N LEU D 38 11.24 24.22 -14.09
N LEU D 38 10.07 24.82 -14.80
CA LEU D 38 10.53 24.94 -13.05
CA LEU D 38 9.39 25.55 -13.74
C LEU D 38 9.03 24.81 -13.17
C LEU D 38 7.92 25.20 -13.64
N LEU D 39 8.54 24.00 -14.12
N LEU D 39 7.43 24.34 -14.52
CA LEU D 39 7.11 23.74 -14.21
CA LEU D 39 6.04 23.92 -14.44
C LEU D 39 6.67 22.79 -13.10
C LEU D 39 5.85 22.94 -13.28
N PRO D 40 5.47 22.97 -12.55
N PRO D 40 4.81 23.11 -12.47
CA PRO D 40 4.88 21.94 -11.70
CA PRO D 40 4.43 22.01 -11.57
C PRO D 40 4.39 20.78 -12.54
C PRO D 40 3.97 20.83 -12.39
N SER D 41 4.28 19.62 -11.90
CA SER D 41 3.81 18.43 -12.59
C SER D 41 2.32 18.56 -12.94
N SER D 42 1.59 19.34 -12.16
CA SER D 42 0.19 19.60 -12.48
C SER D 42 0.02 20.28 -13.83
N ALA D 43 1.05 20.93 -14.36
CA ALA D 43 0.94 21.59 -15.65
C ALA D 43 1.44 20.73 -16.81
N VAL D 44 1.70 19.44 -16.55
CA VAL D 44 2.28 18.55 -17.53
C VAL D 44 1.35 17.39 -17.81
N TYR D 45 1.20 17.03 -19.08
CA TYR D 45 0.36 15.89 -19.49
C TYR D 45 1.19 14.60 -19.48
N ILE D 46 2.09 14.46 -20.44
CA ILE D 46 3.03 13.35 -20.53
C ILE D 46 4.39 13.93 -20.22
N ASP D 47 5.08 13.37 -19.24
CA ASP D 47 6.31 13.99 -18.74
C ASP D 47 7.50 13.22 -19.29
N LEU D 48 8.25 13.86 -20.19
CA LEU D 48 9.44 13.28 -20.80
C LEU D 48 10.70 14.01 -20.38
N LEU D 49 10.67 14.68 -19.22
CA LEU D 49 11.85 15.36 -18.72
C LEU D 49 12.98 14.39 -18.44
N THR D 50 12.67 13.23 -17.87
CA THR D 50 13.71 12.27 -17.51
C THR D 50 13.11 10.88 -17.40
N ASP D 51 13.99 9.88 -17.56
CA ASP D 51 13.70 8.51 -17.20
C ASP D 51 14.20 8.18 -15.80
N SER D 52 14.58 9.17 -15.00
CA SER D 52 15.19 8.93 -13.70
C SER D 52 14.13 9.01 -12.62
N GLY D 53 13.88 7.88 -11.96
CA GLY D 53 13.02 7.85 -10.78
C GLY D 53 11.54 7.92 -11.05
N THR D 54 11.14 7.88 -12.32
CA THR D 54 9.75 7.98 -12.74
C THR D 54 9.19 6.64 -13.19
N ASN D 55 9.96 5.58 -13.02
CA ASN D 55 9.60 4.24 -13.50
C ASN D 55 8.44 3.66 -12.72
N ALA D 56 7.71 2.75 -13.37
CA ALA D 56 6.68 1.96 -12.69
C ALA D 56 7.30 0.67 -12.15
N MET D 57 7.09 0.41 -10.87
CA MET D 57 7.55 -0.82 -10.25
C MET D 57 6.56 -1.95 -10.47
N SER D 58 7.03 -3.16 -10.20
CA SER D 58 6.20 -4.35 -10.24
C SER D 58 5.55 -4.62 -8.89
N ASP D 59 4.54 -5.50 -8.91
CA ASP D 59 3.96 -5.99 -7.66
C ASP D 59 5.03 -6.67 -6.78
N HIS D 60 5.98 -7.38 -7.39
CA HIS D 60 7.04 -7.98 -6.59
C HIS D 60 7.91 -6.93 -5.91
N GLN D 61 8.18 -5.82 -6.60
CA GLN D 61 8.95 -4.75 -5.96
C GLN D 61 8.19 -4.13 -4.80
N TRP D 62 6.88 -3.88 -4.98
CA TRP D 62 6.09 -3.31 -3.87
C TRP D 62 5.98 -4.28 -2.71
N ALA D 63 5.83 -5.58 -3.00
CA ALA D 63 5.82 -6.58 -1.94
C ALA D 63 7.14 -6.57 -1.18
N ALA D 64 8.26 -6.44 -1.90
CA ALA D 64 9.56 -6.39 -1.24
C ALA D 64 9.64 -5.18 -0.34
N MET D 65 9.06 -4.05 -0.75
CA MET D 65 9.11 -2.86 0.10
CA MET D 65 9.12 -2.87 0.10
C MET D 65 8.35 -3.10 1.41
N ILE D 66 7.19 -3.75 1.33
CA ILE D 66 6.33 -3.96 2.51
CA ILE D 66 6.39 -3.84 2.55
C ILE D 66 7.05 -4.76 3.58
N THR D 67 7.88 -5.71 3.17
CA THR D 67 8.63 -6.53 4.12
C THR D 67 10.06 -6.02 4.32
N GLY D 68 10.37 -4.82 3.85
CA GLY D 68 11.71 -4.29 4.02
C GLY D 68 12.07 -4.06 5.48
N ASP D 69 13.36 -4.24 5.76
CA ASP D 69 13.97 -4.12 7.09
C ASP D 69 14.55 -2.72 7.26
N GLU D 70 13.96 -1.94 8.17
CA GLU D 70 14.33 -0.55 8.35
C GLU D 70 15.43 -0.35 9.38
N ALA D 71 16.06 -1.44 9.83
CA ALA D 71 17.13 -1.33 10.81
C ALA D 71 18.20 -0.35 10.36
N TYR D 72 18.66 0.46 11.31
CA TYR D 72 19.71 1.43 11.03
C TYR D 72 21.03 0.73 10.71
N ALA D 73 21.34 -0.35 11.42
CA ALA D 73 22.55 -1.14 11.19
C ALA D 73 22.20 -2.59 10.90
N GLY D 74 22.69 -3.10 9.77
CA GLY D 74 22.58 -4.52 9.49
C GLY D 74 21.27 -4.97 8.89
N SER D 75 20.58 -4.10 8.15
CA SER D 75 19.35 -4.48 7.49
C SER D 75 19.51 -5.75 6.66
N ARG D 76 18.51 -6.63 6.75
CA ARG D 76 18.47 -7.81 5.90
CA ARG D 76 18.48 -7.81 5.90
C ARG D 76 18.70 -7.45 4.45
N ASN D 77 18.10 -6.33 4.01
CA ASN D 77 18.14 -6.00 2.60
C ASN D 77 19.51 -5.51 2.15
N TYR D 78 20.34 -5.01 3.09
CA TYR D 78 21.71 -4.69 2.74
C TYR D 78 22.47 -5.93 2.30
N TYR D 79 22.34 -7.02 3.06
CA TYR D 79 23.06 -8.24 2.71
C TYR D 79 22.51 -8.83 1.42
N ASP D 80 21.20 -8.73 1.18
CA ASP D 80 20.64 -9.17 -0.10
C ASP D 80 21.25 -8.37 -1.25
N LEU D 81 21.41 -7.06 -1.07
CA LEU D 81 21.96 -6.22 -2.11
C LEU D 81 23.42 -6.55 -2.36
N LYS D 82 24.17 -6.80 -1.29
CA LYS D 82 25.55 -7.23 -1.44
C LYS D 82 25.65 -8.50 -2.25
N ASP D 83 24.78 -9.48 -1.95
CA ASP D 83 24.78 -10.72 -2.71
C ASP D 83 24.42 -10.46 -4.18
N LYS D 84 23.48 -9.55 -4.42
CA LYS D 84 23.06 -9.29 -5.80
C LYS D 84 24.19 -8.65 -6.61
N ALA D 85 24.97 -7.75 -6.00
CA ALA D 85 26.11 -7.16 -6.69
C ALA D 85 27.17 -8.21 -6.99
N LYS D 86 27.38 -9.15 -6.07
CA LYS D 86 28.31 -10.26 -6.33
C LYS D 86 27.80 -11.13 -7.49
N GLU D 87 26.50 -11.40 -7.51
CA GLU D 87 25.91 -12.20 -8.59
C GLU D 87 26.06 -11.52 -9.95
N LEU D 88 25.69 -10.24 -10.04
CA LEU D 88 25.63 -9.58 -11.33
C LEU D 88 27.01 -9.17 -11.84
N PHE D 89 27.86 -8.66 -10.95
CA PHE D 89 29.09 -8.00 -11.37
C PHE D 89 30.33 -8.74 -10.94
N ASN D 90 30.20 -9.69 -10.02
CA ASN D 90 31.32 -10.36 -9.37
C ASN D 90 32.13 -9.39 -8.53
N TYR D 91 31.50 -8.34 -8.01
CA TYR D 91 32.17 -7.37 -7.14
C TYR D 91 31.89 -7.71 -5.68
N ASP D 92 32.93 -7.56 -4.83
CA ASP D 92 32.90 -8.07 -3.47
C ASP D 92 32.45 -7.05 -2.43
N TYR D 93 32.34 -5.77 -2.78
CA TYR D 93 32.05 -4.72 -1.82
C TYR D 93 30.96 -3.79 -2.33
N ILE D 94 30.03 -3.40 -1.47
CA ILE D 94 29.01 -2.44 -1.85
C ILE D 94 28.86 -1.37 -0.78
N ILE D 95 28.44 -0.19 -1.23
CA ILE D 95 27.97 0.88 -0.35
C ILE D 95 26.68 1.40 -1.00
N PRO D 96 25.52 1.26 -0.38
CA PRO D 96 24.33 1.90 -0.93
C PRO D 96 24.48 3.42 -0.86
N ALA D 97 23.77 4.11 -1.76
CA ALA D 97 23.73 5.57 -1.77
C ALA D 97 22.31 5.99 -2.12
N HIS D 98 21.93 7.22 -1.77
CA HIS D 98 20.52 7.54 -1.97
C HIS D 98 20.20 7.69 -3.45
N GLN D 99 21.16 8.08 -4.29
CA GLN D 99 20.98 8.04 -5.74
C GLN D 99 22.35 8.21 -6.38
N GLY D 100 22.39 8.34 -7.71
CA GLY D 100 23.66 8.23 -8.44
C GLY D 100 24.67 9.31 -8.07
N ARG D 101 24.22 10.56 -7.91
CA ARG D 101 25.16 11.62 -7.60
C ARG D 101 25.63 11.52 -6.17
N GLY D 102 24.88 10.83 -5.31
CA GLY D 102 25.41 10.49 -4.00
C GLY D 102 26.53 9.46 -4.09
N ALA D 103 26.35 8.46 -4.95
CA ALA D 103 27.40 7.49 -5.21
C ALA D 103 28.66 8.17 -5.72
N GLU D 104 28.49 9.16 -6.62
CA GLU D 104 29.63 9.92 -7.12
C GLU D 104 30.31 10.71 -6.02
N ASN D 105 29.51 11.32 -5.13
CA ASN D 105 30.07 12.08 -4.03
C ASN D 105 30.82 11.19 -3.05
N ILE D 106 30.39 9.93 -2.88
CA ILE D 106 31.13 9.00 -2.04
C ILE D 106 32.47 8.66 -2.67
N LEU D 107 32.47 8.30 -3.95
CA LEU D 107 33.61 7.61 -4.53
C LEU D 107 34.65 8.56 -5.13
N PHE D 108 34.24 9.62 -5.82
CA PHE D 108 35.22 10.40 -6.56
C PHE D 108 36.22 11.13 -5.66
N PRO D 109 35.80 11.77 -4.57
CA PRO D 109 36.81 12.40 -3.69
C PRO D 109 37.80 11.40 -3.13
N VAL D 110 37.34 10.16 -2.89
CA VAL D 110 38.21 9.10 -2.39
C VAL D 110 39.22 8.68 -3.46
N LEU D 111 38.78 8.56 -4.72
CA LEU D 111 39.73 8.20 -5.77
C LEU D 111 40.79 9.29 -5.95
N LEU D 112 40.39 10.56 -5.81
CA LEU D 112 41.38 11.62 -5.88
C LEU D 112 42.38 11.53 -4.75
N LYS D 113 41.89 11.46 -3.50
CA LYS D 113 42.80 11.41 -2.37
C LYS D 113 43.71 10.20 -2.45
N TYR D 114 43.17 9.07 -2.91
CA TYR D 114 43.96 7.85 -3.07
C TYR D 114 45.09 8.05 -4.06
N LYS D 115 44.82 8.74 -5.17
CA LYS D 115 45.87 9.00 -6.17
C LYS D 115 46.89 10.01 -5.63
N GLN D 116 46.47 10.89 -4.72
CA GLN D 116 47.38 11.90 -4.15
C GLN D 116 48.28 11.30 -3.07
N LYS D 117 47.73 10.43 -2.21
CA LYS D 117 48.53 9.85 -1.13
C LYS D 117 49.71 9.06 -1.67
N GLU D 118 49.66 8.62 -2.92
CA GLU D 118 50.79 7.98 -3.56
C GLU D 118 51.78 8.99 -4.13
N GLY D 119 51.52 10.29 -3.98
CA GLY D 119 52.39 11.31 -4.54
C GLY D 119 52.05 11.73 -5.94
N LYS D 120 50.85 11.39 -6.43
CA LYS D 120 50.48 11.67 -7.82
C LYS D 120 49.30 12.64 -7.85
N ALA D 121 48.63 12.74 -9.00
CA ALA D 121 47.45 13.58 -9.14
C ALA D 121 47.78 15.05 -8.92
N LYS D 122 48.97 15.47 -9.39
CA LYS D 122 49.39 16.86 -9.23
C LYS D 122 48.47 17.82 -9.97
N ASN D 123 48.06 17.47 -11.18
CA ASN D 123 47.16 18.27 -12.01
C ASN D 123 46.09 17.31 -12.49
N PRO D 124 45.15 16.96 -11.61
CA PRO D 124 44.33 15.77 -11.82
C PRO D 124 43.21 15.95 -12.82
N VAL D 125 42.90 14.85 -13.52
CA VAL D 125 41.82 14.81 -14.49
C VAL D 125 41.12 13.47 -14.40
N PHE D 126 39.86 13.46 -14.83
CA PHE D 126 39.10 12.25 -15.12
C PHE D 126 38.84 12.21 -16.61
N ILE D 127 38.86 11.02 -17.21
CA ILE D 127 38.58 10.82 -18.63
C ILE D 127 37.38 9.89 -18.77
N SER D 128 36.44 10.26 -19.64
CA SER D 128 35.24 9.47 -19.87
C SER D 128 34.90 9.51 -21.36
N ASN D 129 34.19 8.50 -21.84
CA ASN D 129 33.56 8.63 -23.15
C ASN D 129 32.64 9.84 -23.14
N PHE D 130 31.88 10.02 -22.08
CA PHE D 130 31.21 11.30 -21.84
C PHE D 130 30.69 11.34 -20.40
N HIS D 131 31.20 12.27 -19.60
CA HIS D 131 30.71 12.45 -18.24
C HIS D 131 29.31 13.03 -18.30
N PHE D 132 28.38 12.45 -17.57
N PHE D 132 28.39 12.42 -17.56
CA PHE D 132 27.11 13.15 -17.42
CA PHE D 132 27.09 13.03 -17.30
C PHE D 132 27.31 14.39 -16.54
C PHE D 132 27.27 14.31 -16.47
N ASP D 133 26.28 15.24 -16.47
N ASP D 133 26.25 15.16 -16.49
CA ASP D 133 26.49 16.56 -15.88
CA ASP D 133 26.39 16.50 -15.91
C ASP D 133 26.76 16.48 -14.39
C ASP D 133 26.76 16.43 -14.43
N THR D 134 26.06 15.61 -13.64
CA THR D 134 26.38 15.50 -12.21
C THR D 134 27.77 14.93 -12.02
N THR D 135 28.13 13.97 -12.86
CA THR D 135 29.42 13.32 -12.80
C THR D 135 30.54 14.34 -13.02
N ALA D 136 30.41 15.13 -14.09
CA ALA D 136 31.40 16.17 -14.37
C ALA D 136 31.41 17.22 -13.27
N ALA D 137 30.26 17.52 -12.68
CA ALA D 137 30.22 18.53 -11.62
C ALA D 137 31.03 18.05 -10.43
N HIS D 138 30.91 16.77 -10.08
CA HIS D 138 31.69 16.24 -8.96
C HIS D 138 33.17 16.19 -9.29
N VAL D 139 33.52 15.86 -10.53
CA VAL D 139 34.93 15.91 -10.91
C VAL D 139 35.46 17.32 -10.69
N GLU D 140 34.70 18.33 -11.12
CA GLU D 140 35.16 19.71 -11.04
C GLU D 140 35.10 20.27 -9.62
N LEU D 141 34.10 19.85 -8.82
CA LEU D 141 34.03 20.29 -7.44
C LEU D 141 35.26 19.85 -6.66
N ASN D 142 35.88 18.76 -7.08
CA ASN D 142 37.05 18.22 -6.42
C ASN D 142 38.35 18.72 -7.06
N GLY D 143 38.28 19.75 -7.89
CA GLY D 143 39.49 20.36 -8.43
C GLY D 143 40.08 19.68 -9.63
N CYS D 144 39.32 18.82 -10.30
CA CYS D 144 39.81 18.05 -11.43
C CYS D 144 39.15 18.52 -12.71
N LYS D 145 39.79 18.23 -13.83
CA LYS D 145 39.20 18.47 -15.14
C LYS D 145 38.48 17.22 -15.61
N ALA D 146 37.31 17.43 -16.23
CA ALA D 146 36.51 16.36 -16.79
C ALA D 146 36.71 16.35 -18.30
N ILE D 147 37.37 15.33 -18.82
CA ILE D 147 37.66 15.22 -20.25
C ILE D 147 36.72 14.19 -20.87
N ASN D 148 36.07 14.57 -21.97
CA ASN D 148 35.14 13.72 -22.69
C ASN D 148 35.69 13.39 -24.07
N ILE D 149 35.70 12.10 -24.42
CA ILE D 149 36.33 11.67 -25.68
C ILE D 149 35.47 10.63 -26.41
N VAL D 150 34.18 10.92 -26.59
CA VAL D 150 33.31 10.01 -27.32
C VAL D 150 33.72 9.93 -28.78
N THR D 151 33.42 8.78 -29.40
CA THR D 151 33.67 8.58 -30.82
C THR D 151 33.06 9.70 -31.66
N GLU D 152 33.81 10.10 -32.70
CA GLU D 152 33.30 11.12 -33.61
C GLU D 152 32.04 10.68 -34.34
N LYS D 153 31.81 9.36 -34.43
CA LYS D 153 30.58 8.84 -35.03
C LYS D 153 29.34 9.39 -34.34
N ALA D 154 29.46 9.78 -33.06
CA ALA D 154 28.29 10.28 -32.34
C ALA D 154 27.82 11.63 -32.84
N PHE D 155 28.68 12.37 -33.53
CA PHE D 155 28.37 13.73 -33.97
C PHE D 155 27.72 13.77 -35.35
N ASP D 156 27.56 12.62 -35.99
CA ASP D 156 26.86 12.49 -37.26
C ASP D 156 25.51 11.83 -36.95
N SER D 157 24.50 12.66 -36.67
CA SER D 157 23.25 12.16 -36.11
C SER D 157 22.57 11.17 -37.05
N GLU D 158 22.46 11.52 -38.33
CA GLU D 158 21.62 10.69 -39.19
CA GLU D 158 21.65 10.73 -39.25
C GLU D 158 22.32 9.43 -39.67
N THR D 159 23.64 9.35 -39.57
CA THR D 159 24.38 8.19 -40.05
C THR D 159 24.42 7.09 -38.99
N TYR D 160 23.83 5.94 -39.32
CA TYR D 160 23.81 4.80 -38.41
C TYR D 160 25.23 4.38 -38.03
N ASP D 161 25.42 4.05 -36.75
CA ASP D 161 26.59 3.33 -36.29
C ASP D 161 26.17 2.44 -35.13
N ASP D 162 26.84 1.29 -34.99
CA ASP D 162 26.49 0.33 -33.95
C ASP D 162 26.79 0.84 -32.55
N TRP D 163 27.82 1.67 -32.39
CA TRP D 163 28.38 1.95 -31.08
C TRP D 163 28.72 3.44 -30.93
N LYS D 164 27.69 4.27 -30.95
CA LYS D 164 27.92 5.71 -30.87
C LYS D 164 28.31 6.19 -29.47
N GLY D 165 28.35 5.31 -28.48
CA GLY D 165 28.85 5.66 -27.17
C GLY D 165 30.30 5.30 -26.92
N ASP D 166 30.98 4.70 -27.90
CA ASP D 166 32.35 4.26 -27.72
C ASP D 166 33.29 5.40 -27.33
N PHE D 167 34.31 5.05 -26.52
CA PHE D 167 35.49 5.88 -26.40
C PHE D 167 36.20 6.00 -27.75
N ASP D 168 36.74 7.18 -28.03
CA ASP D 168 37.74 7.34 -29.09
C ASP D 168 39.09 6.89 -28.54
N ILE D 169 39.56 5.73 -28.96
CA ILE D 169 40.76 5.13 -28.34
C ILE D 169 42.00 5.97 -28.64
N LYS D 170 42.10 6.52 -29.85
CA LYS D 170 43.23 7.38 -30.16
C LYS D 170 43.29 8.56 -29.18
N LYS D 171 42.15 9.19 -28.92
CA LYS D 171 42.14 10.31 -27.98
C LYS D 171 42.43 9.86 -26.55
N LEU D 172 42.00 8.66 -26.17
CA LEU D 172 42.34 8.14 -24.85
C LEU D 172 43.86 8.06 -24.69
N LYS D 173 44.53 7.46 -25.67
CA LYS D 173 45.98 7.36 -25.59
C LYS D 173 46.64 8.73 -25.63
N GLU D 174 46.15 9.62 -26.50
CA GLU D 174 46.71 10.97 -26.57
C GLU D 174 46.58 11.68 -25.23
N ASN D 175 45.42 11.56 -24.58
CA ASN D 175 45.24 12.27 -23.32
C ASN D 175 46.10 11.69 -22.21
N ILE D 176 46.28 10.36 -22.19
CA ILE D 176 47.18 9.77 -21.19
C ILE D 176 48.60 10.26 -21.41
N ALA D 177 49.05 10.29 -22.67
CA ALA D 177 50.41 10.74 -22.95
C ALA D 177 50.59 12.22 -22.60
N GLN D 178 49.58 13.04 -22.89
CA GLN D 178 49.70 14.48 -22.65
C GLN D 178 49.64 14.81 -21.16
N HIS D 179 48.67 14.24 -20.44
CA HIS D 179 48.50 14.55 -19.04
C HIS D 179 49.38 13.71 -18.13
N GLY D 180 49.76 12.52 -18.58
CA GLY D 180 50.52 11.60 -17.75
C GLY D 180 49.62 10.69 -16.95
N ALA D 181 49.99 9.42 -16.84
CA ALA D 181 49.17 8.48 -16.08
C ALA D 181 49.03 8.91 -14.64
N ASP D 182 50.09 9.50 -14.07
CA ASP D 182 50.06 9.97 -12.70
C ASP D 182 48.95 10.98 -12.44
N ASN D 183 48.47 11.68 -13.49
CA ASN D 183 47.44 12.70 -13.32
C ASN D 183 46.04 12.22 -13.65
N ILE D 184 45.88 10.97 -14.13
CA ILE D 184 44.56 10.45 -14.45
C ILE D 184 44.01 9.78 -13.20
N VAL D 185 43.12 10.49 -12.49
CA VAL D 185 42.55 9.95 -11.27
C VAL D 185 41.76 8.68 -11.57
N ALA D 186 40.95 8.72 -12.63
CA ALA D 186 40.16 7.56 -13.02
C ALA D 186 39.66 7.77 -14.45
N ILE D 187 39.38 6.66 -15.10
CA ILE D 187 38.60 6.63 -16.35
C ILE D 187 37.19 6.20 -15.97
N VAL D 188 36.19 6.90 -16.51
CA VAL D 188 34.79 6.65 -16.24
C VAL D 188 34.16 6.16 -17.54
N SER D 189 33.74 4.89 -17.55
CA SER D 189 33.06 4.31 -18.70
C SER D 189 31.57 4.43 -18.45
N THR D 190 30.91 5.31 -19.20
CA THR D 190 29.49 5.57 -19.01
C THR D 190 28.67 4.69 -19.96
N VAL D 191 27.84 3.81 -19.39
CA VAL D 191 27.08 2.83 -20.18
C VAL D 191 25.60 2.87 -19.82
N THR D 192 24.73 2.94 -20.83
CA THR D 192 25.01 3.52 -22.13
C THR D 192 25.57 4.93 -21.96
N CYS D 193 26.03 5.53 -23.05
CA CYS D 193 26.57 6.89 -23.01
C CYS D 193 25.39 7.88 -23.09
N ASN D 194 24.93 8.34 -21.93
CA ASN D 194 23.73 9.18 -21.87
C ASN D 194 23.87 10.41 -22.76
N SER D 195 24.97 11.17 -22.58
CA SER D 195 25.13 12.44 -23.27
C SER D 195 25.26 12.30 -24.78
N ALA D 196 25.65 11.14 -25.27
CA ALA D 196 25.72 10.90 -26.70
C ALA D 196 24.39 10.45 -27.28
N GLY D 197 23.36 10.31 -26.45
CA GLY D 197 22.06 9.87 -26.94
C GLY D 197 21.61 8.52 -26.41
N GLY D 198 22.08 8.13 -25.22
CA GLY D 198 21.81 6.79 -24.73
C GLY D 198 22.42 5.73 -25.60
N GLN D 199 23.59 6.01 -26.18
CA GLN D 199 24.17 5.15 -27.20
C GLN D 199 25.16 4.17 -26.57
N PRO D 200 25.15 2.92 -27.06
CA PRO D 200 25.92 1.87 -26.39
C PRO D 200 27.41 1.95 -26.65
N VAL D 201 28.15 1.41 -25.68
CA VAL D 201 29.58 1.15 -25.74
C VAL D 201 29.75 -0.33 -25.99
N SER D 202 30.54 -0.68 -27.01
CA SER D 202 30.72 -2.09 -27.34
C SER D 202 31.57 -2.78 -26.28
N MET D 203 31.46 -4.12 -26.23
CA MET D 203 32.29 -4.89 -25.33
C MET D 203 33.76 -4.73 -25.68
N SER D 204 34.08 -4.74 -26.97
CA SER D 204 35.49 -4.64 -27.36
C SER D 204 36.06 -3.27 -26.97
N ASN D 205 35.22 -2.23 -27.01
CA ASN D 205 35.67 -0.90 -26.62
C ASN D 205 35.89 -0.82 -25.11
N LEU D 206 34.94 -1.33 -24.33
CA LEU D 206 35.14 -1.39 -22.88
C LEU D 206 36.41 -2.15 -22.53
N LYS D 207 36.65 -3.28 -23.20
CA LYS D 207 37.81 -4.11 -22.91
C LYS D 207 39.10 -3.40 -23.26
N GLU D 208 39.15 -2.76 -24.43
CA GLU D 208 40.38 -2.08 -24.82
C GLU D 208 40.69 -0.93 -23.89
N VAL D 209 39.68 -0.16 -23.52
CA VAL D 209 39.87 0.94 -22.57
C VAL D 209 40.42 0.42 -21.25
N TYR D 210 39.83 -0.66 -20.73
CA TYR D 210 40.29 -1.22 -19.46
C TYR D 210 41.72 -1.74 -19.55
N GLU D 211 42.04 -2.44 -20.64
CA GLU D 211 43.38 -2.97 -20.82
C GLU D 211 44.42 -1.85 -20.85
N ILE D 212 44.11 -0.76 -21.55
CA ILE D 212 45.00 0.39 -21.58
C ILE D 212 45.14 0.99 -20.19
N ALA D 213 44.02 1.15 -19.49
CA ALA D 213 44.05 1.69 -18.15
C ALA D 213 44.93 0.84 -17.23
N LYS D 214 44.74 -0.48 -17.26
CA LYS D 214 45.49 -1.35 -16.37
C LYS D 214 46.98 -1.28 -16.67
N GLN D 215 47.35 -1.19 -17.95
CA GLN D 215 48.76 -1.06 -18.29
C GLN D 215 49.37 0.19 -17.66
N HIS D 216 48.58 1.24 -17.48
CA HIS D 216 49.05 2.49 -16.91
C HIS D 216 48.79 2.60 -15.41
N GLY D 217 48.14 1.62 -14.81
CA GLY D 217 47.76 1.73 -13.41
C GLY D 217 46.63 2.69 -13.12
N ILE D 218 45.74 2.91 -14.08
CA ILE D 218 44.64 3.85 -13.93
C ILE D 218 43.38 3.10 -13.52
N PHE D 219 42.74 3.57 -12.44
CA PHE D 219 41.49 3.02 -11.95
C PHE D 219 40.36 3.31 -12.91
N VAL D 220 39.46 2.34 -13.10
CA VAL D 220 38.33 2.48 -14.01
C VAL D 220 37.03 2.30 -13.24
N VAL D 221 36.13 3.28 -13.40
CA VAL D 221 34.81 3.28 -12.79
C VAL D 221 33.77 3.14 -13.90
N MET D 222 32.84 2.19 -13.74
CA MET D 222 31.71 2.07 -14.67
C MET D 222 30.55 2.89 -14.14
N ASP D 223 30.19 3.98 -14.83
CA ASP D 223 28.95 4.70 -14.54
C ASP D 223 27.82 3.88 -15.14
N SER D 224 26.98 3.31 -14.26
CA SER D 224 26.20 2.13 -14.58
C SER D 224 24.69 2.35 -14.56
N ALA D 225 24.23 3.61 -14.57
CA ALA D 225 22.79 3.86 -14.53
C ALA D 225 22.03 3.05 -15.57
N ARG D 226 22.53 2.96 -16.80
CA ARG D 226 21.83 2.28 -17.89
C ARG D 226 22.63 1.09 -18.41
N PHE D 227 23.18 0.30 -17.47
CA PHE D 227 24.02 -0.85 -17.83
C PHE D 227 23.23 -1.96 -18.50
N CYS D 228 21.95 -2.15 -18.15
CA CYS D 228 21.17 -3.21 -18.78
C CYS D 228 20.83 -2.87 -20.22
N GLU D 229 20.48 -1.61 -20.48
CA GLU D 229 20.28 -1.18 -21.86
C GLU D 229 21.55 -1.35 -22.67
N ASN D 230 22.70 -1.02 -22.08
CA ASN D 230 23.96 -1.25 -22.80
C ASN D 230 24.15 -2.73 -23.10
N ALA D 231 23.89 -3.59 -22.10
CA ALA D 231 24.04 -5.02 -22.32
C ALA D 231 23.12 -5.53 -23.42
N TYR D 232 21.89 -5.01 -23.48
CA TYR D 232 20.99 -5.43 -24.55
CA TYR D 232 20.99 -5.42 -24.54
C TYR D 232 21.55 -5.08 -25.91
N PHE D 233 22.08 -3.87 -26.08
CA PHE D 233 22.65 -3.49 -27.37
C PHE D 233 23.84 -4.37 -27.73
N ILE D 234 24.66 -4.76 -26.75
CA ILE D 234 25.78 -5.65 -27.05
C ILE D 234 25.26 -7.00 -27.55
N LYS D 235 24.23 -7.55 -26.89
CA LYS D 235 23.68 -8.82 -27.38
C LYS D 235 23.09 -8.66 -28.77
N ALA D 236 22.48 -7.51 -29.04
CA ALA D 236 21.81 -7.31 -30.33
C ALA D 236 22.79 -7.08 -31.47
N ARG D 237 23.93 -6.44 -31.20
CA ARG D 237 24.80 -5.95 -32.26
C ARG D 237 26.16 -6.60 -32.33
N ASP D 238 26.61 -7.28 -31.28
CA ASP D 238 27.91 -7.95 -31.30
C ASP D 238 27.69 -9.43 -31.58
N PRO D 239 28.14 -9.95 -32.72
CA PRO D 239 27.87 -11.37 -33.03
C PRO D 239 28.44 -12.32 -31.99
N LYS D 240 29.48 -11.92 -31.26
CA LYS D 240 30.04 -12.80 -30.24
C LYS D 240 29.02 -13.11 -29.14
N TYR D 241 28.06 -12.22 -28.91
CA TYR D 241 27.12 -12.35 -27.81
C TYR D 241 25.71 -12.67 -28.30
N LYS D 242 25.57 -13.07 -29.57
CA LYS D 242 24.25 -13.28 -30.14
C LYS D 242 23.42 -14.28 -29.33
N ASN D 243 24.06 -15.31 -28.80
CA ASN D 243 23.36 -16.35 -28.04
C ASN D 243 23.68 -16.32 -26.55
N ALA D 244 24.25 -15.24 -26.06
CA ALA D 244 24.50 -15.09 -24.63
C ALA D 244 23.26 -14.53 -23.94
N THR D 245 23.11 -14.87 -22.67
CA THR D 245 22.08 -14.22 -21.87
C THR D 245 22.52 -12.79 -21.52
N ILE D 246 21.53 -11.96 -21.18
CA ILE D 246 21.84 -10.60 -20.75
C ILE D 246 22.77 -10.62 -19.54
N LYS D 247 22.54 -11.54 -18.60
CA LYS D 247 23.42 -11.62 -17.44
C LYS D 247 24.85 -12.01 -17.83
N GLU D 248 25.02 -12.89 -18.82
CA GLU D 248 26.36 -13.20 -19.31
C GLU D 248 27.04 -11.95 -19.86
N VAL D 249 26.29 -11.13 -20.60
CA VAL D 249 26.86 -9.89 -21.14
C VAL D 249 27.28 -8.97 -20.00
N ILE D 250 26.39 -8.78 -19.01
CA ILE D 250 26.69 -7.92 -17.88
C ILE D 250 27.95 -8.40 -17.16
N PHE D 251 28.02 -9.70 -16.89
CA PHE D 251 29.18 -10.24 -16.19
C PHE D 251 30.46 -9.87 -16.93
N ASP D 252 30.46 -10.01 -18.25
CA ASP D 252 31.65 -9.68 -19.04
C ASP D 252 31.93 -8.17 -19.00
N MET D 253 30.90 -7.34 -19.13
CA MET D 253 31.13 -5.89 -19.07
C MET D 253 31.94 -5.52 -17.83
N TYR D 254 31.59 -6.09 -16.68
CA TYR D 254 32.19 -5.64 -15.42
C TYR D 254 33.53 -6.29 -15.15
N LYS D 255 34.01 -7.14 -16.06
CA LYS D 255 35.42 -7.48 -16.07
C LYS D 255 36.29 -6.26 -16.44
N TYR D 256 35.69 -5.24 -17.03
CA TYR D 256 36.43 -4.11 -17.59
C TYR D 256 36.20 -2.84 -16.80
N ALA D 257 36.02 -2.98 -15.48
CA ALA D 257 36.08 -1.85 -14.57
C ALA D 257 36.58 -2.37 -13.23
N ASP D 258 36.97 -1.44 -12.35
CA ASP D 258 37.38 -1.79 -11.00
C ASP D 258 36.32 -1.46 -9.97
N ALA D 259 35.30 -0.70 -10.37
CA ALA D 259 34.27 -0.24 -9.45
C ALA D 259 33.16 0.30 -10.33
N LEU D 260 32.02 0.56 -9.70
CA LEU D 260 30.89 1.14 -10.40
C LEU D 260 30.22 2.16 -9.51
N THR D 261 29.65 3.17 -10.16
CA THR D 261 28.72 4.09 -9.55
C THR D 261 27.42 3.91 -10.32
N MET D 262 26.29 3.88 -9.62
CA MET D 262 25.03 3.58 -10.29
C MET D 262 23.93 4.45 -9.72
N SER D 263 23.18 5.11 -10.62
CA SER D 263 21.85 5.59 -10.28
C SER D 263 20.89 4.43 -10.48
N ALA D 264 20.34 3.91 -9.39
CA ALA D 264 19.39 2.82 -9.52
C ALA D 264 18.01 3.33 -9.89
N LYS D 265 17.89 4.64 -10.10
CA LYS D 265 16.67 5.28 -10.58
C LYS D 265 16.46 5.08 -12.07
N LYS D 266 17.39 4.41 -12.75
CA LYS D 266 17.28 4.14 -14.18
C LYS D 266 16.99 2.64 -14.38
N ASP D 267 17.98 1.87 -14.81
CA ASP D 267 17.69 0.50 -15.25
C ASP D 267 17.16 -0.42 -14.14
N PRO D 268 17.50 -0.25 -12.86
CA PRO D 268 16.88 -1.08 -11.82
C PRO D 268 15.45 -0.71 -11.47
N LEU D 269 14.82 0.20 -12.20
CA LEU D 269 13.36 0.35 -12.19
C LEU D 269 12.87 0.90 -10.85
N LEU D 270 13.58 1.90 -10.31
CA LEU D 270 13.23 2.46 -9.02
C LEU D 270 12.83 3.93 -9.14
N ASN D 271 12.29 4.43 -8.02
CA ASN D 271 11.96 5.85 -7.87
C ASN D 271 13.01 6.61 -7.06
N ILE D 272 13.94 5.88 -6.43
CA ILE D 272 15.02 6.45 -5.64
C ILE D 272 16.02 5.32 -5.46
N GLY D 273 17.29 5.66 -5.25
CA GLY D 273 18.28 4.64 -5.03
C GLY D 273 19.55 4.80 -5.83
N GLY D 274 20.69 4.44 -5.20
CA GLY D 274 21.98 4.46 -5.86
C GLY D 274 22.86 3.39 -5.26
N LEU D 275 24.04 3.22 -5.85
CA LEU D 275 24.93 2.15 -5.42
C LEU D 275 26.36 2.44 -5.84
N VAL D 276 27.29 2.22 -4.91
CA VAL D 276 28.71 2.04 -5.20
C VAL D 276 29.02 0.55 -5.03
N ALA D 277 29.73 -0.02 -5.98
CA ALA D 277 30.26 -1.36 -5.79
C ALA D 277 31.71 -1.33 -6.21
N ILE D 278 32.54 -2.05 -5.47
CA ILE D 278 33.97 -2.11 -5.71
C ILE D 278 34.35 -3.57 -5.89
N ARG D 279 35.12 -3.84 -6.94
CA ARG D 279 35.46 -5.21 -7.30
C ARG D 279 36.24 -5.90 -6.20
N ASP D 280 37.40 -5.34 -5.82
CA ASP D 280 38.17 -5.99 -4.78
C ASP D 280 39.18 -5.10 -4.07
N ASN D 281 39.17 -3.80 -4.31
CA ASN D 281 40.13 -2.92 -3.64
C ASN D 281 39.57 -2.53 -2.27
N GLU D 282 40.01 -3.25 -1.23
CA GLU D 282 39.43 -3.04 0.09
C GLU D 282 39.80 -1.68 0.66
N GLU D 283 40.99 -1.17 0.32
CA GLU D 283 41.39 0.14 0.81
C GLU D 283 40.46 1.23 0.30
N ILE D 284 40.14 1.20 -1.00
CA ILE D 284 39.22 2.18 -1.57
CA ILE D 284 39.22 2.20 -1.54
C ILE D 284 37.84 2.02 -0.94
N PHE D 285 37.41 0.77 -0.74
CA PHE D 285 36.14 0.50 -0.07
C PHE D 285 36.09 1.14 1.30
N THR D 286 37.13 0.92 2.11
CA THR D 286 37.17 1.45 3.46
C THR D 286 37.11 2.97 3.46
N LEU D 287 37.88 3.60 2.57
CA LEU D 287 37.87 5.06 2.48
C LEU D 287 36.53 5.58 2.01
N ALA D 288 35.90 4.89 1.07
CA ALA D 288 34.57 5.27 0.61
C ALA D 288 33.53 5.13 1.73
N ARG D 289 33.64 4.08 2.55
CA ARG D 289 32.75 3.97 3.70
C ARG D 289 32.90 5.17 4.66
N GLN D 290 34.14 5.64 4.85
CA GLN D 290 34.37 6.77 5.73
C GLN D 290 33.72 8.05 5.22
N ARG D 291 33.62 8.20 3.90
CA ARG D 291 32.91 9.36 3.36
C ARG D 291 31.41 9.15 3.36
N CYS D 292 30.97 7.90 3.16
CA CYS D 292 29.54 7.60 3.19
C CYS D 292 28.90 8.06 4.50
N VAL D 293 29.56 7.81 5.62
CA VAL D 293 28.93 8.06 6.92
C VAL D 293 28.48 9.50 7.06
N PRO D 294 29.33 10.51 6.83
CA PRO D 294 28.84 11.90 6.99
C PRO D 294 27.92 12.35 5.87
N MET D 295 28.11 11.87 4.65
CA MET D 295 27.42 12.43 3.49
C MET D 295 26.06 11.78 3.22
N GLU D 296 25.95 10.47 3.46
CA GLU D 296 24.79 9.70 3.04
C GLU D 296 24.08 9.03 4.22
N GLY D 297 24.81 8.33 5.07
CA GLY D 297 24.20 7.59 6.16
C GLY D 297 25.13 6.48 6.60
N PHE D 298 24.64 5.67 7.54
CA PHE D 298 25.44 4.53 7.94
C PHE D 298 25.64 3.59 6.74
N VAL D 299 26.72 2.80 6.81
CA VAL D 299 27.20 2.08 5.64
C VAL D 299 26.31 0.93 5.21
N THR D 300 25.35 0.48 6.02
CA THR D 300 24.41 -0.55 5.57
C THR D 300 23.06 -0.01 5.12
N TYR D 301 22.91 1.31 4.94
CA TYR D 301 21.73 1.80 4.22
C TYR D 301 22.02 3.01 3.34
N GLY D 302 23.09 3.76 3.58
CA GLY D 302 23.56 4.75 2.60
C GLY D 302 22.54 5.79 2.17
N GLY D 303 21.69 6.23 3.08
CA GLY D 303 20.69 7.24 2.78
C GLY D 303 19.42 6.72 2.16
N LEU D 304 19.21 5.40 2.16
CA LEU D 304 17.98 4.79 1.67
C LEU D 304 17.19 4.14 2.82
N ALA D 305 15.86 4.21 2.71
CA ALA D 305 15.03 3.36 3.55
C ALA D 305 15.30 1.90 3.23
N GLY D 306 15.10 1.02 4.21
CA GLY D 306 15.26 -0.39 3.95
C GLY D 306 14.37 -0.88 2.82
N ARG D 307 13.14 -0.36 2.77
CA ARG D 307 12.25 -0.76 1.68
C ARG D 307 12.84 -0.45 0.32
N ASP D 308 13.64 0.62 0.22
CA ASP D 308 14.21 0.94 -1.08
C ASP D 308 15.39 0.05 -1.44
N MET D 309 16.19 -0.39 -0.47
CA MET D 309 17.15 -1.45 -0.77
C MET D 309 16.42 -2.72 -1.21
N ALA D 310 15.28 -3.03 -0.59
CA ALA D 310 14.54 -4.22 -0.98
C ALA D 310 14.02 -4.08 -2.40
N ALA D 311 13.53 -2.91 -2.75
CA ALA D 311 13.05 -2.70 -4.11
C ALA D 311 14.19 -2.79 -5.11
N MET D 312 15.37 -2.31 -4.72
CA MET D 312 16.54 -2.36 -5.60
C MET D 312 16.98 -3.79 -5.88
N VAL D 313 16.98 -4.64 -4.85
CA VAL D 313 17.35 -6.03 -5.07
C VAL D 313 16.44 -6.65 -6.12
N GLN D 314 15.14 -6.40 -6.02
CA GLN D 314 14.21 -6.98 -6.98
C GLN D 314 14.31 -6.30 -8.34
N GLY D 315 14.45 -4.97 -8.35
CA GLY D 315 14.56 -4.25 -9.61
C GLY D 315 15.82 -4.59 -10.37
N LEU D 316 16.93 -4.84 -9.67
CA LEU D 316 18.15 -5.24 -10.35
C LEU D 316 17.91 -6.49 -11.18
N GLU D 317 17.13 -7.43 -10.63
CA GLU D 317 16.77 -8.64 -11.37
C GLU D 317 15.88 -8.30 -12.56
N GLU D 318 14.78 -7.58 -12.32
CA GLU D 318 13.83 -7.31 -13.38
C GLU D 318 14.45 -6.52 -14.53
N GLY D 319 15.37 -5.61 -14.20
CA GLY D 319 15.99 -4.77 -15.21
C GLY D 319 16.86 -5.53 -16.19
N THR D 320 17.26 -6.75 -15.84
CA THR D 320 18.07 -7.59 -16.72
C THR D 320 17.24 -8.47 -17.64
N GLU D 321 15.91 -8.50 -17.49
CA GLU D 321 15.11 -9.48 -18.22
C GLU D 321 15.02 -9.08 -19.69
N GLU D 322 15.45 -9.99 -20.57
CA GLU D 322 15.54 -9.65 -21.99
C GLU D 322 14.20 -9.29 -22.60
N GLU D 323 13.13 -10.02 -22.24
CA GLU D 323 11.82 -9.71 -22.80
CA GLU D 323 11.82 -9.71 -22.80
C GLU D 323 11.42 -8.27 -22.47
N TYR D 324 11.67 -7.84 -21.24
CA TYR D 324 11.41 -6.47 -20.84
C TYR D 324 12.30 -5.49 -21.61
N LEU D 325 13.61 -5.77 -21.70
CA LEU D 325 14.51 -4.85 -22.40
C LEU D 325 14.14 -4.71 -23.87
N HIS D 326 13.80 -5.82 -24.52
CA HIS D 326 13.37 -5.77 -25.91
C HIS D 326 12.18 -4.84 -26.10
N TYR D 327 11.19 -4.95 -25.20
CA TYR D 327 10.02 -4.08 -25.27
CA TYR D 327 10.02 -4.09 -25.27
C TYR D 327 10.38 -2.64 -24.97
N ARG D 328 11.17 -2.41 -23.91
CA ARG D 328 11.48 -1.04 -23.49
C ARG D 328 12.23 -0.31 -24.59
N ILE D 329 13.33 -0.89 -25.03
CA ILE D 329 14.14 -0.28 -26.07
C ILE D 329 13.37 -0.24 -27.39
N GLY D 330 12.51 -1.23 -27.62
CA GLY D 330 11.67 -1.19 -28.80
C GLY D 330 10.65 -0.08 -28.79
N GLN D 331 10.16 0.30 -27.61
CA GLN D 331 9.23 1.44 -27.54
C GLN D 331 9.94 2.75 -27.89
N VAL D 332 11.14 2.96 -27.33
CA VAL D 332 11.95 4.11 -27.73
C VAL D 332 12.18 4.11 -29.23
N LYS D 333 12.53 2.95 -29.79
CA LYS D 333 12.75 2.86 -31.23
C LYS D 333 11.49 3.21 -32.02
N TYR D 334 10.33 2.78 -31.52
CA TYR D 334 9.07 3.08 -32.18
C TYR D 334 8.83 4.58 -32.27
N LEU D 335 9.00 5.28 -31.14
CA LEU D 335 8.86 6.74 -31.18
C LEU D 335 9.84 7.34 -32.16
N GLY D 336 11.09 6.86 -32.16
CA GLY D 336 12.07 7.40 -33.08
C GLY D 336 11.72 7.15 -34.52
N ASP D 337 11.20 5.95 -34.82
CA ASP D 337 10.84 5.63 -36.20
C ASP D 337 9.62 6.42 -36.66
N ARG D 338 8.65 6.65 -35.78
CA ARG D 338 7.54 7.53 -36.13
C ARG D 338 8.07 8.89 -36.55
N LEU D 339 9.06 9.41 -35.81
CA LEU D 339 9.59 10.74 -36.11
C LEU D 339 10.46 10.70 -37.37
N ARG D 340 11.35 9.71 -37.48
CA ARG D 340 12.28 9.66 -38.60
C ARG D 340 11.54 9.40 -39.91
N GLU D 341 10.49 8.56 -39.88
CA GLU D 341 9.71 8.32 -41.09
C GLU D 341 8.96 9.56 -41.54
N ALA D 342 8.68 10.48 -40.62
CA ALA D 342 8.03 11.74 -40.96
C ALA D 342 9.04 12.84 -41.28
N GLY D 343 10.33 12.53 -41.28
CA GLY D 343 11.34 13.50 -41.66
C GLY D 343 11.93 14.33 -40.55
N ILE D 344 11.63 14.00 -39.29
CA ILE D 344 12.23 14.69 -38.14
C ILE D 344 13.64 14.13 -37.90
N PRO D 345 14.67 14.98 -37.81
CA PRO D 345 16.02 14.45 -37.60
C PRO D 345 16.24 13.99 -36.16
N ILE D 346 16.81 12.80 -36.00
CA ILE D 346 17.07 12.23 -34.69
C ILE D 346 18.48 11.65 -34.68
N GLN D 347 19.00 11.41 -33.48
CA GLN D 347 20.18 10.58 -33.32
C GLN D 347 19.80 9.14 -33.68
N TYR D 348 20.42 8.62 -34.73
CA TYR D 348 20.05 7.35 -35.32
C TYR D 348 21.23 6.39 -35.30
N PRO D 349 21.09 5.18 -34.76
CA PRO D 349 19.88 4.57 -34.19
C PRO D 349 19.48 5.15 -32.85
N THR D 350 18.24 4.99 -32.42
CA THR D 350 17.86 5.42 -31.08
C THR D 350 18.60 4.61 -30.03
N GLY D 351 18.83 5.25 -28.88
CA GLY D 351 19.44 4.62 -27.73
C GLY D 351 18.44 3.90 -26.86
N GLY D 352 18.85 3.66 -25.62
N GLY D 352 18.86 3.65 -25.62
CA GLY D 352 18.04 2.82 -24.76
CA GLY D 352 18.09 2.79 -24.76
C GLY D 352 16.80 3.50 -24.23
C GLY D 352 16.97 3.45 -23.98
N HIS D 353 16.88 4.79 -23.91
N HIS D 353 17.08 4.75 -23.70
CA HIS D 353 15.95 5.40 -22.98
CA HIS D 353 16.20 5.40 -22.75
C HIS D 353 15.25 6.65 -23.49
C HIS D 353 15.51 6.66 -23.28
N ALA D 354 15.58 7.11 -24.69
N ALA D 354 15.86 7.13 -24.47
CA ALA D 354 15.09 8.41 -25.13
CA ALA D 354 15.31 8.40 -24.93
C ALA D 354 15.36 8.56 -26.62
C ALA D 354 15.54 8.55 -26.42
N VAL D 355 14.56 9.40 -27.25
N VAL D 355 14.64 9.28 -27.06
CA VAL D 355 14.82 9.85 -28.61
CA VAL D 355 14.81 9.71 -28.43
C VAL D 355 15.43 11.24 -28.52
C VAL D 355 15.37 11.13 -28.39
N PHE D 356 16.58 11.40 -29.14
N PHE D 356 16.47 11.34 -29.10
CA PHE D 356 17.29 12.68 -29.15
CA PHE D 356 17.15 12.64 -29.15
C PHE D 356 17.03 13.31 -30.51
C PHE D 356 16.87 13.25 -30.52
N VAL D 357 16.20 14.34 -30.52
N VAL D 357 16.18 14.38 -30.52
CA VAL D 357 15.89 15.07 -31.74
CA VAL D 357 15.84 15.09 -31.75
C VAL D 357 17.00 16.07 -32.00
C VAL D 357 16.91 16.13 -32.00
N ASP D 358 17.62 16.00 -33.18
N ASP D 358 17.56 16.04 -33.17
CA ASP D 358 18.73 16.88 -33.54
CA ASP D 358 18.63 16.96 -33.55
C ASP D 358 18.14 18.23 -33.95
C ASP D 358 17.98 18.25 -34.06
N CYS D 359 18.37 19.24 -33.12
N CYS D 359 17.67 19.15 -33.12
CA CYS D 359 17.75 20.55 -33.33
CA CYS D 359 16.97 20.38 -33.47
C CYS D 359 18.63 21.50 -34.11
C CYS D 359 17.81 21.32 -34.31
N LYS D 360 19.94 21.25 -34.20
N LYS D 360 19.13 21.13 -34.33
CA LYS D 360 20.77 21.99 -35.14
CA LYS D 360 19.98 21.90 -35.25
C LYS D 360 20.23 21.83 -36.55
C LYS D 360 19.50 21.72 -36.69
N LYS D 361 19.80 20.62 -36.91
N LYS D 361 19.40 20.46 -37.14
CA LYS D 361 19.17 20.36 -38.20
CA LYS D 361 18.83 20.18 -38.44
C LYS D 361 17.74 20.84 -38.23
C LYS D 361 17.38 20.66 -38.53
N LEU D 362 17.02 20.77 -37.10
N LEU D 362 16.67 20.68 -37.41
CA LEU D 362 15.59 21.03 -37.10
CA LEU D 362 15.26 21.04 -37.41
C LEU D 362 15.27 22.52 -37.10
C LEU D 362 15.08 22.56 -37.52
N VAL D 363 16.10 23.35 -36.47
N VAL D 363 15.68 23.31 -36.60
CA VAL D 363 15.88 24.80 -36.43
CA VAL D 363 15.57 24.76 -36.58
C VAL D 363 17.23 25.51 -36.61
C VAL D 363 16.94 25.38 -36.80
N PRO D 364 17.89 25.35 -37.76
N PRO D 364 17.53 25.26 -37.98
CA PRO D 364 19.20 26.00 -37.94
CA PRO D 364 18.81 25.91 -38.23
C PRO D 364 19.16 27.52 -37.81
C PRO D 364 18.74 27.43 -38.24
N GLN D 365 18.00 28.15 -37.94
N GLN D 365 17.54 28.00 -38.41
CA GLN D 365 17.92 29.60 -37.91
CA GLN D 365 17.42 29.46 -38.45
C GLN D 365 18.07 30.18 -36.51
C GLN D 365 17.74 30.09 -37.10
N ILE D 366 18.15 29.35 -35.48
N ILE D 366 17.49 29.38 -36.00
CA ILE D 366 18.34 29.78 -34.10
CA ILE D 366 17.81 29.92 -34.68
C ILE D 366 19.78 29.47 -33.71
C ILE D 366 19.27 29.64 -34.36
N PRO D 367 20.62 30.47 -33.48
N PRO D 367 20.03 30.61 -33.86
CA PRO D 367 22.01 30.17 -33.09
CA PRO D 367 21.43 30.36 -33.54
C PRO D 367 22.09 29.35 -31.82
C PRO D 367 21.61 29.74 -32.16
N GLY D 368 23.26 28.75 -31.60
N GLY D 368 22.78 29.14 -31.96
CA GLY D 368 23.45 27.91 -30.43
CA GLY D 368 23.05 28.43 -30.71
C GLY D 368 23.22 28.66 -29.13
C GLY D 368 22.91 29.32 -29.49
N ASP D 369 23.77 29.88 -29.03
N ASP D 369 23.31 30.59 -29.61
CA ASP D 369 23.62 30.66 -27.80
CA ASP D 369 23.19 31.53 -28.49
C ASP D 369 22.21 31.19 -27.60
C ASP D 369 21.75 31.72 -28.04
N GLN D 370 21.30 30.95 -28.56
N GLN D 370 20.77 31.26 -28.82
CA GLN D 370 19.89 31.21 -28.37
CA GLN D 370 19.37 31.51 -28.54
C GLN D 370 19.11 29.93 -28.06
C GLN D 370 18.58 30.25 -28.22
N PHE D 371 19.81 28.79 -27.88
N PHE D 371 19.25 29.12 -28.05
CA PHE D 371 19.27 27.55 -27.34
CA PHE D 371 18.64 27.89 -27.55
C PHE D 371 18.21 26.94 -28.26
C PHE D 371 17.55 27.36 -28.48
N PRO D 372 18.60 26.53 -29.47
N PRO D 372 17.91 27.02 -29.73
CA PRO D 372 17.60 26.05 -30.43
CA PRO D 372 16.92 26.39 -30.63
C PRO D 372 16.73 24.92 -29.90
C PRO D 372 16.20 25.21 -30.02
N ALA D 373 17.32 23.95 -29.21
N ALA D 373 16.93 24.29 -29.38
CA ALA D 373 16.54 22.83 -28.73
CA ALA D 373 16.29 23.09 -28.83
C ALA D 373 15.54 23.26 -27.65
C ALA D 373 15.25 23.45 -27.79
N GLN D 374 15.85 24.30 -26.88
N GLN D 374 15.52 24.46 -26.96
CA GLN D 374 14.90 24.75 -25.87
CA GLN D 374 14.51 24.89 -26.00
C GLN D 374 13.70 25.42 -26.54
C GLN D 374 13.31 25.52 -26.70
N ALA D 375 13.93 26.15 -27.64
N ALA D 375 13.52 26.21 -27.81
CA ALA D 375 12.82 26.78 -28.35
CA ALA D 375 12.40 26.74 -28.58
C ALA D 375 11.87 25.71 -28.89
C ALA D 375 11.52 25.62 -29.11
N VAL D 376 12.42 24.60 -29.40
N VAL D 376 12.14 24.53 -29.56
CA VAL D 376 11.57 23.49 -29.84
CA VAL D 376 11.37 23.37 -29.98
C VAL D 376 10.82 22.91 -28.65
C VAL D 376 10.63 22.76 -28.78
N ILE D 377 11.56 22.59 -27.57
N ILE D 377 11.32 22.65 -27.65
CA ILE D 377 10.94 22.01 -26.38
CA ILE D 377 10.70 22.05 -26.45
C ILE D 377 9.78 22.88 -25.92
C ILE D 377 9.45 22.82 -26.05
N ASN D 378 10.05 24.16 -25.68
N ASN D 378 9.50 24.15 -26.12
CA ASN D 378 8.99 25.06 -25.23
CA ASN D 378 8.36 24.94 -25.68
C ASN D 378 7.85 25.10 -26.23
C ASN D 378 7.17 24.77 -26.62
N ALA D 379 8.17 25.15 -27.53
N ALA D 379 7.41 24.76 -27.93
CA ALA D 379 7.13 25.12 -28.55
CA ALA D 379 6.31 24.57 -28.88
C ALA D 379 6.32 23.83 -28.48
C ALA D 379 5.63 23.23 -28.66
N LEU D 380 6.99 22.68 -28.33
N LEU D 380 6.41 22.18 -28.40
CA LEU D 380 6.27 21.43 -28.14
CA LEU D 380 5.82 20.86 -28.17
C LEU D 380 5.42 21.45 -26.89
C LEU D 380 4.88 20.87 -26.99
N TYR D 381 5.93 22.02 -25.79
N TYR D 381 5.27 21.51 -25.88
CA TYR D 381 5.14 22.02 -24.57
CA TYR D 381 4.38 21.56 -24.73
C TYR D 381 3.86 22.83 -24.75
C TYR D 381 3.15 22.41 -25.02
N LEU D 382 3.97 24.04 -25.29
N LEU D 382 3.33 23.57 -25.65
CA LEU D 382 2.78 24.87 -25.47
CA LEU D 382 2.23 24.49 -25.89
C LEU D 382 1.77 24.18 -26.38
C LEU D 382 1.13 23.90 -26.75
N GLU D 383 2.25 23.50 -27.41
N GLU D 383 1.38 22.77 -27.41
CA GLU D 383 1.34 22.90 -28.38
CA GLU D 383 0.40 22.14 -28.29
C GLU D 383 0.65 21.65 -27.84
C GLU D 383 -0.10 20.80 -27.78
N SER D 384 1.27 20.94 -26.87
N SER D 384 0.57 20.22 -26.77
CA SER D 384 0.81 19.60 -26.54
CA SER D 384 0.25 18.85 -26.38
C SER D 384 0.79 19.25 -25.06
C SER D 384 0.37 18.57 -24.89
N GLY D 385 1.44 20.02 -24.19
N GLY D 385 0.99 19.45 -24.11
CA GLY D 385 1.54 19.63 -22.80
CA GLY D 385 1.22 19.20 -22.70
C GLY D 385 2.54 18.52 -22.54
C GLY D 385 2.46 18.41 -22.38
N VAL D 386 3.35 18.18 -23.52
N VAL D 386 3.14 17.88 -23.39
CA VAL D 386 4.44 17.24 -23.35
CA VAL D 386 4.34 17.06 -23.18
C VAL D 386 5.64 18.01 -22.82
C VAL D 386 5.50 17.97 -22.83
N ARG D 387 6.27 17.51 -21.77
N ARG D 387 6.19 17.66 -21.73
CA ARG D 387 7.48 18.12 -21.24
CA ARG D 387 7.37 18.42 -21.32
C ARG D 387 8.69 17.28 -21.64
C ARG D 387 8.62 17.62 -21.66
N ALA D 388 9.57 17.86 -22.46
N ALA D 388 9.53 18.23 -22.42
CA ALA D 388 10.87 17.29 -22.80
CA ALA D 388 10.81 17.63 -22.79
C ALA D 388 11.98 18.17 -22.20
C ALA D 388 11.95 18.46 -22.22
N VAL D 389 13.23 17.80 -22.45
N VAL D 389 13.18 17.94 -22.37
CA VAL D 389 14.37 18.48 -21.84
CA VAL D 389 14.35 18.56 -21.79
C VAL D 389 15.48 18.68 -22.86
C VAL D 389 15.43 18.75 -22.85
N GLU D 390 16.27 19.73 -22.65
N GLU D 390 16.28 19.75 -22.66
CA GLU D 390 17.33 20.10 -23.58
CA GLU D 390 17.27 20.14 -23.64
C GLU D 390 18.64 19.43 -23.19
C GLU D 390 18.65 19.60 -23.29
N ILE D 391 19.32 18.85 -24.18
N ILE D 391 19.35 19.06 -24.28
CA ILE D 391 20.66 18.30 -23.99
CA ILE D 391 20.74 18.64 -24.13
C ILE D 391 21.56 18.96 -25.03
C ILE D 391 21.54 19.34 -25.23
N GLY D 392 21.74 20.28 -24.91
N GLY D 392 21.75 20.65 -25.08
CA GLY D 392 22.52 21.05 -25.87
CA GLY D 392 22.46 21.42 -26.08
C GLY D 392 23.21 22.25 -25.25
C GLY D 392 23.18 22.60 -25.50
N SER D 393 23.08 23.43 -25.88
N SER D 393 22.95 23.80 -26.06
CA SER D 393 23.82 24.61 -25.44
CA SER D 393 23.65 24.99 -25.60
C SER D 393 23.36 25.10 -24.08
C SER D 393 23.19 25.44 -24.21
N PHE D 394 22.04 25.17 -23.88
N PHE D 394 21.91 25.25 -23.91
CA PHE D 394 21.50 25.65 -22.61
CA PHE D 394 21.39 25.64 -22.59
C PHE D 394 22.07 24.85 -21.44
C PHE D 394 22.09 24.87 -21.49
N LEU D 395 21.96 23.52 -21.52
N LEU D 395 21.99 23.53 -21.53
CA LEU D 395 22.62 22.67 -20.54
CA LEU D 395 22.71 22.70 -20.57
C LEU D 395 24.12 22.91 -20.51
C LEU D 395 24.19 23.04 -20.56
N LEU D 396 24.70 23.30 -21.64
N LEU D 396 24.74 23.45 -21.69
CA LEU D 396 26.16 23.41 -21.73
CA LEU D 396 26.18 23.64 -21.79
C LEU D 396 26.68 24.60 -20.95
C LEU D 396 26.67 24.70 -20.81
N GLY D 397 26.05 25.77 -21.10
N GLY D 397 26.06 25.88 -20.84
CA GLY D 397 26.45 26.95 -20.36
CA GLY D 397 26.46 26.97 -19.97
C GLY D 397 27.49 27.78 -21.08
C GLY D 397 27.19 28.07 -20.70
N ARG D 398 28.17 28.62 -20.29
N ARG D 398 28.30 28.54 -20.12
CA ARG D 398 29.13 29.57 -20.80
CA ARG D 398 29.15 29.53 -20.76
C ARG D 398 30.57 29.11 -20.55
C ARG D 398 30.61 29.15 -20.49
N ASP D 399 31.49 29.62 -21.37
CA ASP D 399 32.91 29.33 -21.22
C ASP D 399 33.51 30.27 -20.18
N PRO D 400 34.24 29.76 -19.19
CA PRO D 400 34.81 30.66 -18.19
C PRO D 400 35.81 31.65 -18.75
N ALA D 401 36.67 31.22 -19.67
CA ALA D 401 37.72 32.09 -20.19
C ALA D 401 37.18 33.26 -21.00
N THR D 402 35.95 33.17 -21.51
CA THR D 402 35.39 34.19 -22.38
C THR D 402 34.10 34.80 -21.86
N GLY D 403 33.42 34.18 -20.91
CA GLY D 403 32.11 34.65 -20.50
C GLY D 403 31.03 34.47 -21.54
N GLU D 404 31.31 33.78 -22.63
CA GLU D 404 30.37 33.61 -23.73
C GLU D 404 29.90 32.18 -23.83
N GLN D 405 28.84 31.98 -24.61
N GLN D 405 28.81 32.00 -24.57
CA GLN D 405 28.27 30.65 -24.83
CA GLN D 405 28.20 30.68 -24.76
C GLN D 405 29.33 29.68 -25.33
C GLN D 405 29.22 29.68 -25.27
N LYS D 406 29.38 28.49 -24.73
N LYS D 406 29.33 28.55 -24.58
CA LYS D 406 30.21 27.41 -25.26
CA LYS D 406 30.18 27.47 -25.05
C LYS D 406 29.59 26.87 -26.55
C LYS D 406 29.62 26.90 -26.35
N HIS D 407 30.44 26.55 -27.52
N HIS D 407 30.50 26.61 -27.30
CA HIS D 407 29.98 25.88 -28.73
CA HIS D 407 30.08 26.19 -28.62
C HIS D 407 29.75 24.40 -28.43
C HIS D 407 29.48 24.78 -28.58
N ALA D 408 28.57 23.90 -28.79
N ALA D 408 28.27 24.65 -29.10
CA ALA D 408 28.20 22.52 -28.52
CA ALA D 408 27.57 23.38 -29.18
C ALA D 408 28.34 21.68 -29.79
C ALA D 408 26.95 23.24 -30.56
N ASP D 409 28.88 20.47 -29.62
N ASP D 409 27.31 22.17 -31.26
CA ASP D 409 28.94 19.55 -30.75
CA ASP D 409 26.68 21.84 -32.53
C ASP D 409 27.58 18.95 -31.06
C ASP D 409 25.53 20.84 -32.37
N MET D 410 26.74 18.76 -30.04
N MET D 410 25.51 20.10 -31.26
CA MET D 410 25.44 18.14 -30.19
CA MET D 410 24.51 19.05 -31.05
C MET D 410 24.38 19.04 -29.55
C MET D 410 23.36 19.63 -30.23
N GLU D 411 23.24 19.19 -30.24
N GLU D 411 22.51 20.40 -30.91
CA GLU D 411 22.14 20.05 -29.81
CA GLU D 411 21.29 20.91 -30.31
C GLU D 411 20.85 19.23 -29.86
C GLU D 411 20.26 19.79 -30.29
N PHE D 412 20.61 18.45 -28.82
N PHE D 412 20.01 19.23 -29.11
CA PHE D 412 19.49 17.52 -28.78
CA PHE D 412 19.13 18.08 -28.95
C PHE D 412 18.34 18.04 -27.92
C PHE D 412 17.94 18.44 -28.09
N MET D 413 17.11 17.78 -28.36
N MET D 413 16.73 18.12 -28.55
CA MET D 413 15.94 17.77 -27.49
CA MET D 413 15.59 17.93 -27.67
C MET D 413 15.69 16.32 -27.10
C MET D 413 15.55 16.46 -27.27
N ARG D 414 15.77 16.02 -25.81
N ARG D 414 15.35 16.20 -25.99
CA ARG D 414 15.63 14.64 -25.35
CA ARG D 414 15.42 14.86 -25.44
C ARG D 414 14.18 14.38 -24.97
C ARG D 414 14.02 14.43 -25.00
N LEU D 415 13.57 13.41 -25.65
N LEU D 415 13.43 13.50 -25.74
CA LEU D 415 12.25 12.86 -25.29
CA LEU D 415 12.18 12.86 -25.35
C LEU D 415 12.52 11.65 -24.42
C LEU D 415 12.54 11.63 -24.51
N THR D 416 12.61 11.87 -23.11
N THR D 416 12.52 11.78 -23.19
CA THR D 416 13.08 10.85 -22.18
CA THR D 416 12.97 10.73 -22.30
C THR D 416 11.91 10.01 -21.68
C THR D 416 11.79 9.87 -21.87
N ILE D 417 12.07 8.68 -21.73
N ILE D 417 11.92 8.55 -21.99
CA ILE D 417 10.96 7.76 -21.52
CA ILE D 417 10.82 7.61 -21.80
C ILE D 417 11.20 6.96 -20.25
C ILE D 417 11.01 6.87 -20.49
N ALA D 418 10.36 7.21 -19.23
N ALA D 418 10.05 7.03 -19.58
CA ALA D 418 10.31 6.37 -18.04
CA ALA D 418 10.08 6.32 -18.30
C ALA D 418 10.01 4.92 -18.44
C ALA D 418 9.75 4.85 -18.49
N ARG D 419 10.37 3.99 -17.55
N ARG D 419 10.33 3.99 -17.64
CA ARG D 419 10.22 2.57 -17.86
CA ARG D 419 10.23 2.55 -17.83
C ARG D 419 8.88 2.05 -17.35
C ARG D 419 8.87 2.05 -17.34
N ARG D 420 8.11 1.42 -18.26
CA ARG D 420 6.86 0.72 -17.95
C ARG D 420 5.73 1.64 -17.52
N VAL D 421 5.74 2.88 -18.02
CA VAL D 421 4.80 3.91 -17.60
C VAL D 421 3.83 4.29 -18.71
N TYR D 422 4.35 4.48 -19.92
CA TYR D 422 3.58 4.97 -21.05
C TYR D 422 3.43 3.87 -22.09
N THR D 423 2.29 3.90 -22.79
CA THR D 423 2.07 2.93 -23.85
C THR D 423 2.52 3.49 -25.19
N ASN D 424 2.48 2.63 -26.20
CA ASN D 424 2.79 3.11 -27.55
C ASN D 424 1.71 4.05 -28.07
N ASP D 425 0.53 4.09 -27.47
CA ASP D 425 -0.43 5.13 -27.85
C ASP D 425 -0.04 6.49 -27.26
N HIS D 426 0.60 6.49 -26.09
CA HIS D 426 1.22 7.73 -25.64
C HIS D 426 2.35 8.14 -26.58
N MET D 427 3.15 7.17 -27.05
CA MET D 427 4.20 7.49 -28.01
C MET D 427 3.62 8.15 -29.26
N ASP D 428 2.51 7.60 -29.79
CA ASP D 428 1.87 8.20 -30.95
C ASP D 428 1.43 9.63 -30.66
N TYR D 429 0.93 9.89 -29.45
CA TYR D 429 0.51 11.24 -29.11
C TYR D 429 1.69 12.20 -29.18
N ILE D 430 2.83 11.78 -28.62
CA ILE D 430 4.05 12.59 -28.68
C ILE D 430 4.49 12.82 -30.12
N ALA D 431 4.56 11.74 -30.91
CA ALA D 431 5.05 11.87 -32.27
C ALA D 431 4.15 12.76 -33.10
N ASP D 432 2.83 12.55 -32.99
CA ASP D 432 1.89 13.33 -33.79
C ASP D 432 1.98 14.81 -33.43
N ALA D 433 2.19 15.11 -32.15
N ALA D 433 2.17 15.11 -32.14
CA ALA D 433 2.30 16.50 -31.72
CA ALA D 433 2.29 16.49 -31.72
C ALA D 433 3.53 17.17 -32.32
C ALA D 433 3.52 17.16 -32.33
N LEU D 434 4.67 16.48 -32.29
N LEU D 434 4.66 16.47 -32.32
CA LEU D 434 5.90 17.06 -32.82
CA LEU D 434 5.88 17.06 -32.86
C LEU D 434 5.84 17.18 -34.34
C LEU D 434 5.82 17.14 -34.38
N ILE D 435 5.29 16.16 -35.01
N ILE D 435 5.22 16.13 -35.02
CA ILE D 435 5.17 16.21 -36.46
CA ILE D 435 5.12 16.15 -36.48
C ILE D 435 4.28 17.37 -36.88
C ILE D 435 4.21 17.29 -36.94
N GLY D 436 3.32 17.74 -36.05
N GLY D 436 3.18 17.61 -36.15
CA GLY D 436 2.41 18.83 -36.35
CA GLY D 436 2.28 18.70 -36.50
C GLY D 436 2.98 20.21 -36.21
C GLY D 436 2.90 20.08 -36.45
N LEU D 437 4.26 20.34 -35.81
N LEU D 437 4.06 20.21 -35.81
CA LEU D 437 4.93 21.62 -35.75
CA LEU D 437 4.79 21.47 -35.77
C LEU D 437 5.76 21.90 -37.00
C LEU D 437 5.68 21.68 -36.99
N LYS D 438 5.54 21.13 -38.06
N LYS D 438 5.48 20.88 -38.04
CA LYS D 438 6.31 21.29 -39.30
CA LYS D 438 6.38 20.94 -39.19
C LYS D 438 6.37 22.75 -39.74
C LYS D 438 6.43 22.34 -39.80
N GLU D 439 5.21 23.39 -39.87
N GLU D 439 5.28 23.00 -39.92
CA GLU D 439 5.17 24.76 -40.36
CA GLU D 439 5.24 24.30 -40.58
C GLU D 439 6.00 25.71 -39.51
C GLU D 439 5.62 25.44 -39.64
N LYS D 440 6.03 25.48 -38.20
N LYS D 440 5.33 25.30 -38.35
CA LYS D 440 6.52 26.50 -37.28
CA LYS D 440 5.70 26.34 -37.39
C LYS D 440 8.02 26.47 -37.05
C LYS D 440 7.19 26.33 -37.07
N PHE D 441 8.67 25.30 -37.23
N PHE D 441 7.89 25.24 -37.38
CA PHE D 441 10.08 25.17 -36.86
CA PHE D 441 9.31 25.13 -37.03
C PHE D 441 10.92 26.34 -37.35
C PHE D 441 10.12 26.32 -37.51
N ALA D 442 10.79 26.69 -38.64
N ALA D 442 9.75 26.93 -38.64
CA ALA D 442 11.62 27.75 -39.19
CA ALA D 442 10.53 28.05 -39.15
C ALA D 442 11.29 29.11 -38.60
C ALA D 442 10.30 29.31 -38.34
N THR D 443 10.04 29.30 -38.16
N THR D 443 9.05 29.57 -37.92
CA THR D 443 9.56 30.59 -37.67
CA THR D 443 8.73 30.79 -37.21
C THR D 443 9.60 30.69 -36.15
C THR D 443 9.28 30.82 -35.78
N LEU D 444 10.46 29.92 -35.49
N LEU D 444 9.87 29.73 -35.31
CA LEU D 444 10.53 29.90 -34.03
CA LEU D 444 10.23 29.62 -33.90
C LEU D 444 11.64 30.82 -33.53
C LEU D 444 11.30 30.65 -33.53
N LYS D 445 11.46 31.33 -32.32
N LYS D 445 10.96 31.50 -32.57
CA LYS D 445 12.39 32.26 -31.69
CA LYS D 445 11.94 32.42 -32.02
C LYS D 445 13.38 31.55 -30.80
C LYS D 445 12.92 31.69 -31.14
N GLY D 446 14.42 32.28 -30.39
N GLY D 446 14.10 32.29 -30.96
CA GLY D 446 15.41 31.78 -29.47
CA GLY D 446 14.97 31.95 -29.86
C GLY D 446 15.21 32.33 -28.06
C GLY D 446 14.44 32.56 -28.57
N LEU D 447 16.18 32.04 -27.20
N LEU D 447 15.28 32.51 -27.55
CA LEU D 447 16.08 32.39 -25.79
CA LEU D 447 14.93 33.08 -26.26
C LEU D 447 17.42 32.92 -25.28
C LEU D 447 16.15 33.77 -25.66
N GLU D 448 17.35 33.61 -24.14
N GLU D 448 15.90 34.63 -24.68
CA GLU D 448 18.52 34.21 -23.50
CA GLU D 448 16.96 35.37 -24.00
C GLU D 448 18.39 34.10 -21.99
C GLU D 448 16.73 35.32 -22.49
N PHE D 449 19.54 34.19 -21.31
N PHE D 449 17.83 35.48 -21.76
CA PHE D 449 19.58 34.10 -19.85
CA PHE D 449 17.81 35.30 -20.31
C PHE D 449 18.98 35.37 -19.25
C PHE D 449 17.16 36.48 -19.61
N GLU D 450 17.70 35.31 -18.89
N GLU D 450 16.27 36.18 -18.67
CA GLU D 450 17.05 36.40 -18.18
CA GLU D 450 15.78 37.15 -17.70
C GLU D 450 17.36 36.39 -16.69
C GLU D 450 16.49 37.05 -16.36
N TYR D 451 18.05 35.35 -16.19
N TYR D 451 17.10 35.89 -16.08
CA TYR D 451 18.45 35.26 -14.79
CA TYR D 451 17.95 35.71 -14.90
C TYR D 451 19.10 33.90 -14.55
C TYR D 451 18.71 34.40 -15.08
N GLU D 452 20.07 33.85 -13.61
N GLU D 452 20.02 34.41 -14.83
CA GLU D 452 20.67 32.63 -13.07
CA GLU D 452 20.87 33.27 -15.10
C GLU D 452 22.04 32.38 -13.67
C GLU D 452 21.62 32.88 -13.83
N PRO D 453 23.13 32.62 -12.94
N PRO D 453 21.45 31.65 -13.32
CA PRO D 453 24.47 32.40 -13.49
CA PRO D 453 22.34 31.18 -12.26
C PRO D 453 25.30 31.38 -12.70
C PRO D 453 23.79 31.30 -12.68
N PRO D 454 24.69 30.29 -12.15
N PRO D 454 24.65 31.86 -11.83
CA PRO D 454 25.51 29.37 -11.34
CA PRO D 454 26.09 31.82 -12.13
C PRO D 454 26.00 28.12 -12.06
C PRO D 454 26.56 30.42 -12.52
N VAL D 455 26.52 27.16 -11.28
N VAL D 455 25.93 29.39 -11.97
CA VAL D 455 26.87 25.84 -11.80
CA VAL D 455 26.17 28.01 -12.38
C VAL D 455 25.60 25.01 -11.99
C VAL D 455 24.84 27.26 -12.23
N LEU D 456 25.67 24.03 -12.89
N LEU D 456 24.71 26.16 -12.97
CA LEU D 456 24.51 23.21 -13.24
CA LEU D 456 23.49 25.34 -12.96
C LEU D 456 23.28 24.09 -13.40
C LEU D 456 22.31 26.13 -13.54
N ARG D 457 23.46 25.17 -14.16
N ARG D 457 22.53 26.76 -14.70
CA ARG D 457 22.47 26.25 -14.16
CA ARG D 457 21.50 27.63 -15.24
C ARG D 457 21.18 25.87 -14.86
C ARG D 457 20.35 26.84 -15.87
N HIS D 458 21.21 24.89 -15.77
N HIS D 458 20.62 25.63 -16.37
CA HIS D 458 20.01 24.57 -16.54
CA HIS D 458 19.54 24.89 -17.02
C HIS D 458 18.86 24.11 -15.65
C HIS D 458 18.53 24.33 -16.02
N PHE D 459 19.14 23.73 -14.41
N PHE D 459 18.90 24.23 -14.74
CA PHE D 459 18.08 23.25 -13.53
CA PHE D 459 17.97 23.75 -13.73
C PHE D 459 17.23 24.39 -12.99
C PHE D 459 17.08 24.84 -13.16
N THR D 460 17.89 25.45 -12.49
N THR D 460 17.55 26.09 -13.10
CA THR D 460 17.21 26.57 -11.85
CA THR D 460 16.85 27.14 -12.36
C THR D 460 17.23 27.83 -12.70
C THR D 460 16.74 28.47 -13.08
N ALA D 461 17.64 27.74 -13.96
N ALA D 461 17.21 28.59 -14.31
CA ALA D 461 17.76 28.91 -14.82
CA ALA D 461 17.17 29.87 -15.01
C ALA D 461 16.41 29.49 -15.17
C ALA D 461 15.77 30.17 -15.56
N ARG D 462 16.41 30.78 -15.52
N ARG D 462 15.51 31.46 -15.76
CA ARG D 462 15.20 31.51 -15.90
CA ARG D 462 14.28 31.93 -16.38
C ARG D 462 15.51 32.30 -17.17
C ARG D 462 14.59 32.59 -17.71
N LEU D 463 14.75 32.04 -18.22
N LEU D 463 13.75 32.32 -18.71
CA LEU D 463 15.08 32.50 -19.56
CA LEU D 463 13.98 32.76 -20.08
C LEU D 463 14.03 33.46 -20.10
C LEU D 463 12.80 33.58 -20.59
N LYS D 464 14.38 34.13 -21.20
N LYS D 464 13.05 34.30 -21.67
CA LYS D 464 13.52 35.10 -21.85
CA LYS D 464 12.05 35.12 -22.34
C LYS D 464 13.51 34.84 -23.35
C LYS D 464 12.25 34.96 -23.84
N PRO D 465 12.33 34.80 -23.99
N PRO D 465 11.18 34.90 -24.62
CA PRO D 465 12.32 34.61 -25.46
CA PRO D 465 11.34 34.77 -26.07
C PRO D 465 12.97 35.77 -26.19
C PRO D 465 11.84 36.06 -26.70
N ILE D 466 14.08 35.49 -26.86
N ILE D 466 12.48 35.91 -27.87
CA ILE D 466 14.79 36.50 -27.62
CA ILE D 466 13.02 37.05 -28.60
C ILE D 466 13.87 37.12 -28.66
C ILE D 466 12.05 37.44 -29.72
#